data_4RXO
#
_entry.id   4RXO
#
_cell.length_a   77.219
_cell.length_b   183.187
_cell.length_c   81.275
_cell.angle_alpha   90.00
_cell.angle_beta   100.62
_cell.angle_gamma   90.00
#
_symmetry.space_group_name_H-M   'P 1 21 1'
#
loop_
_entity.id
_entity.type
_entity.pdbx_description
1 polymer 'Deoxynucleoside triphosphate triphosphohydrolase SAMHD1'
2 non-polymer 'ZINC ION'
3 non-polymer 'PHOSPHATE ION'
4 non-polymer "GUANOSINE-5'-TRIPHOSPHATE"
5 water water
#
_entity_poly.entity_id   1
_entity_poly.type   'polypeptide(L)'
_entity_poly.pdbx_seq_one_letter_code
;MGSSHHHHHHSSGENLYFQGSQIHVDTMKVINDPIHGHIELHPLLVRIIDTPQFQRLRYIKQLGGGYYVFPGASHNRFEH
SLGVGYLAGCLVHALGEKQPELQISERDVLCVQIAGLCHDLGHGPFSHMFDGRFIPLARPEVKWTHEQGSVMMFEHLINS
NGIKPVMEQYGLIPEEDIYFIKEQIVGPLESPVEDSLWPYKGRPENKSFLYEIVSNKRNGIDVDKWDYFARDCHHLGIQN
NFDYKRFIKFARVCEVDNELRICARDKEVGNLYDMFHTRNSLHRRAYQHKVGNIIDTMITDAFLKADDYIEITGAGGKKY
RISTAIDDMEAYTKLTDNIFLEILYSTDPKLKDAREILKQIEYRNLFKYVGETQPTGQIKIKREDYESLPKEVASAKPKV
LLDVKLKAEDFIVDVINMDYGMQEKNPIDHVSFYCKTAPNRAIRITKNQVSQLLPEKFAEQLIRVYCKKVDRKSLYAARQ
YFVQWCADRNFTKPQDGDVIAPLITPQKKEWNDSTSVQNPTRLREASKSRVQLFKDDPM
;
_entity_poly.pdbx_strand_id   A,B,C,D
#
# COMPACT_ATOMS: atom_id res chain seq x y z
N THR A 27 -19.64 0.41 -19.75
CA THR A 27 -19.77 1.75 -20.44
C THR A 27 -20.40 2.81 -19.53
N MET A 28 -20.11 2.74 -18.23
CA MET A 28 -20.65 3.64 -17.24
C MET A 28 -19.50 4.33 -16.52
N LYS A 29 -19.84 5.46 -15.90
CA LYS A 29 -18.85 6.44 -15.47
C LYS A 29 -18.12 6.06 -14.20
N VAL A 30 -16.83 6.34 -14.18
CA VAL A 30 -15.97 5.93 -13.09
C VAL A 30 -15.37 7.14 -12.40
N ILE A 31 -15.48 7.18 -11.08
CA ILE A 31 -14.91 8.25 -10.26
C ILE A 31 -13.82 7.72 -9.35
N ASN A 32 -12.63 8.33 -9.38
CA ASN A 32 -11.51 7.95 -8.50
C ASN A 32 -11.63 8.52 -7.10
N ASP A 33 -11.77 7.67 -6.11
CA ASP A 33 -11.90 8.07 -4.71
C ASP A 33 -10.71 7.52 -3.93
N PRO A 34 -10.12 8.34 -3.05
CA PRO A 34 -9.00 7.85 -2.24
C PRO A 34 -9.33 6.75 -1.23
N ILE A 35 -10.59 6.57 -0.90
CA ILE A 35 -10.98 5.56 0.08
C ILE A 35 -11.38 4.26 -0.61
N HIS A 36 -12.12 4.37 -1.70
CA HIS A 36 -12.71 3.20 -2.33
C HIS A 36 -12.09 2.86 -3.68
N GLY A 37 -11.17 3.68 -4.16
CA GLY A 37 -10.56 3.46 -5.46
C GLY A 37 -11.52 3.86 -6.57
N HIS A 38 -11.78 2.96 -7.50
CA HIS A 38 -12.69 3.23 -8.60
C HIS A 38 -14.12 2.99 -8.20
N ILE A 39 -14.94 4.01 -8.36
CA ILE A 39 -16.37 3.94 -8.08
C ILE A 39 -17.07 4.02 -9.41
N GLU A 40 -17.79 2.96 -9.76
CA GLU A 40 -18.53 2.90 -11.01
C GLU A 40 -19.94 3.40 -10.79
N LEU A 41 -20.36 4.33 -11.62
CA LEU A 41 -21.68 4.96 -11.49
C LEU A 41 -22.62 4.68 -12.67
N HIS A 42 -23.77 4.14 -12.32
CA HIS A 42 -24.88 3.97 -13.25
C HIS A 42 -25.32 5.35 -13.78
N PRO A 43 -25.63 5.46 -15.08
CA PRO A 43 -26.08 6.72 -15.69
C PRO A 43 -27.15 7.50 -14.93
N LEU A 44 -28.15 6.79 -14.43
CA LEU A 44 -29.21 7.37 -13.62
C LEU A 44 -28.67 8.05 -12.38
N LEU A 45 -27.66 7.44 -11.75
CA LEU A 45 -26.99 8.04 -10.58
C LEU A 45 -26.25 9.30 -11.00
N VAL A 46 -25.59 9.23 -12.15
CA VAL A 46 -24.87 10.36 -12.69
C VAL A 46 -25.82 11.54 -12.87
N ARG A 47 -27.04 11.23 -13.29
CA ARG A 47 -28.00 12.27 -13.52
C ARG A 47 -28.52 12.91 -12.24
N ILE A 48 -28.60 12.13 -11.18
CA ILE A 48 -29.00 12.64 -9.88
C ILE A 48 -27.87 13.52 -9.30
N ILE A 49 -26.65 13.09 -9.54
CA ILE A 49 -25.45 13.76 -9.03
C ILE A 49 -25.23 15.11 -9.67
N ASP A 50 -25.47 15.19 -10.98
CA ASP A 50 -25.25 16.42 -11.73
C ASP A 50 -26.45 17.36 -11.64
N THR A 51 -26.77 17.74 -10.41
CA THR A 51 -27.84 18.68 -10.13
C THR A 51 -27.38 19.64 -9.04
N PRO A 52 -27.94 20.85 -9.02
CA PRO A 52 -27.58 21.82 -7.99
C PRO A 52 -27.82 21.30 -6.59
N GLN A 53 -28.86 20.49 -6.45
CA GLN A 53 -29.28 20.00 -5.16
C GLN A 53 -28.27 19.01 -4.61
N PHE A 54 -27.58 18.30 -5.49
CA PHE A 54 -26.59 17.35 -5.05
C PHE A 54 -25.20 17.98 -4.94
N GLN A 55 -24.90 18.85 -5.90
CA GLN A 55 -23.59 19.49 -5.97
C GLN A 55 -23.41 20.46 -4.83
N ARG A 56 -24.54 20.88 -4.27
CA ARG A 56 -24.57 21.69 -3.06
C ARG A 56 -23.71 21.06 -1.97
N LEU A 57 -23.70 19.72 -1.92
CA LEU A 57 -22.96 19.03 -0.86
C LEU A 57 -21.45 19.23 -0.91
N ARG A 58 -20.94 19.77 -2.00
CA ARG A 58 -19.53 20.15 -2.10
C ARG A 58 -19.14 21.32 -1.21
N TYR A 59 -20.11 22.05 -0.71
CA TYR A 59 -19.86 23.27 0.05
C TYR A 59 -20.31 23.15 1.48
N ILE A 60 -20.31 21.93 1.97
CA ILE A 60 -20.72 21.63 3.32
C ILE A 60 -19.72 20.67 3.94
N LYS A 61 -19.08 21.13 5.00
CA LYS A 61 -18.00 20.39 5.61
C LYS A 61 -18.51 19.23 6.42
N GLN A 62 -17.89 18.07 6.22
CA GLN A 62 -18.31 16.83 6.86
C GLN A 62 -18.31 16.97 8.37
N LEU A 63 -17.20 17.46 8.91
CA LEU A 63 -17.02 17.59 10.35
C LEU A 63 -17.31 18.98 10.89
N GLY A 64 -17.95 19.83 10.10
CA GLY A 64 -18.24 21.20 10.53
C GLY A 64 -17.02 21.96 11.03
N GLY A 65 -17.10 22.44 12.26
CA GLY A 65 -15.99 23.17 12.89
C GLY A 65 -14.72 22.38 13.19
N GLY A 66 -14.78 21.07 12.99
CA GLY A 66 -13.61 20.20 13.14
C GLY A 66 -12.41 20.58 12.29
N TYR A 67 -12.65 21.18 11.14
CA TYR A 67 -11.57 21.62 10.25
C TYR A 67 -10.68 22.65 10.98
N TYR A 68 -11.28 23.43 11.88
CA TYR A 68 -10.56 24.53 12.54
C TYR A 68 -9.61 23.99 13.61
N VAL A 69 -9.74 22.70 13.90
CA VAL A 69 -8.84 21.96 14.78
C VAL A 69 -8.01 20.90 14.04
N PHE A 70 -8.58 20.23 13.05
CA PHE A 70 -7.86 19.21 12.26
C PHE A 70 -7.74 19.63 10.80
N PRO A 71 -6.59 20.17 10.40
CA PRO A 71 -6.40 20.74 9.06
C PRO A 71 -6.55 19.74 7.93
N GLY A 72 -6.37 18.47 8.24
CA GLY A 72 -6.62 17.42 7.27
C GLY A 72 -8.09 17.22 6.94
N ALA A 73 -8.97 17.68 7.81
CA ALA A 73 -10.41 17.43 7.66
C ALA A 73 -11.12 18.52 6.87
N SER A 74 -10.70 18.67 5.62
CA SER A 74 -11.29 19.60 4.67
C SER A 74 -12.42 18.96 3.86
N HIS A 75 -12.64 17.68 4.08
CA HIS A 75 -13.61 16.95 3.29
C HIS A 75 -15.06 17.39 3.51
N ASN A 76 -15.82 17.25 2.44
CA ASN A 76 -17.18 17.68 2.40
C ASN A 76 -18.16 16.51 2.25
N ARG A 77 -19.44 16.82 2.41
CA ARG A 77 -20.49 15.79 2.33
C ARG A 77 -20.62 15.12 0.96
N PHE A 78 -20.24 15.84 -0.09
CA PHE A 78 -20.39 15.34 -1.45
C PHE A 78 -19.68 14.02 -1.63
N GLU A 79 -18.38 14.01 -1.37
CA GLU A 79 -17.55 12.81 -1.59
C GLU A 79 -17.97 11.69 -0.67
N HIS A 80 -18.41 12.04 0.54
CA HIS A 80 -18.95 11.05 1.46
C HIS A 80 -20.17 10.36 0.85
N SER A 81 -21.05 11.17 0.29
CA SER A 81 -22.28 10.66 -0.30
C SER A 81 -22.04 9.72 -1.48
N LEU A 82 -21.07 10.04 -2.33
CA LEU A 82 -20.68 9.11 -3.40
C LEU A 82 -20.23 7.78 -2.80
N GLY A 83 -19.45 7.87 -1.73
CA GLY A 83 -18.92 6.69 -1.08
C GLY A 83 -19.99 5.80 -0.47
N VAL A 84 -20.99 6.42 0.15
CA VAL A 84 -22.10 5.68 0.75
C VAL A 84 -22.96 5.03 -0.33
N GLY A 85 -23.20 5.75 -1.40
CA GLY A 85 -23.94 5.20 -2.55
C GLY A 85 -23.23 3.97 -3.11
N TYR A 86 -21.91 4.07 -3.24
CA TYR A 86 -21.07 2.99 -3.75
C TYR A 86 -21.12 1.75 -2.87
N LEU A 87 -20.93 1.95 -1.57
CA LEU A 87 -20.94 0.84 -0.62
C LEU A 87 -22.32 0.22 -0.48
N ALA A 88 -23.36 1.03 -0.46
CA ALA A 88 -24.72 0.50 -0.47
C ALA A 88 -24.90 -0.50 -1.64
N GLY A 89 -24.42 -0.11 -2.81
CA GLY A 89 -24.53 -0.95 -4.01
C GLY A 89 -23.73 -2.24 -3.92
N CYS A 90 -22.49 -2.12 -3.43
CA CYS A 90 -21.63 -3.29 -3.20
C CYS A 90 -22.27 -4.34 -2.32
N LEU A 91 -22.86 -3.91 -1.22
CA LEU A 91 -23.42 -4.82 -0.25
C LEU A 91 -24.62 -5.56 -0.85
N VAL A 92 -25.57 -4.79 -1.38
CA VAL A 92 -26.77 -5.39 -1.95
C VAL A 92 -26.44 -6.33 -3.06
N HIS A 93 -25.53 -5.90 -3.92
CA HIS A 93 -25.17 -6.68 -5.07
C HIS A 93 -24.55 -8.01 -4.65
N ALA A 94 -23.75 -7.97 -3.59
CA ALA A 94 -23.06 -9.13 -3.04
C ALA A 94 -24.05 -10.11 -2.44
N LEU A 95 -25.01 -9.58 -1.69
CA LEU A 95 -26.09 -10.39 -1.13
C LEU A 95 -26.90 -11.11 -2.22
N GLY A 96 -27.13 -10.41 -3.32
CA GLY A 96 -27.93 -10.95 -4.43
C GLY A 96 -27.26 -12.09 -5.15
N GLU A 97 -25.95 -11.98 -5.31
CA GLU A 97 -25.17 -13.04 -5.94
C GLU A 97 -25.10 -14.30 -5.09
N LYS A 98 -24.80 -14.11 -3.82
CA LYS A 98 -24.68 -15.23 -2.88
C LYS A 98 -26.02 -15.92 -2.58
N GLN A 99 -27.12 -15.18 -2.67
CA GLN A 99 -28.43 -15.72 -2.32
C GLN A 99 -29.52 -15.25 -3.31
N PRO A 100 -29.49 -15.78 -4.56
CA PRO A 100 -30.48 -15.40 -5.56
C PRO A 100 -31.92 -15.74 -5.16
N GLU A 101 -32.08 -16.62 -4.17
CA GLU A 101 -33.39 -16.89 -3.57
C GLU A 101 -34.04 -15.68 -2.90
N LEU A 102 -33.29 -14.61 -2.70
CA LEU A 102 -33.82 -13.35 -2.14
C LEU A 102 -34.53 -12.52 -3.20
N GLN A 103 -34.23 -12.80 -4.47
CA GLN A 103 -34.87 -12.15 -5.62
C GLN A 103 -34.63 -10.66 -5.66
N ILE A 104 -33.38 -10.28 -5.44
CA ILE A 104 -32.97 -8.90 -5.49
C ILE A 104 -32.82 -8.53 -6.97
N SER A 105 -33.71 -7.67 -7.43
CA SER A 105 -33.65 -7.20 -8.82
C SER A 105 -32.60 -6.12 -9.00
N GLU A 106 -32.31 -5.80 -10.25
CA GLU A 106 -31.43 -4.69 -10.57
C GLU A 106 -32.08 -3.39 -10.11
N ARG A 107 -33.38 -3.36 -10.22
CA ARG A 107 -34.19 -2.24 -9.77
C ARG A 107 -33.99 -2.01 -8.27
N ASP A 108 -34.01 -3.08 -7.49
CA ASP A 108 -33.73 -3.00 -6.05
C ASP A 108 -32.35 -2.40 -5.78
N VAL A 109 -31.35 -2.88 -6.50
CA VAL A 109 -29.97 -2.39 -6.37
C VAL A 109 -29.90 -0.87 -6.55
N LEU A 110 -30.48 -0.38 -7.65
CA LEU A 110 -30.46 1.04 -7.97
C LEU A 110 -31.13 1.91 -6.92
N CYS A 111 -32.23 1.42 -6.36
CA CYS A 111 -32.97 2.19 -5.37
C CYS A 111 -32.22 2.32 -4.09
N VAL A 112 -31.44 1.31 -3.76
CA VAL A 112 -30.62 1.33 -2.58
C VAL A 112 -29.40 2.24 -2.80
N GLN A 113 -28.81 2.17 -3.98
CA GLN A 113 -27.72 3.08 -4.35
C GLN A 113 -28.13 4.54 -4.26
N ILE A 114 -29.29 4.84 -4.83
CA ILE A 114 -29.83 6.19 -4.81
C ILE A 114 -30.05 6.67 -3.38
N ALA A 115 -30.56 5.79 -2.54
CA ALA A 115 -30.82 6.14 -1.14
C ALA A 115 -29.51 6.44 -0.42
N GLY A 116 -28.49 5.67 -0.73
CA GLY A 116 -27.17 5.90 -0.14
C GLY A 116 -26.55 7.20 -0.63
N LEU A 117 -26.69 7.44 -1.93
CA LEU A 117 -26.31 8.71 -2.54
C LEU A 117 -26.95 9.92 -1.88
N CYS A 118 -28.23 9.82 -1.51
CA CYS A 118 -29.07 10.99 -1.19
C CYS A 118 -29.42 11.13 0.27
N HIS A 119 -28.93 10.23 1.11
CA HIS A 119 -29.29 10.23 2.52
C HIS A 119 -28.85 11.48 3.26
N ASP A 120 -27.84 12.17 2.74
CA ASP A 120 -27.30 13.38 3.39
C ASP A 120 -27.64 14.70 2.69
N LEU A 121 -28.56 14.65 1.73
CA LEU A 121 -28.99 15.86 1.02
C LEU A 121 -29.48 16.97 1.92
N GLY A 122 -30.02 16.59 3.08
CA GLY A 122 -30.65 17.52 4.02
C GLY A 122 -29.75 18.23 4.99
N HIS A 123 -28.47 17.87 4.98
CA HIS A 123 -27.52 18.56 5.87
C HIS A 123 -27.44 20.05 5.58
N GLY A 124 -27.21 20.83 6.63
CA GLY A 124 -27.09 22.27 6.52
C GLY A 124 -25.65 22.70 6.75
N PRO A 125 -25.40 24.01 6.77
CA PRO A 125 -24.08 24.54 6.99
C PRO A 125 -23.41 23.86 8.18
N PHE A 126 -22.19 23.38 7.97
CA PHE A 126 -21.39 22.75 9.03
C PHE A 126 -22.00 21.47 9.59
N SER A 127 -22.81 20.82 8.76
CA SER A 127 -23.40 19.51 9.06
C SER A 127 -24.12 19.47 10.39
N HIS A 128 -23.66 18.63 11.30
CA HIS A 128 -24.39 18.33 12.52
C HIS A 128 -24.58 19.53 13.43
N MET A 129 -23.70 20.50 13.35
CA MET A 129 -23.88 21.78 14.03
C MET A 129 -25.25 22.41 13.72
N PHE A 130 -25.74 22.19 12.51
CA PHE A 130 -26.92 22.90 12.05
C PHE A 130 -28.19 22.37 12.67
N ASP A 131 -28.45 21.08 12.49
CA ASP A 131 -29.68 20.46 13.02
C ASP A 131 -29.52 20.10 14.49
N GLY A 132 -28.28 19.79 14.87
CA GLY A 132 -27.98 19.43 16.25
C GLY A 132 -27.96 20.57 17.24
N ARG A 133 -27.72 21.79 16.77
CA ARG A 133 -27.61 22.94 17.70
C ARG A 133 -28.26 24.23 17.22
N PHE A 134 -28.02 24.62 15.98
CA PHE A 134 -28.49 25.94 15.52
C PHE A 134 -30.00 26.04 15.48
N ILE A 135 -30.66 25.09 14.84
CA ILE A 135 -32.12 25.12 14.71
C ILE A 135 -32.78 25.03 16.10
N PRO A 136 -32.32 24.11 16.97
CA PRO A 136 -32.82 24.09 18.34
C PRO A 136 -32.74 25.42 19.04
N LEU A 137 -31.60 26.08 19.01
CA LEU A 137 -31.48 27.37 19.66
C LEU A 137 -32.31 28.48 18.99
N ALA A 138 -32.53 28.36 17.69
CA ALA A 138 -33.17 29.43 16.91
C ALA A 138 -34.68 29.29 16.87
N ARG A 139 -35.14 28.04 16.81
CA ARG A 139 -36.55 27.72 16.73
C ARG A 139 -36.85 26.45 17.56
N PRO A 140 -36.88 26.58 18.91
CA PRO A 140 -37.03 25.43 19.83
C PRO A 140 -38.35 24.67 19.65
N GLU A 141 -39.34 25.39 19.15
CA GLU A 141 -40.67 24.94 18.73
C GLU A 141 -40.61 23.79 17.72
N VAL A 142 -39.74 23.98 16.74
CA VAL A 142 -39.72 23.15 15.52
C VAL A 142 -38.99 21.84 15.76
N LYS A 143 -39.49 20.77 15.13
CA LYS A 143 -38.82 19.47 15.17
C LYS A 143 -38.21 19.07 13.82
N TRP A 144 -36.88 19.20 13.73
CA TRP A 144 -36.14 19.17 12.45
C TRP A 144 -34.93 18.27 12.54
N THR A 145 -34.78 17.45 11.53
CA THR A 145 -33.59 16.62 11.40
C THR A 145 -33.11 16.72 9.98
N HIS A 146 -31.82 16.49 9.77
CA HIS A 146 -31.28 16.53 8.42
C HIS A 146 -31.88 15.44 7.54
N GLU A 147 -32.27 14.33 8.16
CA GLU A 147 -32.94 13.25 7.45
C GLU A 147 -34.25 13.70 6.84
N GLN A 148 -35.08 14.37 7.62
CA GLN A 148 -36.31 14.97 7.07
C GLN A 148 -35.95 15.89 5.91
N GLY A 149 -34.89 16.67 6.11
CA GLY A 149 -34.36 17.53 5.07
C GLY A 149 -33.98 16.78 3.81
N SER A 150 -33.36 15.63 4.00
CA SER A 150 -32.89 14.84 2.86
C SER A 150 -34.05 14.37 2.00
N VAL A 151 -35.16 14.07 2.65
CA VAL A 151 -36.38 13.65 1.96
C VAL A 151 -36.95 14.81 1.14
N MET A 152 -37.10 15.96 1.77
CA MET A 152 -37.61 17.14 1.10
C MET A 152 -36.73 17.56 -0.06
N MET A 153 -35.43 17.57 0.18
CA MET A 153 -34.47 17.95 -0.85
C MET A 153 -34.43 16.94 -1.98
N PHE A 154 -34.58 15.66 -1.64
CA PHE A 154 -34.62 14.62 -2.67
C PHE A 154 -35.83 14.82 -3.59
N GLU A 155 -36.99 15.01 -2.96
CA GLU A 155 -38.22 15.31 -3.67
C GLU A 155 -38.00 16.52 -4.58
N HIS A 156 -37.39 17.54 -4.01
CA HIS A 156 -37.13 18.77 -4.78
C HIS A 156 -36.17 18.53 -5.95
N LEU A 157 -35.16 17.69 -5.72
CA LEU A 157 -34.18 17.32 -6.74
C LEU A 157 -34.85 16.60 -7.91
N ILE A 158 -35.64 15.59 -7.58
CA ILE A 158 -36.38 14.80 -8.55
C ILE A 158 -37.21 15.72 -9.45
N ASN A 159 -38.06 16.53 -8.83
CA ASN A 159 -38.97 17.41 -9.58
C ASN A 159 -38.26 18.48 -10.38
N SER A 160 -37.26 19.11 -9.80
CA SER A 160 -36.58 20.21 -10.46
C SER A 160 -35.76 19.80 -11.67
N ASN A 161 -35.43 18.52 -11.78
CA ASN A 161 -34.53 18.04 -12.86
C ASN A 161 -35.10 16.92 -13.72
N GLY A 162 -36.41 16.70 -13.63
CA GLY A 162 -37.09 15.75 -14.51
C GLY A 162 -36.49 14.35 -14.45
N ILE A 163 -36.28 13.87 -13.23
CA ILE A 163 -35.62 12.60 -12.99
C ILE A 163 -36.60 11.42 -13.12
N LYS A 164 -37.88 11.66 -12.89
CA LYS A 164 -38.91 10.61 -12.98
C LYS A 164 -38.93 9.84 -14.32
N PRO A 165 -38.98 10.57 -15.44
CA PRO A 165 -38.88 9.92 -16.77
C PRO A 165 -37.60 9.10 -16.97
N VAL A 166 -36.51 9.60 -16.42
CA VAL A 166 -35.22 8.92 -16.54
C VAL A 166 -35.24 7.66 -15.67
N MET A 167 -35.89 7.74 -14.52
CA MET A 167 -36.06 6.59 -13.64
C MET A 167 -36.82 5.51 -14.37
N GLU A 168 -37.92 5.89 -15.00
CA GLU A 168 -38.75 4.97 -15.76
C GLU A 168 -37.97 4.31 -16.87
N GLN A 169 -37.19 5.11 -17.58
CA GLN A 169 -36.34 4.63 -18.66
C GLN A 169 -35.36 3.52 -18.26
N TYR A 170 -35.00 3.45 -16.98
CA TYR A 170 -34.06 2.40 -16.49
C TYR A 170 -34.77 1.39 -15.57
N GLY A 171 -36.08 1.31 -15.68
CA GLY A 171 -36.81 0.18 -15.11
C GLY A 171 -37.47 0.45 -13.77
N LEU A 172 -37.23 1.64 -13.22
CA LEU A 172 -37.82 1.98 -11.92
C LEU A 172 -39.29 2.34 -12.10
N ILE A 173 -40.05 2.20 -11.03
CA ILE A 173 -41.45 2.61 -11.01
C ILE A 173 -41.58 3.75 -9.99
N PRO A 174 -41.42 5.01 -10.47
CA PRO A 174 -41.30 6.17 -9.63
C PRO A 174 -42.16 6.23 -8.38
N GLU A 175 -43.46 6.01 -8.46
CA GLU A 175 -44.29 6.27 -7.26
C GLU A 175 -43.89 5.39 -6.07
N GLU A 176 -43.77 4.09 -6.28
CA GLU A 176 -43.39 3.18 -5.19
C GLU A 176 -41.90 3.22 -4.86
N ASP A 177 -41.05 3.28 -5.89
CA ASP A 177 -39.59 3.33 -5.70
C ASP A 177 -39.11 4.60 -5.00
N ILE A 178 -39.68 5.74 -5.35
CA ILE A 178 -39.36 6.99 -4.65
C ILE A 178 -39.77 6.88 -3.18
N TYR A 179 -40.90 6.24 -2.94
CA TYR A 179 -41.37 6.01 -1.57
C TYR A 179 -40.35 5.14 -0.79
N PHE A 180 -39.87 4.11 -1.45
CA PHE A 180 -38.90 3.18 -0.87
C PHE A 180 -37.62 3.91 -0.49
N ILE A 181 -37.09 4.66 -1.45
CA ILE A 181 -35.89 5.49 -1.24
C ILE A 181 -36.03 6.40 -0.02
N LYS A 182 -37.15 7.10 0.07
CA LYS A 182 -37.37 8.01 1.20
C LYS A 182 -37.41 7.26 2.51
N GLU A 183 -38.00 6.08 2.49
CA GLU A 183 -38.12 5.26 3.70
C GLU A 183 -36.77 4.78 4.19
N GLN A 184 -35.92 4.40 3.25
CA GLN A 184 -34.52 4.04 3.57
C GLN A 184 -33.75 5.16 4.29
N ILE A 185 -34.06 6.40 3.93
CA ILE A 185 -33.35 7.57 4.44
C ILE A 185 -33.84 7.97 5.83
N VAL A 186 -35.14 8.16 5.96
CA VAL A 186 -35.72 8.74 7.19
C VAL A 186 -36.36 7.72 8.11
N GLY A 187 -36.71 6.56 7.58
CA GLY A 187 -37.47 5.53 8.30
C GLY A 187 -38.90 5.45 7.79
N PRO A 188 -39.83 4.90 8.60
CA PRO A 188 -41.23 4.83 8.19
C PRO A 188 -41.93 6.13 8.45
N LEU A 189 -43.07 6.34 7.77
CA LEU A 189 -44.06 7.37 8.20
C LEU A 189 -45.38 6.92 8.87
N GLU A 190 -45.66 7.47 10.05
CA GLU A 190 -46.95 7.29 10.73
C GLU A 190 -47.15 5.82 11.16
N LEU A 197 -47.23 -4.33 13.26
CA LEU A 197 -46.90 -5.10 12.06
C LEU A 197 -45.94 -4.28 11.13
N TRP A 198 -46.02 -4.49 9.81
CA TRP A 198 -45.00 -4.01 8.86
C TRP A 198 -45.21 -2.54 8.48
N PRO A 199 -44.34 -1.63 8.98
CA PRO A 199 -44.58 -0.19 8.81
C PRO A 199 -44.25 0.35 7.43
N TYR A 200 -43.46 -0.39 6.65
CA TYR A 200 -42.97 0.12 5.36
C TYR A 200 -43.92 -0.24 4.24
N LYS A 201 -44.07 0.70 3.31
CA LYS A 201 -44.96 0.55 2.16
C LYS A 201 -44.19 0.48 0.82
N GLY A 202 -42.87 0.69 0.85
CA GLY A 202 -42.07 0.77 -0.40
C GLY A 202 -41.60 -0.58 -0.91
N ARG A 203 -41.44 -1.50 0.04
CA ARG A 203 -41.14 -2.89 -0.26
C ARG A 203 -41.84 -3.81 0.77
N PRO A 204 -42.27 -5.00 0.34
CA PRO A 204 -42.90 -5.93 1.27
C PRO A 204 -41.95 -6.52 2.32
N GLU A 205 -42.51 -7.18 3.33
CA GLU A 205 -41.74 -7.72 4.46
C GLU A 205 -40.70 -8.78 4.09
N ASN A 206 -40.90 -9.48 2.99
CA ASN A 206 -39.93 -10.47 2.53
C ASN A 206 -38.63 -9.84 1.96
N LYS A 207 -38.59 -8.52 1.88
CA LYS A 207 -37.37 -7.76 1.55
C LYS A 207 -37.03 -6.76 2.64
N SER A 208 -37.36 -7.09 3.88
CA SER A 208 -37.07 -6.23 5.04
C SER A 208 -35.60 -5.92 5.23
N PHE A 209 -34.75 -6.87 4.84
CA PHE A 209 -33.29 -6.72 4.94
C PHE A 209 -32.73 -5.53 4.13
N LEU A 210 -33.38 -5.19 3.01
CA LEU A 210 -32.98 -4.03 2.21
C LEU A 210 -33.00 -2.70 3.00
N TYR A 211 -33.86 -2.62 4.01
CA TYR A 211 -33.98 -1.42 4.84
C TYR A 211 -32.92 -1.28 5.90
N GLU A 212 -31.98 -2.22 5.93
CA GLU A 212 -30.91 -2.17 6.94
C GLU A 212 -29.56 -1.74 6.37
N ILE A 213 -29.54 -1.39 5.10
CA ILE A 213 -28.28 -1.13 4.42
C ILE A 213 -27.76 0.29 4.60
N VAL A 214 -28.58 1.27 4.26
CA VAL A 214 -28.14 2.67 4.27
C VAL A 214 -28.19 3.23 5.67
N SER A 215 -29.32 3.04 6.33
CA SER A 215 -29.54 3.51 7.69
C SER A 215 -30.16 2.42 8.55
N ASN A 216 -29.36 1.94 9.50
CA ASN A 216 -29.79 0.92 10.44
C ASN A 216 -29.80 1.47 11.87
N LYS A 217 -30.99 1.86 12.30
CA LYS A 217 -31.18 2.42 13.65
C LYS A 217 -30.91 1.38 14.74
N ARG A 218 -31.48 0.20 14.58
CA ARG A 218 -31.46 -0.84 15.59
C ARG A 218 -30.08 -1.17 16.14
N ASN A 219 -29.15 -1.55 15.28
CA ASN A 219 -27.81 -1.94 15.75
C ASN A 219 -26.68 -1.00 15.33
N GLY A 220 -27.01 0.12 14.69
CA GLY A 220 -26.01 1.09 14.21
C GLY A 220 -24.91 0.52 13.32
N ILE A 221 -25.27 -0.46 12.48
CA ILE A 221 -24.35 -1.00 11.47
C ILE A 221 -24.93 -0.83 10.09
N ASP A 222 -24.41 0.17 9.38
CA ASP A 222 -24.85 0.48 8.02
C ASP A 222 -23.67 0.99 7.21
N VAL A 223 -23.86 1.06 5.90
CA VAL A 223 -22.80 1.51 4.99
C VAL A 223 -22.46 2.98 5.17
N ASP A 224 -23.41 3.74 5.70
CA ASP A 224 -23.17 5.13 6.00
C ASP A 224 -21.98 5.26 6.93
N LYS A 225 -22.10 4.64 8.09
CA LYS A 225 -21.01 4.63 9.06
C LYS A 225 -19.71 4.05 8.50
N TRP A 226 -19.80 3.03 7.66
CA TRP A 226 -18.58 2.46 7.12
C TRP A 226 -17.80 3.51 6.35
N ASP A 227 -18.48 4.30 5.52
CA ASP A 227 -17.78 5.31 4.74
C ASP A 227 -17.19 6.39 5.60
N TYR A 228 -17.98 6.97 6.49
CA TYR A 228 -17.42 8.07 7.26
C TYR A 228 -16.34 7.66 8.27
N PHE A 229 -16.41 6.45 8.83
CA PHE A 229 -15.33 5.98 9.70
C PHE A 229 -14.03 5.94 8.88
N ALA A 230 -14.09 5.32 7.72
CA ALA A 230 -12.92 5.23 6.85
C ALA A 230 -12.42 6.59 6.35
N ARG A 231 -13.36 7.43 5.96
CA ARG A 231 -13.03 8.72 5.37
C ARG A 231 -12.48 9.66 6.43
N ASP A 232 -13.19 9.75 7.56
CA ASP A 232 -12.75 10.61 8.64
C ASP A 232 -11.40 10.16 9.17
N CYS A 233 -11.19 8.86 9.27
CA CYS A 233 -9.89 8.32 9.72
C CYS A 233 -8.76 8.75 8.79
N HIS A 234 -9.01 8.57 7.49
CA HIS A 234 -8.08 8.96 6.43
C HIS A 234 -7.68 10.45 6.50
N HIS A 235 -8.64 11.32 6.79
CA HIS A 235 -8.40 12.76 6.84
C HIS A 235 -7.85 13.25 8.19
N LEU A 236 -8.19 12.55 9.26
CA LEU A 236 -7.78 12.97 10.61
C LEU A 236 -6.39 12.49 10.99
N GLY A 237 -5.98 11.38 10.38
CA GLY A 237 -4.72 10.74 10.72
C GLY A 237 -4.89 9.67 11.79
N ILE A 238 -6.13 9.24 12.00
CA ILE A 238 -6.45 8.18 12.96
C ILE A 238 -6.52 6.86 12.22
N GLN A 239 -6.07 5.77 12.86
CA GLN A 239 -6.09 4.48 12.20
C GLN A 239 -7.47 3.82 12.26
N ASN A 240 -7.89 3.35 11.11
CA ASN A 240 -9.11 2.61 10.95
C ASN A 240 -8.84 1.11 10.95
N ASN A 241 -9.45 0.41 11.89
CA ASN A 241 -9.24 -1.03 12.11
C ASN A 241 -10.35 -1.93 11.64
N PHE A 242 -11.48 -1.32 11.28
CA PHE A 242 -12.53 -2.05 10.59
C PHE A 242 -12.23 -2.26 9.12
N ASP A 243 -12.51 -3.46 8.63
CA ASP A 243 -12.30 -3.81 7.22
C ASP A 243 -13.64 -4.08 6.56
N TYR A 244 -14.21 -3.04 5.96
CA TYR A 244 -15.57 -3.11 5.45
C TYR A 244 -15.72 -4.14 4.31
N LYS A 245 -14.69 -4.30 3.48
CA LYS A 245 -14.79 -5.18 2.31
C LYS A 245 -14.98 -6.61 2.75
N ARG A 246 -14.17 -6.99 3.72
CA ARG A 246 -14.21 -8.33 4.35
C ARG A 246 -15.60 -8.61 4.91
N PHE A 247 -16.14 -7.63 5.62
CA PHE A 247 -17.47 -7.76 6.18
C PHE A 247 -18.52 -7.98 5.09
N ILE A 248 -18.47 -7.18 4.05
CA ILE A 248 -19.40 -7.31 2.91
C ILE A 248 -19.30 -8.70 2.35
N LYS A 249 -18.08 -9.10 2.05
CA LYS A 249 -17.80 -10.39 1.45
C LYS A 249 -18.37 -11.58 2.23
N PHE A 250 -18.40 -11.49 3.56
CA PHE A 250 -18.92 -12.57 4.42
C PHE A 250 -20.33 -12.32 4.97
N ALA A 251 -21.05 -11.36 4.39
CA ALA A 251 -22.36 -11.01 4.91
C ALA A 251 -23.42 -11.83 4.22
N ARG A 252 -24.47 -12.16 4.95
CA ARG A 252 -25.56 -12.97 4.43
C ARG A 252 -26.88 -12.61 5.07
N VAL A 253 -27.95 -12.78 4.29
CA VAL A 253 -29.29 -12.61 4.81
C VAL A 253 -29.68 -13.94 5.45
N CYS A 254 -30.27 -13.85 6.63
CA CYS A 254 -30.55 -15.05 7.42
C CYS A 254 -31.75 -14.85 8.36
N GLU A 255 -32.37 -15.97 8.73
CA GLU A 255 -33.61 -15.96 9.53
C GLU A 255 -33.35 -15.65 11.00
N VAL A 256 -34.05 -14.65 11.52
CA VAL A 256 -34.03 -14.31 12.93
C VAL A 256 -35.46 -13.96 13.36
N ASP A 257 -36.04 -14.73 14.28
CA ASP A 257 -37.41 -14.46 14.75
C ASP A 257 -38.40 -14.33 13.59
N ASN A 258 -38.18 -15.14 12.55
CA ASN A 258 -38.99 -15.08 11.32
C ASN A 258 -38.92 -13.66 10.69
N GLU A 259 -37.74 -13.06 10.78
CA GLU A 259 -37.45 -11.74 10.20
C GLU A 259 -36.18 -11.93 9.42
N LEU A 260 -36.17 -11.36 8.22
CA LEU A 260 -34.97 -11.38 7.40
C LEU A 260 -34.07 -10.23 7.77
N ARG A 261 -32.84 -10.59 8.09
CA ARG A 261 -31.86 -9.63 8.56
C ARG A 261 -30.54 -9.90 7.92
N ILE A 262 -29.65 -8.91 7.98
CA ILE A 262 -28.31 -9.09 7.46
C ILE A 262 -27.46 -9.60 8.60
N CYS A 263 -26.76 -10.69 8.33
CA CYS A 263 -26.05 -11.42 9.35
C CYS A 263 -24.59 -11.55 8.96
N ALA A 264 -23.75 -11.47 9.98
CA ALA A 264 -22.30 -11.59 9.81
C ALA A 264 -21.86 -13.01 10.13
N ARG A 265 -20.87 -13.49 9.40
CA ARG A 265 -20.23 -14.78 9.70
C ARG A 265 -19.63 -14.69 11.10
N ASP A 266 -19.67 -15.80 11.85
CA ASP A 266 -19.16 -15.82 13.24
C ASP A 266 -17.66 -15.47 13.33
N LYS A 267 -16.92 -15.84 12.29
CA LYS A 267 -15.50 -15.50 12.10
C LYS A 267 -15.19 -13.99 12.05
N GLU A 268 -16.22 -13.20 11.76
CA GLU A 268 -16.11 -11.74 11.61
C GLU A 268 -16.29 -10.95 12.89
N VAL A 269 -16.49 -11.66 14.01
CA VAL A 269 -16.71 -11.02 15.29
C VAL A 269 -15.59 -10.04 15.71
N GLY A 270 -14.35 -10.38 15.40
CA GLY A 270 -13.22 -9.50 15.71
C GLY A 270 -13.26 -8.20 14.92
N ASN A 271 -13.61 -8.33 13.64
CA ASN A 271 -13.77 -7.20 12.75
C ASN A 271 -14.78 -6.21 13.30
N LEU A 272 -15.91 -6.74 13.78
CA LEU A 272 -16.92 -5.90 14.44
C LEU A 272 -16.41 -5.20 15.69
N TYR A 273 -15.68 -5.88 16.55
CA TYR A 273 -15.10 -5.21 17.72
C TYR A 273 -14.21 -4.08 17.29
N ASP A 274 -13.46 -4.30 16.22
CA ASP A 274 -12.57 -3.27 15.67
C ASP A 274 -13.36 -2.06 15.18
N MET A 275 -14.51 -2.31 14.56
CA MET A 275 -15.43 -1.25 14.13
C MET A 275 -15.89 -0.40 15.31
N PHE A 276 -16.37 -1.06 16.36
CA PHE A 276 -16.87 -0.34 17.54
C PHE A 276 -15.78 0.42 18.27
N HIS A 277 -14.54 -0.08 18.24
CA HIS A 277 -13.43 0.67 18.87
C HIS A 277 -13.01 1.86 18.02
N THR A 278 -13.04 1.69 16.70
CA THR A 278 -12.78 2.79 15.80
C THR A 278 -13.81 3.91 16.03
N ARG A 279 -15.09 3.52 16.07
CA ARG A 279 -16.16 4.47 16.38
C ARG A 279 -15.84 5.22 17.67
N ASN A 280 -15.50 4.50 18.72
CA ASN A 280 -15.25 5.14 20.00
C ASN A 280 -14.06 6.13 19.94
N SER A 281 -13.01 5.75 19.23
CA SER A 281 -11.82 6.62 19.04
C SER A 281 -12.12 7.91 18.31
N LEU A 282 -12.86 7.79 17.21
CA LEU A 282 -13.27 8.95 16.44
C LEU A 282 -14.06 9.93 17.29
N HIS A 283 -14.93 9.41 18.14
CA HIS A 283 -15.78 10.24 19.01
C HIS A 283 -14.95 10.91 20.09
N ARG A 284 -14.12 10.13 20.76
CA ARG A 284 -13.27 10.67 21.80
C ARG A 284 -12.27 11.67 21.28
N ARG A 285 -11.63 11.33 20.19
CA ARG A 285 -10.54 12.15 19.65
C ARG A 285 -10.99 13.32 18.78
N ALA A 286 -12.07 13.14 18.04
CA ALA A 286 -12.46 14.11 17.04
C ALA A 286 -13.82 14.72 17.30
N TYR A 287 -14.87 13.93 17.17
CA TYR A 287 -16.23 14.48 17.26
C TYR A 287 -16.51 15.22 18.59
N GLN A 288 -15.93 14.75 19.69
CA GLN A 288 -16.04 15.40 21.01
C GLN A 288 -14.83 16.27 21.39
N HIS A 289 -14.05 16.70 20.43
CA HIS A 289 -12.87 17.48 20.73
C HIS A 289 -13.26 18.79 21.40
N LYS A 290 -12.46 19.18 22.35
CA LYS A 290 -12.79 20.29 23.22
C LYS A 290 -12.95 21.62 22.53
N VAL A 291 -11.91 22.01 21.83
CA VAL A 291 -11.88 23.29 21.12
C VAL A 291 -12.75 23.26 19.86
N GLY A 292 -12.82 22.09 19.23
CA GLY A 292 -13.62 21.90 18.06
C GLY A 292 -15.09 22.20 18.33
N ASN A 293 -15.57 21.68 19.45
CA ASN A 293 -16.95 21.94 19.86
C ASN A 293 -17.20 23.39 20.28
N ILE A 294 -16.20 24.01 20.91
CA ILE A 294 -16.30 25.42 21.24
C ILE A 294 -16.51 26.22 19.96
N ILE A 295 -15.67 25.96 18.97
CA ILE A 295 -15.74 26.66 17.68
C ILE A 295 -17.10 26.47 17.00
N ASP A 296 -17.66 25.27 17.08
CA ASP A 296 -19.02 25.03 16.59
C ASP A 296 -20.04 25.97 17.26
N THR A 297 -19.89 26.21 18.56
CA THR A 297 -20.85 27.05 19.26
C THR A 297 -20.63 28.51 18.94
N MET A 298 -19.39 28.87 18.61
CA MET A 298 -19.09 30.24 18.22
C MET A 298 -19.70 30.53 16.86
N ILE A 299 -19.59 29.58 15.95
CA ILE A 299 -20.18 29.71 14.64
C ILE A 299 -21.67 29.83 14.77
N THR A 300 -22.23 29.02 15.64
CA THR A 300 -23.68 29.03 15.88
C THR A 300 -24.11 30.35 16.49
N ASP A 301 -23.29 30.91 17.37
CA ASP A 301 -23.58 32.17 17.98
C ASP A 301 -23.64 33.25 16.92
N ALA A 302 -22.68 33.24 16.02
CA ALA A 302 -22.65 34.21 14.92
C ALA A 302 -23.89 34.09 14.05
N PHE A 303 -24.28 32.88 13.72
CA PHE A 303 -25.47 32.68 12.91
C PHE A 303 -26.69 33.26 13.62
N LEU A 304 -26.81 33.02 14.93
CA LEU A 304 -27.97 33.51 15.68
C LEU A 304 -28.01 35.04 15.65
N LYS A 305 -26.86 35.67 15.77
CA LYS A 305 -26.77 37.12 15.69
C LYS A 305 -26.98 37.68 14.29
N ALA A 306 -26.80 36.83 13.28
CA ALA A 306 -26.97 37.25 11.88
C ALA A 306 -28.36 36.93 11.32
N ASP A 307 -29.08 36.04 12.00
CA ASP A 307 -30.30 35.44 11.47
C ASP A 307 -31.36 36.46 11.06
N ASP A 308 -31.46 37.55 11.80
CA ASP A 308 -32.48 38.58 11.52
C ASP A 308 -32.18 39.37 10.26
N TYR A 309 -30.92 39.42 9.87
CA TYR A 309 -30.47 40.33 8.82
C TYR A 309 -30.01 39.69 7.50
N ILE A 310 -29.96 38.37 7.44
CA ILE A 310 -29.51 37.70 6.24
C ILE A 310 -30.75 37.30 5.45
N GLU A 311 -30.72 37.56 4.16
CA GLU A 311 -31.83 37.18 3.28
C GLU A 311 -31.39 36.17 2.26
N ILE A 312 -32.15 35.08 2.19
CA ILE A 312 -31.95 34.09 1.18
C ILE A 312 -33.21 34.00 0.36
N THR A 313 -33.05 34.11 -0.96
CA THR A 313 -34.18 34.08 -1.85
C THR A 313 -34.58 32.66 -2.14
N GLY A 314 -35.83 32.35 -1.83
CA GLY A 314 -36.40 31.04 -2.12
C GLY A 314 -37.37 31.08 -3.28
N ALA A 315 -38.34 30.16 -3.26
CA ALA A 315 -39.30 30.05 -4.36
C ALA A 315 -40.22 31.27 -4.48
N GLY A 316 -40.42 31.73 -5.70
CA GLY A 316 -41.34 32.83 -5.99
C GLY A 316 -40.88 34.17 -5.46
N GLY A 317 -39.57 34.32 -5.30
CA GLY A 317 -38.97 35.55 -4.79
C GLY A 317 -39.14 35.77 -3.30
N LYS A 318 -39.75 34.82 -2.61
CA LYS A 318 -39.95 34.95 -1.16
C LYS A 318 -38.59 34.88 -0.44
N LYS A 319 -38.48 35.63 0.64
CA LYS A 319 -37.21 35.76 1.35
C LYS A 319 -37.22 34.97 2.62
N TYR A 320 -36.11 34.29 2.86
CA TYR A 320 -35.99 33.45 4.03
C TYR A 320 -34.77 33.82 4.81
N ARG A 321 -34.79 33.46 6.09
CA ARG A 321 -33.65 33.62 6.97
C ARG A 321 -32.89 32.31 7.08
N ILE A 322 -31.72 32.36 7.68
CA ILE A 322 -30.95 31.14 7.87
C ILE A 322 -31.81 30.07 8.56
N SER A 323 -32.52 30.47 9.61
CA SER A 323 -33.35 29.55 10.41
C SER A 323 -34.65 29.12 9.74
N THR A 324 -35.12 29.85 8.74
CA THR A 324 -36.36 29.50 8.05
C THR A 324 -36.16 28.92 6.66
N ALA A 325 -34.93 28.93 6.17
CA ALA A 325 -34.64 28.34 4.86
C ALA A 325 -34.99 26.84 4.78
N ILE A 326 -35.04 26.18 5.94
CA ILE A 326 -35.43 24.77 6.01
C ILE A 326 -36.88 24.54 5.61
N ASP A 327 -37.65 25.63 5.54
CA ASP A 327 -39.06 25.54 5.16
C ASP A 327 -39.25 25.67 3.65
N ASP A 328 -38.17 25.89 2.90
CA ASP A 328 -38.24 26.14 1.46
C ASP A 328 -36.98 25.64 0.74
N MET A 329 -37.12 24.55 -0.01
CA MET A 329 -35.95 23.84 -0.56
C MET A 329 -35.19 24.65 -1.61
N GLU A 330 -35.87 25.57 -2.27
CA GLU A 330 -35.19 26.42 -3.26
C GLU A 330 -34.18 27.30 -2.54
N ALA A 331 -34.60 27.84 -1.41
CA ALA A 331 -33.72 28.65 -0.57
C ALA A 331 -32.62 27.80 0.09
N TYR A 332 -33.02 26.63 0.62
CA TYR A 332 -32.11 25.73 1.34
C TYR A 332 -30.97 25.28 0.43
N THR A 333 -31.28 25.09 -0.85
CA THR A 333 -30.26 24.78 -1.87
C THR A 333 -29.07 25.75 -1.86
N LYS A 334 -29.35 27.02 -1.59
CA LYS A 334 -28.32 28.05 -1.57
C LYS A 334 -27.76 28.32 -0.18
N LEU A 335 -28.07 27.45 0.78
CA LEU A 335 -27.61 27.62 2.18
C LEU A 335 -26.52 26.61 2.51
N THR A 336 -25.28 27.08 2.49
CA THR A 336 -24.11 26.24 2.65
C THR A 336 -23.13 26.93 3.57
N ASP A 337 -21.93 26.37 3.70
CA ASP A 337 -20.89 26.96 4.56
C ASP A 337 -20.52 28.36 4.08
N ASN A 338 -20.85 28.66 2.84
CA ASN A 338 -20.71 30.00 2.33
C ASN A 338 -21.28 31.09 3.26
N ILE A 339 -22.36 30.77 3.93
CA ILE A 339 -22.99 31.72 4.84
C ILE A 339 -22.00 32.26 5.90
N PHE A 340 -21.01 31.44 6.24
CA PHE A 340 -19.94 31.84 7.14
C PHE A 340 -19.17 33.01 6.57
N LEU A 341 -18.80 32.88 5.30
CA LEU A 341 -18.00 33.92 4.63
C LEU A 341 -18.81 35.15 4.21
N GLU A 342 -20.10 34.95 3.97
CA GLU A 342 -20.97 36.07 3.66
C GLU A 342 -21.02 36.98 4.89
N ILE A 343 -21.14 36.39 6.07
CA ILE A 343 -21.11 37.14 7.33
C ILE A 343 -19.75 37.76 7.58
N LEU A 344 -18.70 36.97 7.39
CA LEU A 344 -17.33 37.42 7.64
C LEU A 344 -16.93 38.59 6.76
N TYR A 345 -17.28 38.52 5.48
CA TYR A 345 -16.88 39.54 4.49
C TYR A 345 -17.90 40.70 4.39
N SER A 346 -18.94 40.68 5.22
CA SER A 346 -20.00 41.68 5.15
C SER A 346 -19.53 43.02 5.69
N THR A 347 -20.22 44.06 5.24
CA THR A 347 -19.99 45.44 5.66
C THR A 347 -21.20 46.06 6.34
N ASP A 348 -22.38 45.48 6.13
CA ASP A 348 -23.62 45.92 6.81
C ASP A 348 -23.38 46.11 8.31
N PRO A 349 -23.68 47.31 8.85
CA PRO A 349 -23.58 47.57 10.30
C PRO A 349 -24.44 46.63 11.16
N LYS A 350 -25.55 46.17 10.59
CA LYS A 350 -26.44 45.26 11.30
C LYS A 350 -25.82 43.89 11.56
N LEU A 351 -24.80 43.53 10.78
CA LEU A 351 -24.10 42.25 10.93
C LEU A 351 -22.81 42.37 11.72
N LYS A 352 -22.56 43.54 12.28
CA LYS A 352 -21.32 43.79 13.01
C LYS A 352 -21.09 42.77 14.13
N ASP A 353 -22.15 42.45 14.86
CA ASP A 353 -22.01 41.57 16.02
C ASP A 353 -21.62 40.16 15.60
N ALA A 354 -22.31 39.66 14.57
CA ALA A 354 -22.08 38.33 14.05
C ALA A 354 -20.69 38.23 13.50
N ARG A 355 -20.34 39.25 12.73
CA ARG A 355 -19.05 39.36 12.09
C ARG A 355 -17.94 39.36 13.11
N GLU A 356 -18.18 40.01 14.23
CA GLU A 356 -17.15 40.18 15.25
C GLU A 356 -16.81 38.84 15.91
N ILE A 357 -17.81 38.01 16.08
CA ILE A 357 -17.59 36.67 16.60
C ILE A 357 -16.77 35.80 15.64
N LEU A 358 -17.05 35.87 14.34
CA LEU A 358 -16.26 35.11 13.37
C LEU A 358 -14.82 35.59 13.32
N LYS A 359 -14.63 36.89 13.50
CA LYS A 359 -13.27 37.42 13.61
C LYS A 359 -12.54 36.91 14.84
N GLN A 360 -13.25 36.75 15.95
CA GLN A 360 -12.65 36.13 17.12
C GLN A 360 -12.05 34.76 16.79
N ILE A 361 -12.76 33.99 15.97
CA ILE A 361 -12.30 32.68 15.52
C ILE A 361 -11.00 32.77 14.72
N GLU A 362 -10.91 33.72 13.79
CA GLU A 362 -9.70 33.92 12.99
C GLU A 362 -8.51 34.28 13.86
N TYR A 363 -8.74 35.17 14.81
CA TYR A 363 -7.67 35.62 15.73
C TYR A 363 -7.38 34.60 16.84
N ARG A 364 -8.25 33.62 16.95
CA ARG A 364 -8.13 32.53 17.91
C ARG A 364 -8.32 33.02 19.35
N ASN A 365 -9.27 33.94 19.52
CA ASN A 365 -9.73 34.38 20.82
C ASN A 365 -11.06 33.72 21.05
N LEU A 366 -10.99 32.49 21.50
CA LEU A 366 -12.18 31.67 21.58
C LEU A 366 -12.85 31.83 22.94
N PHE A 367 -14.09 31.36 23.02
CA PHE A 367 -14.76 31.23 24.29
C PHE A 367 -13.90 30.33 25.16
N LYS A 368 -14.02 30.52 26.47
CA LYS A 368 -13.20 29.76 27.43
C LYS A 368 -13.94 28.59 28.02
N TYR A 369 -13.23 27.47 28.12
CA TYR A 369 -13.80 26.23 28.66
C TYR A 369 -13.92 26.37 30.17
N VAL A 370 -15.12 26.12 30.66
CA VAL A 370 -15.36 26.19 32.09
C VAL A 370 -15.29 24.80 32.67
N GLY A 371 -16.05 23.87 32.10
CA GLY A 371 -15.96 22.48 32.52
C GLY A 371 -16.97 21.56 31.90
N GLU A 372 -17.01 20.34 32.42
CA GLU A 372 -17.78 19.25 31.85
C GLU A 372 -18.54 18.45 32.91
N THR A 373 -19.67 17.89 32.50
CA THR A 373 -20.48 17.07 33.38
C THR A 373 -21.34 16.11 32.57
N GLN A 374 -21.97 15.16 33.25
CA GLN A 374 -22.88 14.21 32.61
C GLN A 374 -24.18 14.12 33.40
N PRO A 375 -25.30 13.82 32.71
CA PRO A 375 -26.57 13.52 33.37
C PRO A 375 -26.65 11.98 33.70
N THR A 376 -25.64 11.45 34.38
CA THR A 376 -25.60 10.00 34.68
C THR A 376 -26.77 9.60 35.59
N GLY A 377 -27.57 8.64 35.15
CA GLY A 377 -28.72 8.20 35.91
C GLY A 377 -29.92 9.14 35.84
N GLN A 378 -29.70 10.31 35.28
CA GLN A 378 -30.75 11.31 35.11
C GLN A 378 -31.49 11.17 33.80
N ILE A 379 -32.64 11.81 33.72
CA ILE A 379 -33.31 12.05 32.44
C ILE A 379 -32.36 12.94 31.64
N LYS A 380 -32.19 12.60 30.37
CA LYS A 380 -31.30 13.38 29.49
C LYS A 380 -31.89 14.64 28.84
N ILE A 381 -31.04 15.65 28.70
CA ILE A 381 -31.45 16.95 28.19
C ILE A 381 -31.92 16.88 26.74
N LYS A 382 -33.07 17.48 26.46
CA LYS A 382 -33.70 17.44 25.13
C LYS A 382 -33.47 18.73 24.37
N ARG A 383 -33.61 18.66 23.05
CA ARG A 383 -33.33 19.80 22.18
C ARG A 383 -34.15 21.04 22.49
N GLU A 384 -35.45 20.87 22.72
CA GLU A 384 -36.33 22.02 22.99
C GLU A 384 -35.93 22.79 24.26
N ASP A 385 -35.13 22.16 25.12
CA ASP A 385 -34.65 22.79 26.35
C ASP A 385 -33.29 23.47 26.25
N TYR A 386 -32.63 23.37 25.10
CA TYR A 386 -31.26 23.90 24.96
C TYR A 386 -31.19 25.38 25.18
N GLU A 387 -32.20 26.11 24.71
CA GLU A 387 -32.18 27.58 24.75
C GLU A 387 -32.23 28.12 26.19
N SER A 388 -32.88 27.38 27.07
CA SER A 388 -33.07 27.78 28.47
C SER A 388 -31.82 27.59 29.36
N LEU A 389 -30.93 26.70 28.94
CA LEU A 389 -29.84 26.23 29.80
C LEU A 389 -28.91 27.33 30.29
N PRO A 390 -28.58 28.28 29.42
CA PRO A 390 -27.70 29.37 29.89
C PRO A 390 -28.31 30.20 31.01
N LYS A 391 -29.64 30.38 31.00
CA LYS A 391 -30.31 31.14 32.07
C LYS A 391 -30.25 30.34 33.37
N GLU A 392 -30.56 29.05 33.31
CA GLU A 392 -30.47 28.15 34.47
C GLU A 392 -29.14 28.23 35.18
N VAL A 393 -28.07 28.31 34.39
CA VAL A 393 -26.70 28.35 34.92
C VAL A 393 -26.45 29.65 35.66
N ALA A 394 -26.88 30.76 35.06
CA ALA A 394 -26.74 32.08 35.69
C ALA A 394 -27.69 32.25 36.90
N SER A 395 -28.83 31.56 36.85
CA SER A 395 -29.78 31.51 37.98
C SER A 395 -29.25 30.77 39.20
N ALA A 396 -28.34 29.82 38.97
CA ALA A 396 -27.75 29.04 40.07
C ALA A 396 -27.05 29.95 41.10
N LYS A 397 -27.10 29.51 42.35
CA LYS A 397 -26.68 30.29 43.52
C LYS A 397 -25.45 29.66 44.16
N PRO A 398 -24.25 30.13 43.80
CA PRO A 398 -23.06 29.60 44.47
C PRO A 398 -22.99 30.06 45.92
N LYS A 399 -22.49 29.18 46.80
CA LYS A 399 -22.45 29.48 48.24
C LYS A 399 -21.50 30.62 48.51
N VAL A 400 -20.28 30.52 47.97
CA VAL A 400 -19.28 31.59 48.03
C VAL A 400 -19.54 32.63 46.94
N LEU A 401 -20.28 33.67 47.31
CA LEU A 401 -20.55 34.78 46.40
C LEU A 401 -19.26 35.49 45.98
N LEU A 402 -19.18 35.86 44.70
CA LEU A 402 -17.96 36.39 44.09
C LEU A 402 -18.15 37.90 43.94
N ASP A 403 -17.04 38.55 43.63
CA ASP A 403 -16.97 40.01 43.40
C ASP A 403 -17.84 40.48 42.22
N VAL A 404 -17.78 39.73 41.12
CA VAL A 404 -18.57 40.02 39.91
C VAL A 404 -19.62 38.95 39.61
N LYS A 405 -20.78 39.41 39.15
CA LYS A 405 -21.87 38.53 38.75
C LYS A 405 -21.92 38.43 37.23
N LEU A 406 -22.40 37.29 36.77
CA LEU A 406 -22.50 37.00 35.33
C LEU A 406 -23.95 36.79 34.94
N LYS A 407 -24.24 37.02 33.66
CA LYS A 407 -25.60 36.91 33.13
C LYS A 407 -25.64 35.82 32.03
N ALA A 408 -26.85 35.42 31.66
CA ALA A 408 -27.10 34.30 30.73
C ALA A 408 -26.36 34.39 29.37
N GLU A 409 -26.32 35.58 28.82
CA GLU A 409 -25.58 35.87 27.56
C GLU A 409 -24.07 35.59 27.64
N ASP A 410 -23.54 35.47 28.86
CA ASP A 410 -22.11 35.18 29.06
C ASP A 410 -21.79 33.69 29.04
N PHE A 411 -22.83 32.87 29.04
CA PHE A 411 -22.68 31.43 29.11
C PHE A 411 -23.09 30.75 27.82
N ILE A 412 -22.31 29.75 27.45
CA ILE A 412 -22.66 28.82 26.41
C ILE A 412 -22.79 27.47 27.07
N VAL A 413 -23.88 26.77 26.77
CA VAL A 413 -24.09 25.41 27.26
C VAL A 413 -24.22 24.46 26.09
N ASP A 414 -23.26 23.57 26.01
CA ASP A 414 -23.08 22.71 24.86
C ASP A 414 -23.40 21.28 25.22
N VAL A 415 -24.43 20.75 24.58
CA VAL A 415 -24.87 19.40 24.83
C VAL A 415 -24.38 18.50 23.72
N ILE A 416 -23.50 17.57 24.06
CA ILE A 416 -22.87 16.69 23.08
C ILE A 416 -23.44 15.29 23.20
N ASN A 417 -24.02 14.80 22.11
CA ASN A 417 -24.61 13.47 22.09
C ASN A 417 -23.82 12.53 21.17
N MET A 418 -23.72 11.27 21.52
CA MET A 418 -23.06 10.31 20.63
C MET A 418 -24.04 9.90 19.55
N ASP A 419 -25.29 9.68 19.95
CA ASP A 419 -26.36 9.50 18.99
C ASP A 419 -27.63 9.99 19.70
N TYR A 420 -28.09 11.20 19.35
CA TYR A 420 -29.06 11.98 20.17
C TYR A 420 -30.30 11.23 20.61
N GLY A 421 -31.04 10.69 19.65
CA GLY A 421 -32.30 10.02 19.96
C GLY A 421 -32.16 8.84 20.91
N MET A 422 -31.14 8.03 20.70
CA MET A 422 -31.14 6.64 21.17
C MET A 422 -30.86 6.38 22.65
N GLN A 423 -31.34 5.21 23.07
CA GLN A 423 -31.22 4.73 24.43
C GLN A 423 -29.81 4.21 24.67
N GLU A 424 -29.33 4.33 25.90
CA GLU A 424 -28.05 3.73 26.28
C GLU A 424 -28.13 2.21 26.17
N LYS A 425 -27.47 1.66 25.15
CA LYS A 425 -27.50 0.23 24.86
C LYS A 425 -26.10 -0.30 24.61
N ASN A 426 -26.01 -1.63 24.44
CA ASN A 426 -24.84 -2.29 23.86
C ASN A 426 -25.21 -2.76 22.44
N PRO A 427 -24.59 -2.19 21.40
CA PRO A 427 -25.04 -2.51 20.03
C PRO A 427 -24.70 -3.91 19.51
N ILE A 428 -23.72 -4.61 20.10
CA ILE A 428 -23.37 -5.98 19.65
C ILE A 428 -24.58 -6.91 19.87
N ASP A 429 -25.35 -6.64 20.93
CA ASP A 429 -26.51 -7.48 21.28
C ASP A 429 -27.48 -7.64 20.13
N HIS A 430 -27.60 -6.62 19.30
CA HIS A 430 -28.54 -6.63 18.19
C HIS A 430 -27.88 -7.06 16.90
N VAL A 431 -26.77 -7.79 17.01
CA VAL A 431 -26.07 -8.31 15.84
C VAL A 431 -26.36 -9.79 15.72
N SER A 432 -26.69 -10.19 14.50
CA SER A 432 -26.98 -11.56 14.14
C SER A 432 -25.79 -12.21 13.45
N PHE A 433 -25.45 -13.40 13.94
CA PHE A 433 -24.38 -14.18 13.34
C PHE A 433 -24.91 -15.49 12.74
N TYR A 434 -24.12 -16.07 11.85
CA TYR A 434 -24.44 -17.36 11.25
C TYR A 434 -23.18 -18.23 11.20
N CYS A 435 -23.35 -19.54 11.33
CA CYS A 435 -22.25 -20.48 11.15
C CYS A 435 -22.31 -21.00 9.70
N LYS A 436 -21.16 -21.28 9.09
CA LYS A 436 -21.12 -21.60 7.66
C LYS A 436 -21.84 -22.90 7.30
N THR A 437 -21.79 -23.88 8.20
CA THR A 437 -22.40 -25.19 7.96
C THR A 437 -23.94 -25.12 7.95
N ALA A 438 -24.52 -24.27 8.80
CA ALA A 438 -25.97 -24.01 8.82
C ALA A 438 -26.26 -22.53 8.57
N PRO A 439 -26.07 -22.07 7.31
CA PRO A 439 -26.06 -20.64 6.97
C PRO A 439 -27.42 -19.93 6.94
N ASN A 440 -28.50 -20.67 7.16
CA ASN A 440 -29.85 -20.13 7.01
C ASN A 440 -30.42 -19.52 8.29
N ARG A 441 -29.81 -19.83 9.43
CA ARG A 441 -30.37 -19.45 10.73
C ARG A 441 -29.32 -18.89 11.67
N ALA A 442 -29.76 -18.03 12.57
CA ALA A 442 -28.83 -17.28 13.40
C ALA A 442 -28.45 -18.06 14.63
N ILE A 443 -27.23 -17.81 15.09
CA ILE A 443 -26.70 -18.43 16.28
C ILE A 443 -27.39 -17.81 17.49
N ARG A 444 -27.52 -18.62 18.56
CA ARG A 444 -28.19 -18.18 19.77
C ARG A 444 -27.12 -17.74 20.78
N ILE A 445 -27.18 -16.47 21.17
CA ILE A 445 -26.07 -15.80 21.87
C ILE A 445 -26.58 -14.99 23.07
N LEU A 454 -15.40 -7.09 26.43
CA LEU A 454 -14.39 -6.03 26.57
C LEU A 454 -14.49 -4.77 25.64
N PRO A 455 -15.68 -4.47 25.03
CA PRO A 455 -15.79 -3.12 24.48
C PRO A 455 -15.78 -1.99 25.51
N GLU A 456 -15.56 -0.79 25.00
CA GLU A 456 -15.76 0.46 25.72
C GLU A 456 -17.20 0.65 26.21
N LYS A 457 -17.36 1.57 27.15
CA LYS A 457 -18.66 2.01 27.65
C LYS A 457 -18.97 3.42 27.13
N PHE A 458 -20.25 3.72 26.97
CA PHE A 458 -20.67 5.04 26.48
C PHE A 458 -21.09 6.02 27.58
N ALA A 459 -20.59 7.25 27.47
CA ALA A 459 -21.21 8.44 28.06
C ALA A 459 -22.00 9.14 26.94
N GLU A 460 -23.22 8.65 26.70
CA GLU A 460 -23.96 9.01 25.51
C GLU A 460 -24.41 10.46 25.53
N GLN A 461 -24.33 11.18 26.67
CA GLN A 461 -24.54 12.63 26.68
C GLN A 461 -23.53 13.34 27.58
N LEU A 462 -22.81 14.28 27.00
CA LEU A 462 -21.92 15.16 27.73
C LEU A 462 -22.47 16.55 27.70
N ILE A 463 -22.19 17.30 28.77
CA ILE A 463 -22.62 18.68 28.86
C ILE A 463 -21.40 19.51 29.20
N ARG A 464 -21.10 20.46 28.35
CA ARG A 464 -19.98 21.37 28.59
C ARG A 464 -20.49 22.78 28.68
N VAL A 465 -19.76 23.59 29.43
CA VAL A 465 -20.09 24.99 29.57
C VAL A 465 -18.88 25.85 29.25
N TYR A 466 -19.11 26.91 28.49
CA TYR A 466 -18.06 27.85 28.12
C TYR A 466 -18.51 29.25 28.51
N CYS A 467 -17.53 30.12 28.75
CA CYS A 467 -17.80 31.51 29.09
C CYS A 467 -17.26 32.46 28.02
N LYS A 468 -18.06 33.48 27.69
CA LYS A 468 -17.68 34.47 26.68
C LYS A 468 -16.75 35.56 27.21
N LYS A 469 -16.62 35.67 28.54
CA LYS A 469 -15.69 36.64 29.15
C LYS A 469 -14.45 35.90 29.60
N VAL A 470 -13.29 36.43 29.21
CA VAL A 470 -12.03 35.70 29.32
C VAL A 470 -11.16 36.10 30.51
N ASP A 471 -11.60 37.11 31.26
CA ASP A 471 -10.82 37.60 32.40
C ASP A 471 -10.93 36.68 33.62
N ARG A 472 -9.80 36.52 34.30
CA ARG A 472 -9.64 35.62 35.46
C ARG A 472 -10.81 35.61 36.44
N LYS A 473 -11.30 36.80 36.78
CA LYS A 473 -12.38 36.96 37.74
C LYS A 473 -13.65 36.29 37.22
N SER A 474 -14.02 36.62 35.99
CA SER A 474 -15.24 36.10 35.38
C SER A 474 -15.16 34.59 35.20
N LEU A 475 -13.99 34.11 34.81
CA LEU A 475 -13.78 32.67 34.64
C LEU A 475 -13.94 31.91 35.94
N TYR A 476 -13.32 32.45 36.99
CA TYR A 476 -13.47 31.93 38.35
C TYR A 476 -14.96 31.85 38.70
N ALA A 477 -15.63 32.99 38.51
CA ALA A 477 -17.05 33.11 38.81
C ALA A 477 -17.86 32.06 38.08
N ALA A 478 -17.70 32.05 36.75
CA ALA A 478 -18.39 31.12 35.86
C ALA A 478 -18.27 29.68 36.33
N ARG A 479 -17.05 29.30 36.71
CA ARG A 479 -16.79 27.98 37.26
C ARG A 479 -17.74 27.68 38.44
N GLN A 480 -17.89 28.69 39.31
CA GLN A 480 -18.70 28.52 40.52
C GLN A 480 -20.17 28.32 40.16
N TYR A 481 -20.69 29.17 39.29
CA TYR A 481 -22.05 29.00 38.80
C TYR A 481 -22.24 27.61 38.22
N PHE A 482 -21.25 27.17 37.47
CA PHE A 482 -21.33 25.88 36.77
C PHE A 482 -21.43 24.73 37.77
N VAL A 483 -20.49 24.73 38.72
CA VAL A 483 -20.43 23.66 39.74
C VAL A 483 -21.75 23.53 40.48
N GLN A 484 -22.31 24.69 40.82
CA GLN A 484 -23.58 24.75 41.52
C GLN A 484 -24.71 24.18 40.67
N TRP A 485 -24.76 24.66 39.43
CA TRP A 485 -25.79 24.20 38.48
C TRP A 485 -25.79 22.66 38.36
N CYS A 486 -24.60 22.07 38.33
CA CYS A 486 -24.47 20.60 38.29
C CYS A 486 -25.08 19.97 39.52
N ALA A 487 -24.75 20.56 40.66
CA ALA A 487 -25.31 20.15 41.96
C ALA A 487 -26.84 20.23 41.98
N ASP A 488 -27.38 21.39 41.57
CA ASP A 488 -28.85 21.63 41.54
C ASP A 488 -29.63 20.60 40.71
N ARG A 489 -28.89 19.92 39.86
CA ARG A 489 -29.46 19.09 38.84
C ARG A 489 -29.19 17.60 39.05
N ASN A 490 -28.46 17.30 40.13
CA ASN A 490 -27.88 15.98 40.39
C ASN A 490 -27.16 15.49 39.13
N PHE A 491 -26.29 16.34 38.60
CA PHE A 491 -25.33 15.93 37.58
C PHE A 491 -24.01 15.59 38.26
N THR A 492 -23.15 14.87 37.55
CA THR A 492 -21.84 14.49 38.09
C THR A 492 -21.04 15.72 38.48
N LYS A 493 -20.16 15.59 39.45
CA LYS A 493 -19.37 16.74 39.93
C LYS A 493 -18.16 16.99 39.00
N PRO A 494 -18.03 18.23 38.51
CA PRO A 494 -16.93 18.61 37.65
C PRO A 494 -15.54 18.24 38.17
N GLN A 495 -14.68 17.82 37.25
CA GLN A 495 -13.29 17.49 37.54
C GLN A 495 -12.38 18.33 36.65
N ASP A 496 -11.09 17.99 36.62
CA ASP A 496 -10.10 18.74 35.81
C ASP A 496 -9.07 17.83 35.12
N THR B 27 5.19 27.12 25.42
CA THR B 27 3.95 27.18 24.57
C THR B 27 4.14 26.58 23.15
N MET B 28 4.66 25.35 23.09
CA MET B 28 4.88 24.64 21.82
C MET B 28 3.62 23.87 21.38
N LYS B 29 2.80 24.53 20.58
CA LYS B 29 1.51 24.00 20.12
C LYS B 29 1.66 22.91 19.06
N VAL B 30 0.83 21.88 19.15
CA VAL B 30 0.93 20.73 18.27
C VAL B 30 -0.32 20.57 17.42
N ILE B 31 -0.13 20.41 16.11
CA ILE B 31 -1.22 20.20 15.16
C ILE B 31 -1.12 18.83 14.52
N ASN B 32 -2.21 18.05 14.57
CA ASN B 32 -2.28 16.76 13.88
C ASN B 32 -2.54 16.89 12.39
N ASP B 33 -1.60 16.40 11.60
CA ASP B 33 -1.73 16.40 10.15
C ASP B 33 -1.67 14.96 9.63
N PRO B 34 -2.53 14.62 8.67
CA PRO B 34 -2.54 13.25 8.15
C PRO B 34 -1.31 12.87 7.34
N ILE B 35 -0.53 13.85 6.91
CA ILE B 35 0.66 13.56 6.12
C ILE B 35 1.89 13.50 7.00
N HIS B 36 2.01 14.43 7.95
CA HIS B 36 3.22 14.58 8.74
C HIS B 36 3.08 14.13 10.18
N GLY B 37 1.87 13.77 10.59
CA GLY B 37 1.62 13.38 11.97
C GLY B 37 1.55 14.61 12.86
N HIS B 38 2.33 14.63 13.93
CA HIS B 38 2.36 15.78 14.83
C HIS B 38 3.29 16.87 14.30
N ILE B 39 2.74 18.05 14.14
CA ILE B 39 3.51 19.22 13.73
C ILE B 39 3.59 20.13 14.94
N GLU B 40 4.80 20.38 15.41
CA GLU B 40 5.02 21.29 16.54
C GLU B 40 5.25 22.69 16.03
N LEU B 41 4.53 23.64 16.60
CA LEU B 41 4.60 25.03 16.17
C LEU B 41 5.13 25.95 17.24
N HIS B 42 6.19 26.65 16.87
CA HIS B 42 6.75 27.71 17.68
C HIS B 42 5.70 28.83 17.87
N PRO B 43 5.62 29.42 19.06
CA PRO B 43 4.61 30.46 19.37
C PRO B 43 4.53 31.60 18.37
N LEU B 44 5.68 32.07 17.91
CA LEU B 44 5.75 33.08 16.87
C LEU B 44 5.05 32.65 15.58
N LEU B 45 5.19 31.38 15.21
CA LEU B 45 4.50 30.84 14.04
C LEU B 45 3.00 30.82 14.27
N VAL B 46 2.62 30.46 15.48
CA VAL B 46 1.21 30.43 15.89
C VAL B 46 0.60 31.81 15.73
N ARG B 47 1.38 32.83 16.05
CA ARG B 47 0.85 34.17 15.97
C ARG B 47 0.69 34.64 14.53
N ILE B 48 1.54 34.16 13.64
CA ILE B 48 1.43 34.50 12.24
C ILE B 48 0.21 33.78 11.64
N ILE B 49 -0.01 32.55 12.09
CA ILE B 49 -1.07 31.69 11.59
C ILE B 49 -2.44 32.21 11.98
N ASP B 50 -2.56 32.69 13.21
CA ASP B 50 -3.84 33.15 13.73
C ASP B 50 -4.15 34.60 13.34
N THR B 51 -4.17 34.81 12.03
CA THR B 51 -4.47 36.12 11.44
C THR B 51 -5.40 35.92 10.27
N PRO B 52 -6.23 36.91 9.95
CA PRO B 52 -7.11 36.82 8.80
C PRO B 52 -6.37 36.57 7.49
N GLN B 53 -5.16 37.11 7.41
CA GLN B 53 -4.36 36.99 6.21
C GLN B 53 -3.88 35.56 5.97
N PHE B 54 -3.68 34.82 7.05
CA PHE B 54 -3.24 33.46 6.92
C PHE B 54 -4.41 32.50 6.84
N GLN B 55 -5.44 32.79 7.63
CA GLN B 55 -6.60 31.91 7.74
C GLN B 55 -7.42 31.96 6.47
N ARG B 56 -7.21 33.02 5.72
CA ARG B 56 -7.72 33.14 4.36
C ARG B 56 -7.41 31.91 3.51
N LEU B 57 -6.23 31.31 3.72
CA LEU B 57 -5.83 30.16 2.93
C LEU B 57 -6.71 28.91 3.11
N ARG B 58 -7.58 28.91 4.13
CA ARG B 58 -8.56 27.83 4.33
C ARG B 58 -9.63 27.82 3.30
N TYR B 59 -9.77 28.90 2.56
CA TYR B 59 -10.87 29.04 1.61
C TYR B 59 -10.37 29.09 0.18
N ILE B 60 -9.22 28.47 -0.06
CA ILE B 60 -8.62 28.41 -1.38
C ILE B 60 -8.16 26.99 -1.67
N LYS B 61 -8.73 26.42 -2.71
CA LYS B 61 -8.50 25.03 -3.03
C LYS B 61 -7.13 24.82 -3.65
N GLN B 62 -6.42 23.84 -3.12
CA GLN B 62 -5.04 23.56 -3.56
C GLN B 62 -4.98 23.33 -5.06
N LEU B 63 -5.86 22.46 -5.54
CA LEU B 63 -5.87 22.06 -6.94
C LEU B 63 -6.90 22.80 -7.79
N GLY B 64 -7.45 23.89 -7.27
CA GLY B 64 -8.46 24.65 -7.99
C GLY B 64 -9.62 23.77 -8.51
N GLY B 65 -9.85 23.80 -9.82
CA GLY B 65 -10.92 23.02 -10.45
C GLY B 65 -10.75 21.51 -10.43
N GLY B 66 -9.61 21.05 -9.94
CA GLY B 66 -9.38 19.62 -9.76
C GLY B 66 -10.38 18.90 -8.89
N TYR B 67 -10.94 19.60 -7.90
CA TYR B 67 -11.93 18.99 -7.01
C TYR B 67 -13.16 18.51 -7.80
N TYR B 68 -13.45 19.19 -8.92
CA TYR B 68 -14.63 18.86 -9.75
C TYR B 68 -14.42 17.57 -10.56
N VAL B 69 -13.19 17.09 -10.60
CA VAL B 69 -12.84 15.82 -11.21
C VAL B 69 -12.41 14.78 -10.18
N PHE B 70 -11.74 15.20 -9.11
CA PHE B 70 -11.27 14.30 -8.07
C PHE B 70 -11.88 14.68 -6.71
N PRO B 71 -12.94 13.97 -6.30
CA PRO B 71 -13.66 14.28 -5.07
C PRO B 71 -12.87 14.19 -3.78
N GLY B 72 -11.78 13.42 -3.80
CA GLY B 72 -10.87 13.40 -2.67
C GLY B 72 -10.05 14.68 -2.49
N ALA B 73 -9.95 15.51 -3.54
CA ALA B 73 -9.11 16.70 -3.52
C ALA B 73 -9.84 17.94 -3.05
N SER B 74 -10.30 17.88 -1.80
CA SER B 74 -10.98 18.98 -1.12
C SER B 74 -10.02 19.87 -0.34
N HIS B 75 -8.74 19.49 -0.34
CA HIS B 75 -7.75 20.18 0.45
C HIS B 75 -7.45 21.59 -0.03
N ASN B 76 -7.10 22.41 0.94
CA ASN B 76 -6.88 23.82 0.72
C ASN B 76 -5.41 24.21 0.97
N ARG B 77 -5.08 25.44 0.60
CA ARG B 77 -3.72 25.94 0.75
C ARG B 77 -3.24 26.03 2.20
N PHE B 78 -4.18 26.20 3.13
CA PHE B 78 -3.85 26.39 4.52
C PHE B 78 -3.01 25.23 5.06
N GLU B 79 -3.58 24.03 4.96
CA GLU B 79 -2.92 22.84 5.51
C GLU B 79 -1.61 22.54 4.77
N HIS B 80 -1.58 22.85 3.49
CA HIS B 80 -0.36 22.69 2.72
C HIS B 80 0.72 23.60 3.30
N SER B 81 0.35 24.85 3.56
CA SER B 81 1.29 25.84 4.09
C SER B 81 1.87 25.43 5.46
N LEU B 82 1.03 24.88 6.34
CA LEU B 82 1.54 24.36 7.61
C LEU B 82 2.58 23.29 7.36
N GLY B 83 2.28 22.43 6.39
CA GLY B 83 3.14 21.32 6.07
C GLY B 83 4.49 21.76 5.55
N VAL B 84 4.47 22.78 4.69
CA VAL B 84 5.71 23.31 4.11
C VAL B 84 6.54 23.99 5.18
N GLY B 85 5.88 24.73 6.07
CA GLY B 85 6.56 25.38 7.20
C GLY B 85 7.24 24.35 8.08
N TYR B 86 6.53 23.24 8.33
CA TYR B 86 7.04 22.14 9.14
C TYR B 86 8.27 21.49 8.53
N LEU B 87 8.17 21.14 7.26
CA LEU B 87 9.26 20.47 6.57
C LEU B 87 10.46 21.38 6.43
N ALA B 88 10.23 22.65 6.11
CA ALA B 88 11.32 23.60 6.02
C ALA B 88 12.13 23.56 7.31
N GLY B 89 11.43 23.52 8.44
CA GLY B 89 12.08 23.49 9.73
C GLY B 89 12.86 22.23 9.99
N CYS B 90 12.24 21.09 9.67
CA CYS B 90 12.89 19.80 9.81
C CYS B 90 14.23 19.72 9.08
N LEU B 91 14.24 20.20 7.85
CA LEU B 91 15.43 20.11 7.01
C LEU B 91 16.54 20.96 7.59
N VAL B 92 16.24 22.24 7.84
CA VAL B 92 17.25 23.15 8.35
C VAL B 92 17.79 22.70 9.68
N HIS B 93 16.89 22.26 10.56
CA HIS B 93 17.29 21.80 11.88
C HIS B 93 18.21 20.59 11.80
N ALA B 94 17.92 19.70 10.87
CA ALA B 94 18.72 18.49 10.66
C ALA B 94 20.12 18.83 10.13
N LEU B 95 20.18 19.74 9.18
CA LEU B 95 21.44 20.21 8.64
C LEU B 95 22.32 20.83 9.72
N GLY B 96 21.69 21.56 10.64
CA GLY B 96 22.40 22.24 11.71
C GLY B 96 23.02 21.31 12.73
N GLU B 97 22.31 20.24 13.05
CA GLU B 97 22.80 19.22 13.97
C GLU B 97 23.99 18.47 13.38
N LYS B 98 23.84 18.02 12.15
CA LYS B 98 24.88 17.25 11.48
C LYS B 98 26.13 18.06 11.15
N GLN B 99 25.97 19.36 10.95
CA GLN B 99 27.08 20.20 10.53
C GLN B 99 27.06 21.56 11.26
N PRO B 100 27.40 21.55 12.57
CA PRO B 100 27.40 22.80 13.34
C PRO B 100 28.40 23.84 12.83
N GLU B 101 29.36 23.40 12.03
CA GLU B 101 30.25 24.33 11.32
C GLU B 101 29.55 25.29 10.35
N LEU B 102 28.28 25.03 10.06
CA LEU B 102 27.48 25.92 9.21
C LEU B 102 26.94 27.12 9.98
N GLN B 103 26.90 27.00 11.31
CA GLN B 103 26.50 28.07 12.22
C GLN B 103 25.06 28.50 12.01
N ILE B 104 24.19 27.51 11.88
CA ILE B 104 22.77 27.74 11.71
C ILE B 104 22.21 28.05 13.08
N SER B 105 21.81 29.30 13.28
CA SER B 105 21.20 29.72 14.54
C SER B 105 19.75 29.28 14.64
N GLU B 106 19.18 29.38 15.83
CA GLU B 106 17.74 29.12 16.02
C GLU B 106 16.94 30.21 15.29
N ARG B 107 17.52 31.39 15.21
CA ARG B 107 16.97 32.49 14.45
C ARG B 107 16.84 32.14 12.95
N ASP B 108 17.89 31.55 12.39
CA ASP B 108 17.87 31.07 11.01
C ASP B 108 16.74 30.04 10.77
N VAL B 109 16.61 29.10 11.70
CA VAL B 109 15.54 28.10 11.63
C VAL B 109 14.16 28.73 11.53
N LEU B 110 13.87 29.65 12.44
CA LEU B 110 12.57 30.33 12.47
C LEU B 110 12.24 31.08 11.20
N CYS B 111 13.23 31.74 10.63
CA CYS B 111 13.03 32.55 9.43
C CYS B 111 12.73 31.69 8.23
N VAL B 112 13.31 30.51 8.20
CA VAL B 112 13.05 29.56 7.13
C VAL B 112 11.66 28.94 7.33
N GLN B 113 11.30 28.62 8.56
CA GLN B 113 9.96 28.12 8.87
C GLN B 113 8.88 29.11 8.44
N ILE B 114 9.08 30.37 8.77
CA ILE B 114 8.14 31.43 8.45
C ILE B 114 7.99 31.55 6.95
N ALA B 115 9.10 31.46 6.24
CA ALA B 115 9.07 31.56 4.78
C ALA B 115 8.29 30.41 4.19
N GLY B 116 8.45 29.23 4.77
CA GLY B 116 7.73 28.05 4.31
C GLY B 116 6.25 28.18 4.58
N LEU B 117 5.94 28.69 5.77
CA LEU B 117 4.57 29.00 6.16
C LEU B 117 3.87 29.95 5.21
N CYS B 118 4.59 30.95 4.75
CA CYS B 118 3.98 32.13 4.10
C CYS B 118 4.19 32.23 2.60
N HIS B 119 4.86 31.24 2.03
CA HIS B 119 5.21 31.27 0.60
C HIS B 119 3.99 31.28 -0.33
N ASP B 120 2.87 30.78 0.17
CA ASP B 120 1.63 30.71 -0.62
C ASP B 120 0.55 31.72 -0.22
N LEU B 121 0.89 32.70 0.61
CA LEU B 121 -0.06 33.73 1.03
C LEU B 121 -0.71 34.48 -0.14
N GLY B 122 0.02 34.56 -1.26
CA GLY B 122 -0.41 35.35 -2.43
C GLY B 122 -1.32 34.66 -3.44
N HIS B 123 -1.58 33.38 -3.21
CA HIS B 123 -2.51 32.68 -4.07
C HIS B 123 -3.91 33.29 -4.06
N GLY B 124 -4.57 33.20 -5.19
CA GLY B 124 -5.92 33.71 -5.34
C GLY B 124 -6.91 32.59 -5.47
N PRO B 125 -8.18 32.94 -5.68
CA PRO B 125 -9.22 31.92 -5.90
C PRO B 125 -8.78 30.81 -6.85
N PHE B 126 -8.94 29.56 -6.42
CA PHE B 126 -8.61 28.39 -7.22
C PHE B 126 -7.13 28.29 -7.60
N SER B 127 -6.31 28.89 -6.76
CA SER B 127 -4.85 28.78 -6.86
C SER B 127 -4.33 29.17 -8.25
N HIS B 128 -3.67 28.23 -8.93
CA HIS B 128 -2.93 28.53 -10.15
C HIS B 128 -3.79 29.04 -11.30
N MET B 129 -5.05 28.68 -11.29
CA MET B 129 -6.02 29.25 -12.21
C MET B 129 -6.03 30.79 -12.17
N PHE B 130 -5.77 31.37 -11.01
CA PHE B 130 -5.93 32.80 -10.83
C PHE B 130 -4.82 33.62 -11.45
N ASP B 131 -3.57 33.33 -11.07
CA ASP B 131 -2.43 34.07 -11.61
C ASP B 131 -1.99 33.51 -12.96
N GLY B 132 -2.19 32.21 -13.14
CA GLY B 132 -1.84 31.55 -14.39
C GLY B 132 -2.73 31.83 -15.58
N ARG B 133 -3.99 32.21 -15.33
CA ARG B 133 -4.93 32.41 -16.42
C ARG B 133 -5.86 33.61 -16.27
N PHE B 134 -6.47 33.78 -15.11
CA PHE B 134 -7.50 34.83 -14.97
C PHE B 134 -6.94 36.25 -15.12
N ILE B 135 -5.88 36.57 -14.37
CA ILE B 135 -5.29 37.92 -14.41
C ILE B 135 -4.74 38.23 -15.81
N PRO B 136 -4.03 37.26 -16.44
CA PRO B 136 -3.63 37.47 -17.82
C PRO B 136 -4.78 37.83 -18.77
N LEU B 137 -5.87 37.08 -18.73
CA LEU B 137 -6.99 37.37 -19.61
C LEU B 137 -7.71 38.65 -19.26
N ALA B 138 -7.66 39.05 -18.00
CA ALA B 138 -8.43 40.22 -17.53
C ALA B 138 -7.65 41.52 -17.62
N ARG B 139 -6.35 41.44 -17.38
CA ARG B 139 -5.47 42.59 -17.40
C ARG B 139 -4.13 42.19 -18.00
N PRO B 140 -4.09 42.02 -19.33
CA PRO B 140 -2.88 41.55 -20.02
C PRO B 140 -1.65 42.46 -19.85
N GLU B 141 -1.91 43.75 -19.60
CA GLU B 141 -0.88 44.75 -19.34
C GLU B 141 -0.06 44.49 -18.07
N VAL B 142 -0.73 43.96 -17.04
CA VAL B 142 -0.13 43.82 -15.70
C VAL B 142 0.76 42.59 -15.58
N LYS B 143 1.83 42.73 -14.80
CA LYS B 143 2.70 41.60 -14.45
C LYS B 143 2.41 41.16 -13.02
N TRP B 144 1.97 39.91 -12.87
CA TRP B 144 1.53 39.42 -11.55
C TRP B 144 1.82 37.94 -11.34
N THR B 145 2.39 37.65 -10.19
CA THR B 145 2.58 36.26 -9.76
C THR B 145 2.12 36.12 -8.32
N HIS B 146 1.70 34.92 -7.95
CA HIS B 146 1.27 34.69 -6.59
C HIS B 146 2.40 34.92 -5.60
N GLU B 147 3.63 34.67 -6.03
CA GLU B 147 4.80 34.92 -5.19
C GLU B 147 4.90 36.39 -4.83
N GLN B 148 4.80 37.28 -5.82
CA GLN B 148 4.76 38.72 -5.54
C GLN B 148 3.66 39.02 -4.54
N GLY B 149 2.52 38.38 -4.75
CA GLY B 149 1.37 38.46 -3.84
C GLY B 149 1.69 38.01 -2.43
N SER B 150 2.45 36.92 -2.32
CA SER B 150 2.84 36.39 -1.01
C SER B 150 3.68 37.37 -0.22
N VAL B 151 4.54 38.10 -0.92
CA VAL B 151 5.37 39.12 -0.30
C VAL B 151 4.51 40.29 0.20
N MET B 152 3.65 40.78 -0.67
CA MET B 152 2.76 41.90 -0.31
C MET B 152 1.84 41.51 0.86
N MET B 153 1.27 40.32 0.79
CA MET B 153 0.37 39.85 1.81
C MET B 153 1.12 39.62 3.11
N PHE B 154 2.35 39.14 3.03
CA PHE B 154 3.17 38.90 4.22
C PHE B 154 3.45 40.23 4.94
N GLU B 155 3.90 41.20 4.16
CA GLU B 155 4.09 42.57 4.63
C GLU B 155 2.81 43.07 5.30
N HIS B 156 1.70 42.88 4.63
CA HIS B 156 0.41 43.33 5.15
C HIS B 156 0.05 42.61 6.46
N LEU B 157 0.35 41.32 6.51
CA LEU B 157 0.08 40.49 7.70
C LEU B 157 0.89 41.00 8.89
N ILE B 158 2.18 41.19 8.67
CA ILE B 158 3.10 41.69 9.69
C ILE B 158 2.59 43.00 10.29
N ASN B 159 2.34 43.99 9.43
CA ASN B 159 1.88 45.32 9.86
C ASN B 159 0.52 45.31 10.51
N SER B 160 -0.43 44.60 9.93
CA SER B 160 -1.80 44.58 10.44
C SER B 160 -1.96 43.91 11.81
N ASN B 161 -0.99 43.09 12.22
CA ASN B 161 -1.13 42.30 13.45
C ASN B 161 0.02 42.47 14.47
N GLY B 162 0.82 43.52 14.28
CA GLY B 162 1.89 43.84 15.24
C GLY B 162 2.83 42.70 15.52
N ILE B 163 3.29 42.07 14.45
CA ILE B 163 4.15 40.89 14.53
C ILE B 163 5.62 41.26 14.79
N LYS B 164 6.04 42.44 14.38
CA LYS B 164 7.45 42.88 14.55
C LYS B 164 7.97 42.82 15.99
N PRO B 165 7.22 43.37 16.95
CA PRO B 165 7.60 43.25 18.37
C PRO B 165 7.70 41.81 18.85
N VAL B 166 6.82 40.96 18.34
CA VAL B 166 6.80 39.56 18.74
C VAL B 166 8.01 38.86 18.15
N MET B 167 8.38 39.27 16.93
CA MET B 167 9.58 38.74 16.29
C MET B 167 10.80 39.06 17.12
N GLU B 168 10.89 40.32 17.54
CA GLU B 168 12.01 40.81 18.36
C GLU B 168 12.10 40.04 19.66
N GLN B 169 10.94 39.84 20.28
CA GLN B 169 10.83 39.06 21.51
C GLN B 169 11.38 37.63 21.44
N TYR B 170 11.44 37.04 20.26
CA TYR B 170 11.99 35.69 20.08
C TYR B 170 13.32 35.69 19.31
N GLY B 171 13.99 36.83 19.29
CA GLY B 171 15.40 36.88 18.86
C GLY B 171 15.62 37.33 17.44
N LEU B 172 14.55 37.53 16.70
CA LEU B 172 14.67 37.94 15.30
C LEU B 172 14.99 39.42 15.23
N ILE B 173 15.60 39.82 14.13
CA ILE B 173 15.89 41.21 13.87
C ILE B 173 15.07 41.63 12.65
N PRO B 174 13.83 42.11 12.88
CA PRO B 174 12.86 42.38 11.85
C PRO B 174 13.36 42.93 10.52
N GLU B 175 14.16 43.99 10.50
CA GLU B 175 14.46 44.60 9.21
C GLU B 175 15.18 43.64 8.26
N GLU B 176 16.26 43.00 8.72
CA GLU B 176 17.02 42.06 7.88
C GLU B 176 16.33 40.71 7.72
N ASP B 177 15.74 40.20 8.81
CA ASP B 177 15.05 38.91 8.79
C ASP B 177 13.78 38.91 7.91
N ILE B 178 13.00 39.97 7.98
CA ILE B 178 11.85 40.11 7.08
C ILE B 178 12.31 40.14 5.62
N TYR B 179 13.43 40.80 5.37
CA TYR B 179 14.01 40.86 4.03
C TYR B 179 14.39 39.44 3.56
N PHE B 180 15.00 38.69 4.46
CA PHE B 180 15.43 37.31 4.19
C PHE B 180 14.23 36.43 3.82
N ILE B 181 13.20 36.48 4.66
CA ILE B 181 11.94 35.75 4.44
C ILE B 181 11.34 36.05 3.06
N LYS B 182 11.27 37.33 2.72
CA LYS B 182 10.72 37.70 1.41
C LYS B 182 11.55 37.14 0.28
N GLU B 183 12.87 37.16 0.45
CA GLU B 183 13.78 36.67 -0.58
C GLU B 183 13.62 35.18 -0.83
N GLN B 184 13.44 34.42 0.25
CA GLN B 184 13.16 32.99 0.17
C GLN B 184 11.92 32.67 -0.68
N ILE B 185 10.94 33.56 -0.62
CA ILE B 185 9.65 33.36 -1.24
C ILE B 185 9.66 33.71 -2.72
N VAL B 186 10.11 34.93 -3.02
CA VAL B 186 10.01 35.49 -4.38
C VAL B 186 11.32 35.46 -5.16
N GLY B 187 12.43 35.33 -4.44
CA GLY B 187 13.76 35.40 -5.05
C GLY B 187 14.46 36.69 -4.68
N PRO B 188 15.46 37.11 -5.46
CA PRO B 188 16.15 38.37 -5.18
C PRO B 188 15.27 39.57 -5.53
N LEU B 189 15.39 40.64 -4.74
CA LEU B 189 14.39 41.72 -4.76
C LEU B 189 14.86 42.92 -5.59
N GLU B 190 15.99 42.78 -6.27
CA GLU B 190 16.65 43.93 -6.89
C GLU B 190 16.64 45.17 -5.99
N SER B 196 26.87 39.20 -11.85
CA SER B 196 27.85 39.99 -11.12
C SER B 196 28.20 39.33 -9.80
N LEU B 197 27.21 39.27 -8.92
CA LEU B 197 27.45 39.26 -7.50
C LEU B 197 26.48 38.28 -6.80
N TRP B 198 26.66 38.22 -5.50
CA TRP B 198 25.71 37.60 -4.60
C TRP B 198 24.48 38.50 -4.54
N PRO B 199 23.35 38.06 -5.12
CA PRO B 199 22.20 38.94 -5.28
C PRO B 199 21.40 39.15 -3.99
N TYR B 200 21.58 38.27 -3.01
CA TYR B 200 20.76 38.31 -1.80
C TYR B 200 21.38 39.19 -0.73
N LYS B 201 20.52 39.88 0.00
CA LYS B 201 20.95 40.78 1.05
C LYS B 201 20.46 40.40 2.45
N GLY B 202 19.66 39.35 2.55
CA GLY B 202 19.07 38.93 3.84
C GLY B 202 20.00 38.04 4.62
N ARG B 203 20.85 37.32 3.90
CA ARG B 203 21.89 36.50 4.49
C ARG B 203 23.13 36.50 3.58
N PRO B 204 24.32 36.42 4.17
CA PRO B 204 25.55 36.37 3.37
C PRO B 204 25.75 35.07 2.58
N GLU B 205 26.72 35.08 1.66
CA GLU B 205 26.95 33.95 0.74
C GLU B 205 27.34 32.65 1.42
N ASN B 206 27.90 32.73 2.62
CA ASN B 206 28.28 31.51 3.36
C ASN B 206 27.07 30.76 3.92
N LYS B 207 25.89 31.34 3.75
CA LYS B 207 24.63 30.69 4.09
C LYS B 207 23.69 30.62 2.88
N SER B 208 24.29 30.51 1.70
CA SER B 208 23.55 30.43 0.45
C SER B 208 22.60 29.22 0.40
N PHE B 209 23.00 28.14 1.06
CA PHE B 209 22.22 26.90 1.08
C PHE B 209 20.82 27.10 1.70
N LEU B 210 20.70 28.03 2.64
CA LEU B 210 19.40 28.34 3.25
C LEU B 210 18.33 28.78 2.22
N TYR B 211 18.78 29.38 1.11
CA TYR B 211 17.87 29.85 0.06
C TYR B 211 17.41 28.75 -0.90
N GLU B 212 17.82 27.52 -0.63
CA GLU B 212 17.39 26.39 -1.45
C GLU B 212 16.32 25.50 -0.81
N ILE B 213 15.85 25.88 0.36
CA ILE B 213 14.97 25.03 1.13
C ILE B 213 13.49 25.17 0.73
N VAL B 214 12.96 26.38 0.77
CA VAL B 214 11.54 26.61 0.54
C VAL B 214 11.23 26.61 -0.94
N SER B 215 11.98 27.42 -1.68
CA SER B 215 11.82 27.53 -3.13
C SER B 215 13.16 27.42 -3.81
N ASN B 216 13.34 26.31 -4.52
CA ASN B 216 14.57 26.04 -5.27
C ASN B 216 14.30 26.05 -6.77
N LYS B 217 14.62 27.20 -7.36
CA LYS B 217 14.36 27.51 -8.76
C LYS B 217 15.17 26.56 -9.67
N ARG B 218 16.47 26.50 -9.42
CA ARG B 218 17.41 25.83 -10.31
C ARG B 218 17.15 24.32 -10.53
N ASN B 219 16.98 23.50 -9.49
CA ASN B 219 16.75 22.05 -9.68
C ASN B 219 15.35 21.53 -9.32
N GLY B 220 14.46 22.45 -8.94
CA GLY B 220 13.10 22.09 -8.55
C GLY B 220 12.99 21.02 -7.45
N ILE B 221 13.91 21.06 -6.50
CA ILE B 221 13.84 20.21 -5.30
C ILE B 221 13.81 21.09 -4.05
N ASP B 222 12.61 21.23 -3.49
CA ASP B 222 12.40 22.01 -2.28
C ASP B 222 11.33 21.35 -1.43
N VAL B 223 11.20 21.82 -0.20
CA VAL B 223 10.21 21.25 0.73
C VAL B 223 8.76 21.56 0.32
N ASP B 224 8.59 22.62 -0.45
CA ASP B 224 7.28 22.96 -1.00
C ASP B 224 6.76 21.77 -1.80
N LYS B 225 7.50 21.36 -2.82
CA LYS B 225 7.15 20.18 -3.62
C LYS B 225 7.03 18.89 -2.81
N TRP B 226 7.85 18.72 -1.78
CA TRP B 226 7.71 17.51 -0.98
C TRP B 226 6.35 17.44 -0.36
N ASP B 227 5.88 18.54 0.19
CA ASP B 227 4.57 18.52 0.84
C ASP B 227 3.46 18.27 -0.17
N TYR B 228 3.41 19.04 -1.24
CA TYR B 228 2.27 18.89 -2.13
C TYR B 228 2.24 17.58 -2.89
N PHE B 229 3.41 16.99 -3.17
CA PHE B 229 3.41 15.65 -3.78
C PHE B 229 2.76 14.64 -2.85
N ALA B 230 3.21 14.64 -1.61
CA ALA B 230 2.66 13.73 -0.61
C ALA B 230 1.17 14.01 -0.36
N ARG B 231 0.82 15.28 -0.25
CA ARG B 231 -0.54 15.66 0.11
C ARG B 231 -1.50 15.40 -1.03
N ASP B 232 -1.13 15.84 -2.21
CA ASP B 232 -1.94 15.62 -3.40
C ASP B 232 -2.13 14.13 -3.66
N CYS B 233 -1.06 13.35 -3.49
CA CYS B 233 -1.16 11.88 -3.64
C CYS B 233 -2.16 11.28 -2.70
N HIS B 234 -2.04 11.67 -1.43
CA HIS B 234 -2.92 11.21 -0.37
C HIS B 234 -4.38 11.48 -0.65
N HIS B 235 -4.65 12.66 -1.21
CA HIS B 235 -6.04 13.06 -1.51
C HIS B 235 -6.57 12.53 -2.85
N LEU B 236 -5.68 12.34 -3.81
CA LEU B 236 -6.10 11.92 -5.16
C LEU B 236 -6.29 10.42 -5.26
N GLY B 237 -5.59 9.69 -4.41
CA GLY B 237 -5.57 8.24 -4.46
C GLY B 237 -4.43 7.70 -5.30
N ILE B 238 -3.45 8.55 -5.57
CA ILE B 238 -2.28 8.18 -6.34
C ILE B 238 -1.19 7.77 -5.39
N GLN B 239 -0.42 6.76 -5.78
CA GLN B 239 0.66 6.20 -4.99
C GLN B 239 1.90 7.12 -4.96
N ASN B 240 2.33 7.43 -3.75
CA ASN B 240 3.52 8.24 -3.52
C ASN B 240 4.69 7.34 -3.18
N ASN B 241 5.73 7.40 -4.01
CA ASN B 241 6.91 6.55 -3.91
C ASN B 241 8.05 7.21 -3.12
N PHE B 242 8.10 8.54 -3.14
CA PHE B 242 9.17 9.32 -2.49
C PHE B 242 9.04 9.26 -0.99
N ASP B 243 10.18 9.13 -0.31
CA ASP B 243 10.24 9.15 1.15
C ASP B 243 11.03 10.39 1.63
N TYR B 244 10.31 11.47 1.90
CA TYR B 244 10.95 12.75 2.22
C TYR B 244 11.80 12.68 3.51
N LYS B 245 11.36 11.91 4.49
CA LYS B 245 12.06 11.87 5.79
C LYS B 245 13.46 11.32 5.63
N ARG B 246 13.53 10.22 4.89
CA ARG B 246 14.77 9.54 4.57
C ARG B 246 15.72 10.53 3.89
N PHE B 247 15.21 11.28 2.93
CA PHE B 247 16.00 12.26 2.21
C PHE B 247 16.55 13.32 3.15
N ILE B 248 15.70 13.85 4.01
CA ILE B 248 16.11 14.84 5.01
C ILE B 248 17.24 14.27 5.88
N LYS B 249 17.00 13.08 6.42
CA LYS B 249 17.94 12.40 7.31
C LYS B 249 19.34 12.23 6.71
N PHE B 250 19.43 12.04 5.40
CA PHE B 250 20.72 11.85 4.71
C PHE B 250 21.20 13.06 3.92
N ALA B 251 20.62 14.23 4.17
CA ALA B 251 20.98 15.42 3.40
C ALA B 251 22.11 16.15 4.10
N ARG B 252 22.96 16.79 3.30
CA ARG B 252 24.13 17.49 3.82
C ARG B 252 24.49 18.67 2.95
N VAL B 253 25.03 19.70 3.60
CA VAL B 253 25.56 20.84 2.88
C VAL B 253 26.98 20.50 2.46
N CYS B 254 27.31 20.81 1.22
CA CYS B 254 28.58 20.37 0.66
C CYS B 254 29.06 21.29 -0.47
N GLU B 255 30.36 21.26 -0.70
CA GLU B 255 31.06 22.18 -1.60
C GLU B 255 30.80 21.80 -3.07
N VAL B 256 30.32 22.76 -3.85
CA VAL B 256 30.07 22.56 -5.28
C VAL B 256 30.41 23.83 -6.03
N ASP B 257 31.36 23.75 -6.95
CA ASP B 257 31.74 24.91 -7.76
C ASP B 257 32.07 26.11 -6.87
N ASN B 258 32.68 25.84 -5.72
CA ASN B 258 32.98 26.84 -4.68
C ASN B 258 31.72 27.58 -4.20
N GLU B 259 30.65 26.82 -4.01
CA GLU B 259 29.41 27.33 -3.45
C GLU B 259 28.78 26.28 -2.55
N LEU B 260 28.05 26.75 -1.54
CA LEU B 260 27.38 25.85 -0.63
C LEU B 260 25.99 25.48 -1.12
N ARG B 261 25.77 24.18 -1.21
CA ARG B 261 24.53 23.63 -1.73
C ARG B 261 24.11 22.46 -0.87
N ILE B 262 22.84 22.09 -0.99
CA ILE B 262 22.32 20.95 -0.26
C ILE B 262 22.50 19.73 -1.14
N CYS B 263 23.09 18.69 -0.57
CA CYS B 263 23.54 17.52 -1.32
C CYS B 263 22.95 16.26 -0.72
N ALA B 264 22.63 15.31 -1.59
CA ALA B 264 22.07 14.03 -1.18
C ALA B 264 23.16 12.98 -1.13
N ARG B 265 23.06 12.04 -0.18
CA ARG B 265 23.99 10.89 -0.19
C ARG B 265 23.72 10.05 -1.45
N ASP B 266 24.77 9.44 -1.96
CA ASP B 266 24.70 8.66 -3.21
C ASP B 266 23.71 7.49 -3.15
N LYS B 267 23.58 6.91 -1.97
CA LYS B 267 22.59 5.84 -1.68
C LYS B 267 21.11 6.26 -1.86
N GLU B 268 20.87 7.57 -1.88
CA GLU B 268 19.52 8.14 -2.01
C GLU B 268 19.05 8.35 -3.44
N VAL B 269 19.88 7.99 -4.41
CA VAL B 269 19.56 8.19 -5.83
C VAL B 269 18.23 7.53 -6.27
N GLY B 270 17.91 6.37 -5.73
CA GLY B 270 16.65 5.67 -6.06
C GLY B 270 15.45 6.43 -5.54
N ASN B 271 15.59 6.96 -4.33
CA ASN B 271 14.56 7.78 -3.72
C ASN B 271 14.23 9.00 -4.59
N LEU B 272 15.26 9.66 -5.10
CA LEU B 272 15.07 10.76 -6.04
C LEU B 272 14.35 10.37 -7.32
N TYR B 273 14.70 9.24 -7.91
CA TYR B 273 13.99 8.77 -9.10
C TYR B 273 12.51 8.56 -8.79
N ASP B 274 12.25 8.03 -7.61
CA ASP B 274 10.87 7.83 -7.17
C ASP B 274 10.11 9.16 -7.04
N MET B 275 10.80 10.19 -6.54
CA MET B 275 10.24 11.52 -6.47
C MET B 275 9.84 12.04 -7.84
N PHE B 276 10.77 11.94 -8.79
CA PHE B 276 10.51 12.45 -10.13
C PHE B 276 9.41 11.70 -10.83
N HIS B 277 9.25 10.42 -10.51
CA HIS B 277 8.19 9.64 -11.12
C HIS B 277 6.84 10.05 -10.53
N THR B 278 6.83 10.26 -9.23
CA THR B 278 5.65 10.73 -8.56
C THR B 278 5.21 12.08 -9.15
N ARG B 279 6.16 12.99 -9.26
CA ARG B 279 5.90 14.26 -9.95
C ARG B 279 5.28 14.04 -11.33
N ASN B 280 5.88 13.20 -12.15
CA ASN B 280 5.36 13.01 -13.50
C ASN B 280 3.95 12.47 -13.52
N SER B 281 3.68 11.53 -12.62
CA SER B 281 2.36 10.92 -12.51
C SER B 281 1.31 11.92 -12.12
N LEU B 282 1.62 12.75 -11.14
CA LEU B 282 0.72 13.79 -10.69
C LEU B 282 0.35 14.73 -11.82
N HIS B 283 1.34 15.08 -12.64
CA HIS B 283 1.13 16.03 -13.74
C HIS B 283 0.31 15.42 -14.84
N ARG B 284 0.67 14.21 -15.23
CA ARG B 284 -0.08 13.48 -16.24
C ARG B 284 -1.51 13.19 -15.82
N ARG B 285 -1.65 12.66 -14.62
CA ARG B 285 -2.93 12.17 -14.14
C ARG B 285 -3.86 13.26 -13.57
N ALA B 286 -3.29 14.29 -12.96
CA ALA B 286 -4.09 15.27 -12.22
C ALA B 286 -3.95 16.69 -12.74
N TYR B 287 -2.77 17.26 -12.57
CA TYR B 287 -2.59 18.67 -12.90
C TYR B 287 -2.97 19.00 -14.34
N GLN B 288 -2.68 18.09 -15.27
CA GLN B 288 -2.95 18.27 -16.71
C GLN B 288 -4.16 17.49 -17.20
N HIS B 289 -5.03 17.12 -16.28
CA HIS B 289 -6.22 16.36 -16.62
C HIS B 289 -7.09 17.15 -17.58
N LYS B 290 -7.64 16.47 -18.57
CA LYS B 290 -8.33 17.12 -19.68
C LYS B 290 -9.53 17.90 -19.21
N VAL B 291 -10.44 17.25 -18.49
CA VAL B 291 -11.68 17.89 -18.03
C VAL B 291 -11.45 18.87 -16.88
N GLY B 292 -10.49 18.55 -16.03
CA GLY B 292 -10.12 19.41 -14.92
C GLY B 292 -9.67 20.78 -15.40
N ASN B 293 -8.85 20.78 -16.45
CA ASN B 293 -8.40 22.02 -17.08
C ASN B 293 -9.54 22.77 -17.79
N ILE B 294 -10.44 22.03 -18.40
CA ILE B 294 -11.60 22.65 -19.05
C ILE B 294 -12.41 23.40 -18.00
N ILE B 295 -12.70 22.72 -16.89
CA ILE B 295 -13.44 23.32 -15.79
C ILE B 295 -12.76 24.58 -15.26
N ASP B 296 -11.42 24.56 -15.17
CA ASP B 296 -10.67 25.77 -14.77
C ASP B 296 -10.96 26.94 -15.72
N THR B 297 -11.06 26.65 -17.01
CA THR B 297 -11.30 27.72 -17.99
C THR B 297 -12.76 28.18 -17.97
N MET B 298 -13.66 27.30 -17.58
CA MET B 298 -15.07 27.71 -17.38
C MET B 298 -15.24 28.63 -16.18
N ILE B 299 -14.58 28.29 -15.08
CA ILE B 299 -14.62 29.12 -13.90
C ILE B 299 -14.04 30.47 -14.22
N THR B 300 -12.94 30.47 -14.97
CA THR B 300 -12.30 31.71 -15.38
C THR B 300 -13.22 32.53 -16.26
N ASP B 301 -13.96 31.86 -17.12
CA ASP B 301 -14.88 32.53 -18.01
C ASP B 301 -15.96 33.24 -17.21
N ALA B 302 -16.50 32.55 -16.22
CA ALA B 302 -17.49 33.15 -15.34
C ALA B 302 -16.94 34.38 -14.60
N PHE B 303 -15.72 34.28 -14.10
CA PHE B 303 -15.10 35.42 -13.40
C PHE B 303 -14.98 36.61 -14.34
N LEU B 304 -14.56 36.36 -15.57
CA LEU B 304 -14.41 37.46 -16.55
C LEU B 304 -15.73 38.16 -16.83
N LYS B 305 -16.80 37.37 -16.94
CA LYS B 305 -18.15 37.92 -17.13
C LYS B 305 -18.70 38.60 -15.87
N ALA B 306 -18.16 38.28 -14.71
CA ALA B 306 -18.61 38.87 -13.44
C ALA B 306 -17.77 40.05 -12.99
N ASP B 307 -16.59 40.21 -13.58
CA ASP B 307 -15.58 41.15 -13.09
C ASP B 307 -16.04 42.60 -13.01
N ASP B 308 -16.85 43.01 -13.97
CA ASP B 308 -17.35 44.40 -13.99
C ASP B 308 -18.35 44.70 -12.89
N TYR B 309 -19.00 43.66 -12.36
CA TYR B 309 -20.14 43.85 -11.46
C TYR B 309 -19.94 43.44 -10.00
N ILE B 310 -18.79 42.86 -9.68
CA ILE B 310 -18.55 42.38 -8.32
C ILE B 310 -17.74 43.43 -7.61
N GLU B 311 -18.13 43.74 -6.39
CA GLU B 311 -17.42 44.73 -5.60
C GLU B 311 -16.82 44.10 -4.37
N ILE B 312 -15.53 44.33 -4.20
CA ILE B 312 -14.83 43.94 -3.00
C ILE B 312 -14.27 45.17 -2.31
N THR B 313 -14.57 45.30 -1.03
CA THR B 313 -14.15 46.48 -0.29
C THR B 313 -12.75 46.32 0.23
N GLY B 314 -11.90 47.26 -0.14
CA GLY B 314 -10.52 47.29 0.30
C GLY B 314 -10.25 48.37 1.33
N ALA B 315 -9.01 48.84 1.38
CA ALA B 315 -8.62 49.85 2.34
C ALA B 315 -9.35 51.19 2.13
N GLY B 316 -9.79 51.78 3.24
CA GLY B 316 -10.44 53.10 3.21
C GLY B 316 -11.79 53.10 2.50
N GLY B 317 -12.45 51.93 2.51
CA GLY B 317 -13.77 51.76 1.89
C GLY B 317 -13.74 51.68 0.38
N LYS B 318 -12.55 51.75 -0.21
CA LYS B 318 -12.40 51.80 -1.65
C LYS B 318 -12.81 50.46 -2.25
N LYS B 319 -13.42 50.50 -3.43
CA LYS B 319 -14.02 49.31 -4.02
C LYS B 319 -13.19 48.77 -5.12
N TYR B 320 -13.04 47.45 -5.14
CA TYR B 320 -12.19 46.78 -6.09
C TYR B 320 -12.96 45.69 -6.79
N ARG B 321 -12.47 45.34 -7.97
CA ARG B 321 -13.01 44.23 -8.73
C ARG B 321 -12.17 42.99 -8.49
N ILE B 322 -12.67 41.85 -8.95
CA ILE B 322 -11.91 40.62 -8.82
C ILE B 322 -10.50 40.81 -9.36
N SER B 323 -10.43 41.42 -10.54
CA SER B 323 -9.15 41.61 -11.25
C SER B 323 -8.27 42.70 -10.67
N THR B 324 -8.84 43.61 -9.88
CA THR B 324 -8.05 44.71 -9.29
C THR B 324 -7.77 44.54 -7.80
N ALA B 325 -8.38 43.54 -7.18
CA ALA B 325 -8.14 43.29 -5.76
C ALA B 325 -6.66 42.98 -5.46
N ILE B 326 -5.93 42.53 -6.46
CA ILE B 326 -4.48 42.27 -6.30
C ILE B 326 -3.67 43.53 -6.02
N ASP B 327 -4.28 44.68 -6.25
CA ASP B 327 -3.61 45.96 -6.04
C ASP B 327 -3.78 46.47 -4.62
N ASP B 328 -4.56 45.76 -3.82
CA ASP B 328 -4.90 46.20 -2.47
C ASP B 328 -5.10 45.00 -1.54
N MET B 329 -4.15 44.80 -0.62
CA MET B 329 -4.12 43.60 0.20
C MET B 329 -5.30 43.47 1.17
N GLU B 330 -5.91 44.58 1.54
CA GLU B 330 -7.08 44.51 2.41
C GLU B 330 -8.23 43.84 1.66
N ALA B 331 -8.40 44.23 0.42
CA ALA B 331 -9.42 43.63 -0.43
C ALA B 331 -9.06 42.16 -0.77
N TYR B 332 -7.80 41.94 -1.11
CA TYR B 332 -7.34 40.62 -1.55
C TYR B 332 -7.57 39.59 -0.46
N THR B 333 -7.42 40.04 0.79
CA THR B 333 -7.71 39.20 1.96
C THR B 333 -9.10 38.54 1.92
N LYS B 334 -10.06 39.27 1.38
CA LYS B 334 -11.44 38.80 1.30
C LYS B 334 -11.78 38.16 -0.05
N LEU B 335 -10.77 37.88 -0.87
CA LEU B 335 -10.95 37.26 -2.20
C LEU B 335 -10.51 35.79 -2.22
N THR B 336 -11.48 34.89 -2.15
CA THR B 336 -11.24 33.49 -2.01
C THR B 336 -12.20 32.72 -2.92
N ASP B 337 -12.26 31.40 -2.78
CA ASP B 337 -13.12 30.58 -3.62
C ASP B 337 -14.58 30.92 -3.38
N ASN B 338 -14.86 31.58 -2.27
CA ASN B 338 -16.17 32.13 -2.01
C ASN B 338 -16.76 32.92 -3.19
N ILE B 339 -15.90 33.61 -3.92
CA ILE B 339 -16.34 34.39 -5.07
C ILE B 339 -17.11 33.53 -6.09
N PHE B 340 -16.80 32.25 -6.15
CA PHE B 340 -17.52 31.30 -6.99
C PHE B 340 -18.99 31.24 -6.56
N LEU B 341 -19.20 31.10 -5.27
CA LEU B 341 -20.56 30.94 -4.72
C LEU B 341 -21.32 32.24 -4.65
N GLU B 342 -20.60 33.35 -4.53
CA GLU B 342 -21.23 34.66 -4.54
C GLU B 342 -21.86 34.88 -5.92
N ILE B 343 -21.13 34.50 -6.97
CA ILE B 343 -21.67 34.50 -8.34
C ILE B 343 -22.80 33.49 -8.55
N LEU B 344 -22.56 32.27 -8.10
CA LEU B 344 -23.56 31.21 -8.25
C LEU B 344 -24.89 31.52 -7.57
N TYR B 345 -24.85 32.06 -6.35
CA TYR B 345 -26.05 32.34 -5.54
C TYR B 345 -26.65 33.72 -5.78
N SER B 346 -26.06 34.47 -6.69
CA SER B 346 -26.48 35.84 -6.93
C SER B 346 -27.84 35.90 -7.64
N THR B 347 -28.49 37.05 -7.49
CA THR B 347 -29.77 37.35 -8.15
C THR B 347 -29.68 38.56 -9.09
N ASP B 348 -28.65 39.39 -8.92
CA ASP B 348 -28.40 40.53 -9.80
C ASP B 348 -28.49 40.12 -11.27
N PRO B 349 -29.33 40.82 -12.06
CA PRO B 349 -29.44 40.56 -13.51
C PRO B 349 -28.14 40.74 -14.26
N LYS B 350 -27.28 41.62 -13.75
CA LYS B 350 -25.99 41.89 -14.36
C LYS B 350 -25.01 40.70 -14.28
N LEU B 351 -25.26 39.78 -13.34
CA LEU B 351 -24.44 38.59 -13.16
C LEU B 351 -25.04 37.35 -13.79
N LYS B 352 -26.12 37.52 -14.53
CA LYS B 352 -26.80 36.39 -15.14
C LYS B 352 -25.87 35.54 -16.04
N ASP B 353 -25.03 36.19 -16.82
CA ASP B 353 -24.16 35.47 -17.75
C ASP B 353 -23.13 34.62 -17.03
N ALA B 354 -22.51 35.23 -16.03
CA ALA B 354 -21.49 34.57 -15.22
C ALA B 354 -22.09 33.39 -14.47
N ARG B 355 -23.23 33.66 -13.88
CA ARG B 355 -24.00 32.68 -13.13
C ARG B 355 -24.38 31.50 -14.00
N GLU B 356 -24.72 31.77 -15.25
CA GLU B 356 -25.17 30.72 -16.16
C GLU B 356 -24.05 29.73 -16.49
N ILE B 357 -22.84 30.25 -16.64
CA ILE B 357 -21.68 29.39 -16.88
C ILE B 357 -21.40 28.47 -15.70
N LEU B 358 -21.50 28.99 -14.47
CA LEU B 358 -21.28 28.16 -13.31
C LEU B 358 -22.35 27.09 -13.22
N LYS B 359 -23.56 27.43 -13.63
CA LYS B 359 -24.64 26.45 -13.66
C LYS B 359 -24.37 25.36 -14.69
N GLN B 360 -23.75 25.70 -15.81
CA GLN B 360 -23.31 24.69 -16.78
C GLN B 360 -22.42 23.64 -16.10
N ILE B 361 -21.53 24.11 -15.23
CA ILE B 361 -20.63 23.22 -14.50
C ILE B 361 -21.40 22.26 -13.61
N GLU B 362 -22.39 22.77 -12.88
CA GLU B 362 -23.20 21.93 -12.00
C GLU B 362 -23.94 20.88 -12.79
N TYR B 363 -24.51 21.29 -13.92
CA TYR B 363 -25.27 20.39 -14.79
C TYR B 363 -24.37 19.50 -15.64
N ARG B 364 -23.07 19.83 -15.65
CA ARG B 364 -22.04 19.04 -16.35
C ARG B 364 -22.17 19.14 -17.86
N ASN B 365 -22.54 20.34 -18.32
CA ASN B 365 -22.55 20.67 -19.73
C ASN B 365 -21.35 21.51 -20.00
N LEU B 366 -20.21 20.85 -20.18
CA LEU B 366 -18.94 21.55 -20.20
C LEU B 366 -18.56 21.93 -21.61
N PHE B 367 -17.57 22.80 -21.73
CA PHE B 367 -16.93 23.04 -23.01
C PHE B 367 -16.38 21.72 -23.56
N LYS B 368 -16.27 21.62 -24.89
CA LYS B 368 -15.74 20.39 -25.51
C LYS B 368 -14.31 20.53 -25.99
N TYR B 369 -13.56 19.45 -25.79
CA TYR B 369 -12.17 19.36 -26.19
C TYR B 369 -12.05 19.26 -27.70
N VAL B 370 -11.27 20.17 -28.30
CA VAL B 370 -11.03 20.16 -29.74
C VAL B 370 -9.72 19.46 -30.07
N GLY B 371 -8.65 19.91 -29.46
CA GLY B 371 -7.38 19.23 -29.64
C GLY B 371 -6.21 19.90 -28.97
N GLU B 372 -5.03 19.38 -29.29
CA GLU B 372 -3.80 19.73 -28.60
C GLU B 372 -2.64 19.93 -29.58
N THR B 373 -1.72 20.81 -29.21
CA THR B 373 -0.53 21.09 -30.01
C THR B 373 0.57 21.63 -29.14
N GLN B 374 1.78 21.76 -29.71
CA GLN B 374 2.91 22.32 -29.01
C GLN B 374 3.59 23.36 -29.87
N PRO B 375 4.21 24.36 -29.25
CA PRO B 375 5.00 25.32 -30.02
C PRO B 375 6.38 24.80 -30.37
N THR B 376 6.67 24.78 -31.66
CA THR B 376 7.96 24.36 -32.19
C THR B 376 9.06 25.37 -31.83
N GLY B 377 10.26 24.83 -31.68
CA GLY B 377 11.41 25.60 -31.28
C GLY B 377 11.40 25.81 -29.80
N GLN B 378 12.11 26.85 -29.36
CA GLN B 378 12.13 27.29 -27.96
C GLN B 378 11.13 28.41 -27.72
N ILE B 379 10.12 28.46 -28.59
CA ILE B 379 9.08 29.46 -28.56
C ILE B 379 8.12 29.17 -27.42
N LYS B 380 7.80 30.22 -26.68
CA LYS B 380 6.82 30.15 -25.60
C LYS B 380 5.77 31.23 -25.79
N ILE B 381 4.51 30.83 -25.97
CA ILE B 381 3.41 31.79 -25.88
C ILE B 381 3.45 32.43 -24.50
N LYS B 382 3.37 33.75 -24.47
CA LYS B 382 3.50 34.51 -23.23
C LYS B 382 2.16 34.96 -22.71
N ARG B 383 2.12 35.28 -21.43
CA ARG B 383 0.87 35.60 -20.75
C ARG B 383 0.13 36.79 -21.34
N GLU B 384 0.86 37.86 -21.68
CA GLU B 384 0.26 39.05 -22.29
C GLU B 384 -0.46 38.76 -23.62
N ASP B 385 -0.14 37.64 -24.25
CA ASP B 385 -0.73 37.27 -25.54
C ASP B 385 -1.94 36.34 -25.42
N TYR B 386 -2.27 35.90 -24.20
CA TYR B 386 -3.34 34.88 -24.02
C TYR B 386 -4.69 35.36 -24.52
N GLU B 387 -4.98 36.64 -24.32
CA GLU B 387 -6.30 37.19 -24.68
C GLU B 387 -6.56 37.18 -26.18
N SER B 388 -5.51 37.33 -26.96
CA SER B 388 -5.59 37.41 -28.43
C SER B 388 -5.82 36.06 -29.13
N LEU B 389 -5.45 34.98 -28.45
CA LEU B 389 -5.38 33.67 -29.07
C LEU B 389 -6.70 33.18 -29.66
N PRO B 390 -7.81 33.34 -28.93
CA PRO B 390 -9.09 32.91 -29.51
C PRO B 390 -9.45 33.59 -30.82
N LYS B 391 -9.04 34.85 -30.98
CA LYS B 391 -9.32 35.60 -32.21
C LYS B 391 -8.49 35.04 -33.35
N GLU B 392 -7.20 34.82 -33.08
CA GLU B 392 -6.29 34.19 -34.05
C GLU B 392 -6.85 32.90 -34.62
N VAL B 393 -7.45 32.10 -33.75
CA VAL B 393 -7.97 30.81 -34.13
C VAL B 393 -9.17 30.96 -35.07
N ALA B 394 -10.07 31.88 -34.73
CA ALA B 394 -11.24 32.18 -35.57
C ALA B 394 -10.87 32.89 -36.88
N SER B 395 -9.80 33.67 -36.83
CA SER B 395 -9.21 34.33 -38.01
C SER B 395 -8.64 33.36 -39.03
N ALA B 396 -8.18 32.21 -38.56
CA ALA B 396 -7.61 31.18 -39.43
C ALA B 396 -8.63 30.72 -40.48
N LYS B 397 -8.10 30.40 -41.65
CA LYS B 397 -8.92 30.11 -42.83
C LYS B 397 -8.75 28.65 -43.27
N PRO B 398 -9.70 27.79 -42.87
CA PRO B 398 -9.61 26.41 -43.34
C PRO B 398 -9.92 26.36 -44.83
N LYS B 399 -9.20 25.54 -45.58
CA LYS B 399 -9.27 25.54 -47.06
C LYS B 399 -10.59 24.96 -47.54
N VAL B 400 -10.98 23.83 -46.94
CA VAL B 400 -12.32 23.26 -47.13
C VAL B 400 -13.32 24.08 -46.30
N LEU B 401 -13.90 25.08 -46.94
CA LEU B 401 -14.85 25.97 -46.26
C LEU B 401 -16.12 25.19 -45.92
N LEU B 402 -16.69 25.52 -44.76
CA LEU B 402 -17.78 24.76 -44.17
C LEU B 402 -19.00 25.61 -43.89
N ASP B 403 -20.08 24.91 -43.58
CA ASP B 403 -21.40 25.50 -43.47
C ASP B 403 -21.44 26.58 -42.41
N VAL B 404 -21.10 26.19 -41.18
CA VAL B 404 -21.24 27.08 -40.04
C VAL B 404 -19.90 27.71 -39.76
N LYS B 405 -19.91 29.02 -39.52
CA LYS B 405 -18.73 29.76 -39.12
C LYS B 405 -18.78 30.01 -37.64
N LEU B 406 -17.61 30.05 -37.02
CA LEU B 406 -17.49 30.25 -35.59
C LEU B 406 -16.76 31.56 -35.33
N LYS B 407 -17.03 32.13 -34.17
CA LYS B 407 -16.41 33.40 -33.76
C LYS B 407 -15.51 33.20 -32.53
N ALA B 408 -14.69 34.21 -32.24
CA ALA B 408 -13.67 34.18 -31.15
C ALA B 408 -14.23 33.79 -29.77
N GLU B 409 -15.41 34.31 -29.45
CA GLU B 409 -16.14 33.95 -28.23
C GLU B 409 -16.45 32.46 -28.09
N ASP B 410 -16.41 31.72 -29.19
CA ASP B 410 -16.74 30.29 -29.15
C ASP B 410 -15.54 29.41 -28.84
N PHE B 411 -14.37 30.02 -28.81
CA PHE B 411 -13.13 29.30 -28.59
C PHE B 411 -12.53 29.65 -27.24
N ILE B 412 -11.99 28.61 -26.61
CA ILE B 412 -11.13 28.75 -25.46
C ILE B 412 -9.76 28.23 -25.87
N VAL B 413 -8.73 28.99 -25.56
CA VAL B 413 -7.37 28.56 -25.81
C VAL B 413 -6.62 28.49 -24.48
N ASP B 414 -6.23 27.28 -24.12
CA ASP B 414 -5.66 26.97 -22.83
C ASP B 414 -4.17 26.65 -22.96
N VAL B 415 -3.33 27.48 -22.37
CA VAL B 415 -1.91 27.31 -22.43
C VAL B 415 -1.42 26.67 -21.13
N ILE B 416 -0.90 25.45 -21.24
CA ILE B 416 -0.46 24.69 -20.09
C ILE B 416 1.07 24.65 -20.03
N ASN B 417 1.64 25.19 -18.95
CA ASN B 417 3.10 25.27 -18.83
C ASN B 417 3.74 24.12 -18.04
N MET B 418 4.58 23.33 -18.74
CA MET B 418 5.32 22.17 -18.23
C MET B 418 4.43 20.93 -18.19
N ASP B 429 20.63 15.67 -15.31
CA ASP B 429 20.04 15.57 -13.96
C ASP B 429 21.05 16.01 -12.89
N HIS B 430 21.03 17.32 -12.59
CA HIS B 430 22.00 17.96 -11.67
C HIS B 430 21.46 18.30 -10.26
N VAL B 431 21.41 17.25 -9.46
CA VAL B 431 21.36 17.34 -8.00
C VAL B 431 22.71 16.84 -7.50
N SER B 432 23.23 17.52 -6.50
CA SER B 432 24.58 17.25 -6.02
C SER B 432 24.58 16.07 -5.07
N PHE B 433 25.54 15.17 -5.26
CA PHE B 433 25.69 14.01 -4.38
C PHE B 433 27.02 14.06 -3.63
N TYR B 434 27.08 13.29 -2.55
CA TYR B 434 28.31 13.16 -1.75
C TYR B 434 28.52 11.69 -1.37
N LYS B 457 7.72 11.75 -21.38
CA LYS B 457 8.02 12.81 -22.35
C LYS B 457 7.58 14.20 -21.83
N PHE B 458 8.55 15.10 -21.61
CA PHE B 458 8.27 16.35 -20.91
C PHE B 458 8.01 17.48 -21.89
N ALA B 459 6.74 17.90 -22.01
CA ALA B 459 6.34 19.03 -22.85
C ALA B 459 6.37 20.38 -22.10
N GLU B 460 7.33 21.24 -22.47
CA GLU B 460 7.53 22.55 -21.80
C GLU B 460 6.34 23.53 -21.94
N GLN B 461 5.58 23.38 -23.01
CA GLN B 461 4.32 24.09 -23.13
C GLN B 461 3.34 23.31 -24.00
N LEU B 462 2.15 23.08 -23.50
CA LEU B 462 1.07 22.51 -24.28
C LEU B 462 0.05 23.57 -24.54
N ILE B 463 -0.61 23.46 -25.70
CA ILE B 463 -1.69 24.35 -26.05
C ILE B 463 -2.90 23.50 -26.38
N ARG B 464 -3.99 23.72 -25.64
CA ARG B 464 -5.24 23.03 -25.91
C ARG B 464 -6.30 24.03 -26.29
N VAL B 465 -7.23 23.57 -27.12
CA VAL B 465 -8.32 24.39 -27.56
C VAL B 465 -9.63 23.66 -27.25
N TYR B 466 -10.58 24.42 -26.73
CA TYR B 466 -11.93 23.91 -26.45
C TYR B 466 -12.93 24.78 -27.17
N CYS B 467 -14.10 24.21 -27.46
CA CYS B 467 -15.20 24.95 -28.06
C CYS B 467 -16.42 25.03 -27.13
N LYS B 468 -17.03 26.21 -27.07
CA LYS B 468 -18.21 26.44 -26.23
C LYS B 468 -19.50 25.90 -26.83
N LYS B 469 -19.49 25.57 -28.12
CA LYS B 469 -20.64 24.96 -28.79
C LYS B 469 -20.39 23.47 -28.97
N VAL B 470 -21.36 22.66 -28.56
CA VAL B 470 -21.19 21.20 -28.51
C VAL B 470 -21.86 20.47 -29.68
N ASP B 471 -22.49 21.24 -30.58
CA ASP B 471 -23.11 20.75 -31.82
C ASP B 471 -22.07 20.06 -32.69
N ARG B 472 -22.36 18.83 -33.09
CA ARG B 472 -21.45 17.98 -33.89
C ARG B 472 -20.74 18.71 -35.05
N LYS B 473 -21.48 19.55 -35.75
CA LYS B 473 -20.95 20.29 -36.88
C LYS B 473 -20.04 21.44 -36.42
N SER B 474 -20.43 22.15 -35.36
CA SER B 474 -19.58 23.21 -34.77
C SER B 474 -18.25 22.61 -34.28
N LEU B 475 -18.33 21.43 -33.67
CA LEU B 475 -17.11 20.71 -33.22
C LEU B 475 -16.22 20.38 -34.39
N TYR B 476 -16.85 19.83 -35.43
CA TYR B 476 -16.16 19.55 -36.69
C TYR B 476 -15.47 20.82 -37.20
N ALA B 477 -16.25 21.90 -37.29
CA ALA B 477 -15.76 23.20 -37.76
C ALA B 477 -14.57 23.65 -36.94
N ALA B 478 -14.78 23.73 -35.62
CA ALA B 478 -13.77 24.16 -34.65
C ALA B 478 -12.46 23.41 -34.84
N ARG B 479 -12.56 22.11 -35.02
CA ARG B 479 -11.38 21.28 -35.33
C ARG B 479 -10.61 21.83 -36.53
N GLN B 480 -11.35 22.19 -37.57
CA GLN B 480 -10.74 22.67 -38.81
C GLN B 480 -10.01 24.00 -38.59
N TYR B 481 -10.68 24.94 -37.94
CA TYR B 481 -10.04 26.20 -37.56
C TYR B 481 -8.75 25.94 -36.78
N PHE B 482 -8.84 24.99 -35.85
CA PHE B 482 -7.74 24.69 -34.94
C PHE B 482 -6.54 24.17 -35.74
N VAL B 483 -6.81 23.17 -36.57
CA VAL B 483 -5.75 22.54 -37.40
C VAL B 483 -5.02 23.59 -38.24
N GLN B 484 -5.80 24.48 -38.85
CA GLN B 484 -5.26 25.54 -39.69
C GLN B 484 -4.40 26.51 -38.87
N TRP B 485 -4.94 26.93 -37.73
CA TRP B 485 -4.22 27.82 -36.82
C TRP B 485 -2.85 27.25 -36.45
N CYS B 486 -2.81 25.94 -36.20
CA CYS B 486 -1.54 25.28 -35.87
C CYS B 486 -0.57 25.39 -37.04
N ALA B 487 -1.09 25.14 -38.24
CA ALA B 487 -0.33 25.30 -39.49
C ALA B 487 0.21 26.74 -39.69
N ASP B 488 -0.68 27.74 -39.53
CA ASP B 488 -0.30 29.16 -39.65
C ASP B 488 0.81 29.59 -38.69
N ARG B 489 0.96 28.87 -37.58
CA ARG B 489 1.88 29.28 -36.52
C ARG B 489 3.12 28.41 -36.49
N ASN B 490 3.20 27.47 -37.43
CA ASN B 490 4.24 26.43 -37.43
C ASN B 490 4.30 25.73 -36.06
N PHE B 491 3.11 25.31 -35.61
CA PHE B 491 2.98 24.44 -34.44
C PHE B 491 2.88 23.01 -34.90
N THR B 492 3.09 22.07 -33.98
CA THR B 492 3.00 20.65 -34.31
C THR B 492 1.59 20.33 -34.82
N LYS B 493 1.50 19.31 -35.68
CA LYS B 493 0.22 18.97 -36.30
C LYS B 493 -0.65 18.08 -35.37
N PRO B 494 -1.90 18.51 -35.08
CA PRO B 494 -2.79 17.75 -34.19
C PRO B 494 -2.98 16.30 -34.61
N GLN B 495 -3.06 15.42 -33.61
CA GLN B 495 -3.47 14.01 -33.82
C GLN B 495 -4.62 13.74 -32.84
N ASP B 496 -5.11 12.51 -32.77
CA ASP B 496 -6.14 12.09 -31.80
C ASP B 496 -6.80 10.83 -32.33
N THR C 27 -12.75 -31.56 -15.81
CA THR C 27 -12.48 -30.09 -15.73
C THR C 27 -10.95 -29.82 -15.52
N MET C 28 -10.60 -28.54 -15.38
CA MET C 28 -9.21 -28.10 -15.44
C MET C 28 -8.58 -28.05 -14.06
N LYS C 29 -7.30 -28.38 -13.95
CA LYS C 29 -6.57 -28.28 -12.67
C LYS C 29 -6.25 -26.84 -12.31
N VAL C 30 -6.40 -26.50 -11.03
CA VAL C 30 -6.25 -25.12 -10.54
C VAL C 30 -5.07 -25.03 -9.56
N ILE C 31 -4.16 -24.10 -9.83
CA ILE C 31 -3.00 -23.85 -8.96
C ILE C 31 -3.11 -22.47 -8.33
N ASN C 32 -3.02 -22.40 -6.99
CA ASN C 32 -3.02 -21.13 -6.27
C ASN C 32 -1.68 -20.43 -6.31
N ASP C 33 -1.67 -19.24 -6.89
CA ASP C 33 -0.47 -18.44 -7.00
C ASP C 33 -0.70 -17.13 -6.26
N PRO C 34 0.27 -16.70 -5.45
CA PRO C 34 0.14 -15.42 -4.77
C PRO C 34 0.10 -14.17 -5.67
N ILE C 35 0.52 -14.29 -6.92
CA ILE C 35 0.51 -13.12 -7.82
C ILE C 35 -0.74 -13.11 -8.69
N HIS C 36 -1.15 -14.26 -9.18
CA HIS C 36 -2.24 -14.34 -10.13
C HIS C 36 -3.53 -14.95 -9.58
N GLY C 37 -3.49 -15.42 -8.33
CA GLY C 37 -4.65 -16.07 -7.72
C GLY C 37 -4.80 -17.47 -8.25
N HIS C 38 -5.98 -17.80 -8.77
CA HIS C 38 -6.21 -19.10 -9.34
C HIS C 38 -5.71 -19.18 -10.79
N ILE C 39 -4.84 -20.14 -11.05
CA ILE C 39 -4.36 -20.41 -12.39
C ILE C 39 -4.96 -21.72 -12.82
N GLU C 40 -5.76 -21.69 -13.88
CA GLU C 40 -6.39 -22.88 -14.44
C GLU C 40 -5.48 -23.46 -15.53
N LEU C 41 -5.20 -24.75 -15.39
CA LEU C 41 -4.31 -25.44 -16.32
C LEU C 41 -5.01 -26.51 -17.14
N HIS C 42 -4.86 -26.36 -18.45
CA HIS C 42 -5.29 -27.36 -19.40
C HIS C 42 -4.52 -28.68 -19.13
N PRO C 43 -5.19 -29.84 -19.23
CA PRO C 43 -4.56 -31.14 -18.99
C PRO C 43 -3.23 -31.39 -19.71
N LEU C 44 -3.17 -30.99 -20.96
CA LEU C 44 -1.94 -31.07 -21.76
C LEU C 44 -0.78 -30.29 -21.14
N LEU C 45 -1.09 -29.13 -20.57
CA LEU C 45 -0.08 -28.33 -19.84
C LEU C 45 0.36 -29.05 -18.58
N VAL C 46 -0.60 -29.63 -17.89
CA VAL C 46 -0.34 -30.41 -16.70
C VAL C 46 0.65 -31.53 -17.02
N ARG C 47 0.48 -32.13 -18.19
CA ARG C 47 1.35 -33.23 -18.55
C ARG C 47 2.77 -32.79 -18.91
N ILE C 48 2.90 -31.59 -19.45
CA ILE C 48 4.22 -31.03 -19.71
C ILE C 48 4.92 -30.64 -18.40
N ILE C 49 4.13 -30.14 -17.46
CA ILE C 49 4.62 -29.68 -16.16
C ILE C 49 5.14 -30.83 -15.31
N ASP C 50 4.42 -31.95 -15.33
CA ASP C 50 4.74 -33.10 -14.47
C ASP C 50 5.80 -34.00 -15.12
N THR C 51 6.94 -33.38 -15.40
CA THR C 51 8.09 -34.06 -16.00
C THR C 51 9.35 -33.59 -15.29
N PRO C 52 10.38 -34.43 -15.24
CA PRO C 52 11.62 -34.03 -14.60
C PRO C 52 12.22 -32.78 -15.22
N GLN C 53 12.01 -32.63 -16.52
CA GLN C 53 12.58 -31.53 -17.25
C GLN C 53 11.96 -30.20 -16.85
N PHE C 54 10.70 -30.23 -16.43
CA PHE C 54 10.01 -29.01 -16.03
C PHE C 54 10.17 -28.78 -14.54
N GLN C 55 10.11 -29.86 -13.78
CA GLN C 55 10.16 -29.78 -12.32
C GLN C 55 11.55 -29.38 -11.87
N ARG C 56 12.50 -29.59 -12.75
CA ARG C 56 13.86 -29.09 -12.58
C ARG C 56 13.88 -27.60 -12.21
N LEU C 57 12.94 -26.84 -12.79
CA LEU C 57 12.90 -25.40 -12.56
C LEU C 57 12.61 -25.00 -11.11
N ARG C 58 12.16 -25.94 -10.29
CA ARG C 58 11.97 -25.71 -8.85
C ARG C 58 13.27 -25.50 -8.09
N TYR C 59 14.38 -25.88 -8.70
CA TYR C 59 15.67 -25.88 -8.02
C TYR C 59 16.63 -24.86 -8.64
N ILE C 60 16.05 -23.84 -9.25
CA ILE C 60 16.82 -22.79 -9.89
C ILE C 60 16.24 -21.45 -9.49
N LYS C 61 17.07 -20.66 -8.83
CA LYS C 61 16.63 -19.40 -8.26
C LYS C 61 16.44 -18.34 -9.32
N GLN C 62 15.29 -17.69 -9.26
CA GLN C 62 14.92 -16.69 -10.24
C GLN C 62 16.00 -15.61 -10.36
N LEU C 63 16.39 -15.07 -9.22
CA LEU C 63 17.34 -13.96 -9.16
C LEU C 63 18.78 -14.38 -8.87
N GLY C 64 19.07 -15.67 -8.98
CA GLY C 64 20.42 -16.18 -8.73
C GLY C 64 20.97 -15.75 -7.37
N GLY C 65 22.12 -15.09 -7.38
CA GLY C 65 22.76 -14.59 -6.16
C GLY C 65 22.02 -13.48 -5.42
N GLY C 66 20.95 -12.96 -6.02
CA GLY C 66 20.10 -11.96 -5.37
C GLY C 66 19.50 -12.39 -4.03
N TYR C 67 19.29 -13.68 -3.85
CA TYR C 67 18.77 -14.19 -2.57
C TYR C 67 19.73 -13.88 -1.41
N TYR C 68 21.02 -13.79 -1.72
CA TYR C 68 22.04 -13.56 -0.69
C TYR C 68 22.06 -12.11 -0.23
N VAL C 69 21.37 -11.25 -0.97
CA VAL C 69 21.16 -9.84 -0.60
C VAL C 69 19.71 -9.56 -0.21
N PHE C 70 18.75 -10.23 -0.85
CA PHE C 70 17.32 -10.01 -0.55
C PHE C 70 16.66 -11.30 -0.08
N PRO C 71 16.48 -11.46 1.22
CA PRO C 71 16.00 -12.72 1.80
C PRO C 71 14.59 -13.10 1.40
N GLY C 72 13.81 -12.12 0.96
CA GLY C 72 12.51 -12.41 0.38
C GLY C 72 12.54 -13.09 -0.99
N ALA C 73 13.68 -13.00 -1.68
CA ALA C 73 13.80 -13.51 -3.06
C ALA C 73 14.25 -14.97 -3.13
N SER C 74 13.44 -15.84 -2.56
CA SER C 74 13.69 -17.28 -2.53
C SER C 74 13.02 -17.96 -3.72
N HIS C 75 12.29 -17.19 -4.51
CA HIS C 75 11.49 -17.75 -5.59
C HIS C 75 12.33 -18.34 -6.70
N ASN C 76 11.75 -19.36 -7.33
CA ASN C 76 12.41 -20.13 -8.36
C ASN C 76 11.75 -19.97 -9.72
N ARG C 77 12.42 -20.46 -10.76
CA ARG C 77 11.94 -20.34 -12.12
C ARG C 77 10.61 -21.06 -12.38
N PHE C 78 10.36 -22.10 -11.60
CA PHE C 78 9.17 -22.92 -11.79
C PHE C 78 7.91 -22.09 -11.73
N GLU C 79 7.70 -21.43 -10.59
CA GLU C 79 6.47 -20.66 -10.35
C GLU C 79 6.37 -19.49 -11.33
N HIS C 80 7.52 -18.93 -11.71
CA HIS C 80 7.55 -17.88 -12.71
C HIS C 80 7.00 -18.42 -14.04
N SER C 81 7.47 -19.60 -14.41
CA SER C 81 7.07 -20.23 -15.67
C SER C 81 5.58 -20.54 -15.74
N LEU C 82 5.00 -21.01 -14.63
CA LEU C 82 3.54 -21.18 -14.56
C LEU C 82 2.84 -19.85 -14.83
N GLY C 83 3.37 -18.80 -14.21
CA GLY C 83 2.78 -17.48 -14.30
C GLY C 83 2.80 -16.95 -15.71
N VAL C 84 3.91 -17.18 -16.40
CA VAL C 84 4.07 -16.71 -17.78
C VAL C 84 3.15 -17.48 -18.71
N GLY C 85 3.06 -18.78 -18.50
CA GLY C 85 2.14 -19.63 -19.26
C GLY C 85 0.70 -19.16 -19.10
N TYR C 86 0.34 -18.85 -17.86
CA TYR C 86 -0.99 -18.33 -17.53
C TYR C 86 -1.31 -17.02 -18.22
N LEU C 87 -0.41 -16.06 -18.10
CA LEU C 87 -0.62 -14.76 -18.71
C LEU C 87 -0.62 -14.80 -20.22
N ALA C 88 0.27 -15.59 -20.80
CA ALA C 88 0.26 -15.79 -22.24
C ALA C 88 -1.14 -16.21 -22.71
N GLY C 89 -1.72 -17.15 -21.99
CA GLY C 89 -3.06 -17.63 -22.32
C GLY C 89 -4.15 -16.58 -22.17
N CYS C 90 -4.12 -15.85 -21.07
CA CYS C 90 -5.06 -14.76 -20.81
C CYS C 90 -5.09 -13.74 -21.94
N LEU C 91 -3.92 -13.34 -22.38
CA LEU C 91 -3.82 -12.30 -23.39
C LEU C 91 -4.41 -12.80 -24.70
N VAL C 92 -3.92 -13.94 -25.16
CA VAL C 92 -4.32 -14.49 -26.47
C VAL C 92 -5.82 -14.79 -26.46
N HIS C 93 -6.32 -15.34 -25.37
CA HIS C 93 -7.74 -15.63 -25.27
C HIS C 93 -8.60 -14.36 -25.32
N ALA C 94 -8.12 -13.30 -24.68
CA ALA C 94 -8.82 -12.02 -24.63
C ALA C 94 -8.86 -11.37 -26.02
N LEU C 95 -7.73 -11.42 -26.72
CA LEU C 95 -7.67 -10.91 -28.08
C LEU C 95 -8.65 -11.64 -29.00
N GLY C 96 -8.80 -12.94 -28.80
CA GLY C 96 -9.66 -13.77 -29.63
C GLY C 96 -11.13 -13.45 -29.45
N GLU C 97 -11.52 -13.17 -28.21
CA GLU C 97 -12.90 -12.79 -27.90
C GLU C 97 -13.27 -11.43 -28.48
N LYS C 98 -12.41 -10.46 -28.28
CA LYS C 98 -12.64 -9.10 -28.77
C LYS C 98 -12.57 -8.97 -30.28
N GLN C 99 -11.78 -9.82 -30.92
CA GLN C 99 -11.58 -9.75 -32.36
C GLN C 99 -11.60 -11.14 -33.02
N PRO C 100 -12.79 -11.76 -33.10
CA PRO C 100 -12.90 -13.10 -33.71
C PRO C 100 -12.48 -13.12 -35.19
N GLU C 101 -12.44 -11.96 -35.81
CA GLU C 101 -11.89 -11.83 -37.16
C GLU C 101 -10.42 -12.23 -37.30
N LEU C 102 -9.73 -12.39 -36.18
CA LEU C 102 -8.32 -12.84 -36.17
C LEU C 102 -8.21 -14.35 -36.32
N GLN C 103 -9.31 -15.04 -36.03
CA GLN C 103 -9.41 -16.51 -36.20
C GLN C 103 -8.42 -17.27 -35.33
N ILE C 104 -8.35 -16.84 -34.08
CA ILE C 104 -7.49 -17.47 -33.12
C ILE C 104 -8.20 -18.74 -32.66
N SER C 105 -7.64 -19.89 -33.02
CA SER C 105 -8.20 -21.18 -32.60
C SER C 105 -7.84 -21.51 -31.15
N GLU C 106 -8.50 -22.51 -30.59
CA GLU C 106 -8.12 -23.03 -29.26
C GLU C 106 -6.72 -23.67 -29.34
N ARG C 107 -6.42 -24.21 -30.51
CA ARG C 107 -5.10 -24.76 -30.80
C ARG C 107 -4.02 -23.68 -30.71
N ASP C 108 -4.29 -22.51 -31.29
CA ASP C 108 -3.39 -21.36 -31.18
C ASP C 108 -3.14 -20.95 -29.73
N VAL C 109 -4.22 -20.89 -28.95
CA VAL C 109 -4.13 -20.58 -27.52
C VAL C 109 -3.16 -21.52 -26.78
N LEU C 110 -3.36 -22.81 -26.96
CA LEU C 110 -2.54 -23.83 -26.27
C LEU C 110 -1.07 -23.75 -26.62
N CYS C 111 -0.77 -23.47 -27.88
CA CYS C 111 0.61 -23.38 -28.34
C CYS C 111 1.34 -22.20 -27.74
N VAL C 112 0.60 -21.12 -27.52
CA VAL C 112 1.16 -19.93 -26.91
C VAL C 112 1.35 -20.16 -25.40
N GLN C 113 0.38 -20.81 -24.78
CA GLN C 113 0.51 -21.18 -23.38
C GLN C 113 1.76 -22.04 -23.14
N ILE C 114 1.93 -23.04 -23.98
CA ILE C 114 3.04 -23.98 -23.85
C ILE C 114 4.33 -23.21 -24.00
N ALA C 115 4.37 -22.29 -24.93
CA ALA C 115 5.59 -21.51 -25.17
C ALA C 115 5.92 -20.67 -23.95
N GLY C 116 4.89 -20.12 -23.33
CA GLY C 116 5.08 -19.32 -22.12
C GLY C 116 5.56 -20.18 -20.98
N LEU C 117 4.95 -21.34 -20.85
CA LEU C 117 5.36 -22.34 -19.87
C LEU C 117 6.81 -22.75 -19.98
N CYS C 118 7.31 -22.88 -21.21
CA CYS C 118 8.59 -23.55 -21.47
C CYS C 118 9.75 -22.63 -21.89
N HIS C 119 9.49 -21.33 -21.94
CA HIS C 119 10.48 -20.36 -22.44
C HIS C 119 11.74 -20.31 -21.58
N ASP C 120 11.61 -20.70 -20.31
CA ASP C 120 12.75 -20.69 -19.38
C ASP C 120 13.36 -22.06 -19.04
N LEU C 121 12.96 -23.10 -19.78
CA LEU C 121 13.46 -24.46 -19.54
C LEU C 121 14.99 -24.56 -19.61
N GLY C 122 15.60 -23.67 -20.38
CA GLY C 122 17.04 -23.70 -20.63
C GLY C 122 17.93 -23.00 -19.62
N HIS C 123 17.33 -22.36 -18.63
CA HIS C 123 18.11 -21.68 -17.61
C HIS C 123 18.96 -22.68 -16.84
N GLY C 124 20.12 -22.21 -16.40
CA GLY C 124 21.06 -23.02 -15.65
C GLY C 124 21.11 -22.56 -14.21
N PRO C 125 21.98 -23.18 -13.42
CA PRO C 125 22.16 -22.78 -12.04
C PRO C 125 22.24 -21.27 -11.89
N PHE C 126 21.42 -20.72 -10.99
CA PHE C 126 21.44 -19.30 -10.68
C PHE C 126 21.07 -18.40 -11.86
N SER C 127 20.29 -18.98 -12.77
CA SER C 127 19.70 -18.25 -13.89
C SER C 127 20.74 -17.49 -14.71
N HIS C 128 20.59 -16.18 -14.80
CA HIS C 128 21.36 -15.36 -15.73
C HIS C 128 22.88 -15.39 -15.49
N MET C 129 23.28 -15.64 -14.25
CA MET C 129 24.69 -15.90 -13.93
C MET C 129 25.31 -17.00 -14.81
N PHE C 130 24.52 -17.99 -15.21
CA PHE C 130 25.06 -19.17 -15.87
C PHE C 130 25.42 -18.89 -17.32
N ASP C 131 24.46 -18.42 -18.10
CA ASP C 131 24.70 -18.14 -19.53
C ASP C 131 25.33 -16.78 -19.74
N GLY C 132 25.02 -15.86 -18.84
CA GLY C 132 25.56 -14.50 -18.91
C GLY C 132 27.01 -14.36 -18.49
N ARG C 133 27.52 -15.28 -17.67
CA ARG C 133 28.90 -15.16 -17.18
C ARG C 133 29.70 -16.46 -17.12
N PHE C 134 29.11 -17.52 -16.57
CA PHE C 134 29.89 -18.73 -16.34
C PHE C 134 30.36 -19.42 -17.63
N ILE C 135 29.45 -19.65 -18.55
CA ILE C 135 29.79 -20.32 -19.81
C ILE C 135 30.80 -19.49 -20.62
N PRO C 136 30.58 -18.17 -20.76
CA PRO C 136 31.59 -17.32 -21.38
C PRO C 136 32.99 -17.47 -20.78
N LEU C 137 33.11 -17.41 -19.45
CA LEU C 137 34.42 -17.56 -18.83
C LEU C 137 35.01 -18.96 -18.96
N ALA C 138 34.16 -19.97 -19.05
CA ALA C 138 34.62 -21.37 -19.02
C ALA C 138 34.91 -21.90 -20.43
N ARG C 139 34.11 -21.45 -21.40
CA ARG C 139 34.23 -21.87 -22.78
C ARG C 139 33.94 -20.69 -23.71
N PRO C 140 34.93 -19.78 -23.83
CA PRO C 140 34.77 -18.53 -24.60
C PRO C 140 34.50 -18.75 -26.09
N GLU C 141 34.95 -19.88 -26.59
CA GLU C 141 34.69 -20.29 -27.97
C GLU C 141 33.20 -20.54 -28.27
N VAL C 142 32.46 -21.08 -27.30
CA VAL C 142 31.09 -21.55 -27.51
C VAL C 142 30.08 -20.41 -27.50
N LYS C 143 29.06 -20.54 -28.33
CA LYS C 143 27.93 -19.62 -28.33
C LYS C 143 26.72 -20.29 -27.67
N TRP C 144 26.25 -19.72 -26.56
CA TRP C 144 25.18 -20.32 -25.77
C TRP C 144 24.26 -19.30 -25.11
N THR C 145 22.97 -19.54 -25.24
CA THR C 145 21.98 -18.75 -24.54
C THR C 145 20.95 -19.69 -23.89
N HIS C 146 20.32 -19.24 -22.81
CA HIS C 146 19.34 -20.08 -22.14
C HIS C 146 18.15 -20.37 -23.06
N GLU C 147 17.86 -19.45 -23.97
CA GLU C 147 16.79 -19.65 -24.96
C GLU C 147 17.09 -20.86 -25.85
N GLN C 148 18.30 -20.94 -26.39
CA GLN C 148 18.69 -22.13 -27.16
C GLN C 148 18.50 -23.36 -26.30
N GLY C 149 18.90 -23.24 -25.04
CA GLY C 149 18.73 -24.30 -24.05
C GLY C 149 17.27 -24.70 -23.90
N SER C 150 16.39 -23.70 -23.88
CA SER C 150 14.96 -23.95 -23.67
C SER C 150 14.38 -24.78 -24.80
N VAL C 151 14.88 -24.52 -26.01
CA VAL C 151 14.46 -25.27 -27.20
C VAL C 151 14.93 -26.73 -27.10
N MET C 152 16.21 -26.92 -26.81
CA MET C 152 16.77 -28.26 -26.68
C MET C 152 16.07 -29.03 -25.58
N MET C 153 15.89 -28.39 -24.43
CA MET C 153 15.26 -29.03 -23.29
C MET C 153 13.80 -29.33 -23.59
N PHE C 154 13.13 -28.45 -24.33
CA PHE C 154 11.74 -28.66 -24.70
C PHE C 154 11.63 -29.91 -25.59
N GLU C 155 12.45 -29.94 -26.62
CA GLU C 155 12.56 -31.09 -27.49
C GLU C 155 12.79 -32.36 -26.67
N HIS C 156 13.73 -32.28 -25.74
CA HIS C 156 14.07 -33.43 -24.89
C HIS C 156 12.89 -33.84 -24.04
N LEU C 157 12.17 -32.83 -23.53
CA LEU C 157 10.99 -33.07 -22.67
C LEU C 157 9.90 -33.82 -23.46
N ILE C 158 9.61 -33.31 -24.66
CA ILE C 158 8.60 -33.89 -25.54
C ILE C 158 8.91 -35.36 -25.79
N ASN C 159 10.12 -35.63 -26.26
CA ASN C 159 10.53 -36.99 -26.61
C ASN C 159 10.61 -37.94 -25.42
N SER C 160 11.18 -37.46 -24.32
CA SER C 160 11.37 -38.32 -23.13
C SER C 160 10.07 -38.72 -22.45
N ASN C 161 8.98 -37.99 -22.71
CA ASN C 161 7.72 -38.24 -21.99
C ASN C 161 6.48 -38.50 -22.88
N GLY C 162 6.73 -38.77 -24.15
CA GLY C 162 5.66 -39.17 -25.08
C GLY C 162 4.53 -38.16 -25.14
N ILE C 163 4.92 -36.90 -25.30
CA ILE C 163 3.97 -35.78 -25.30
C ILE C 163 3.27 -35.61 -26.66
N LYS C 164 3.94 -36.02 -27.73
CA LYS C 164 3.39 -35.86 -29.09
C LYS C 164 1.99 -36.47 -29.30
N PRO C 165 1.79 -37.74 -28.91
CA PRO C 165 0.45 -38.35 -28.93
C PRO C 165 -0.59 -37.60 -28.11
N VAL C 166 -0.17 -37.06 -26.97
CA VAL C 166 -1.08 -36.31 -26.09
C VAL C 166 -1.43 -34.97 -26.74
N MET C 167 -0.47 -34.38 -27.43
CA MET C 167 -0.69 -33.15 -28.18
C MET C 167 -1.73 -33.39 -29.25
N GLU C 168 -1.57 -34.48 -29.99
CA GLU C 168 -2.51 -34.87 -31.05
C GLU C 168 -3.91 -35.07 -30.50
N GLN C 169 -4.00 -35.76 -29.37
CA GLN C 169 -5.24 -36.01 -28.68
C GLN C 169 -6.05 -34.75 -28.32
N TYR C 170 -5.39 -33.60 -28.20
CA TYR C 170 -6.07 -32.33 -27.88
C TYR C 170 -6.04 -31.33 -29.05
N GLY C 171 -5.81 -31.85 -30.25
CA GLY C 171 -6.05 -31.07 -31.45
C GLY C 171 -4.84 -30.43 -32.07
N LEU C 172 -3.69 -30.56 -31.41
CA LEU C 172 -2.46 -29.98 -31.95
C LEU C 172 -1.92 -30.86 -33.09
N ILE C 173 -1.14 -30.23 -33.96
CA ILE C 173 -0.46 -30.95 -35.03
C ILE C 173 1.04 -30.83 -34.78
N PRO C 174 1.61 -31.81 -34.04
CA PRO C 174 2.95 -31.76 -33.54
C PRO C 174 4.01 -31.15 -34.44
N GLU C 175 4.14 -31.57 -35.68
CA GLU C 175 5.30 -31.13 -36.48
C GLU C 175 5.35 -29.59 -36.64
N GLU C 176 4.23 -28.99 -37.04
CA GLU C 176 4.18 -27.53 -37.23
C GLU C 176 4.03 -26.77 -35.89
N ASP C 177 3.19 -27.28 -35.00
CA ASP C 177 2.96 -26.64 -33.70
C ASP C 177 4.21 -26.62 -32.80
N ILE C 178 4.95 -27.71 -32.78
CA ILE C 178 6.22 -27.74 -32.04
C ILE C 178 7.19 -26.72 -32.62
N TYR C 179 7.19 -26.60 -33.94
CA TYR C 179 8.03 -25.60 -34.61
C TYR C 179 7.63 -24.18 -34.18
N PHE C 180 6.33 -23.95 -34.12
CA PHE C 180 5.77 -22.66 -33.69
C PHE C 180 6.20 -22.29 -32.27
N ILE C 181 5.99 -23.23 -31.36
CA ILE C 181 6.40 -23.08 -29.96
C ILE C 181 7.89 -22.71 -29.83
N LYS C 182 8.75 -23.41 -30.56
CA LYS C 182 10.18 -23.14 -30.49
C LYS C 182 10.50 -21.75 -31.00
N GLU C 183 9.78 -21.35 -32.04
CA GLU C 183 10.00 -20.04 -32.62
C GLU C 183 9.62 -18.90 -31.67
N GLN C 184 8.52 -19.10 -30.95
CA GLN C 184 8.10 -18.14 -29.91
C GLN C 184 9.18 -17.91 -28.83
N ILE C 185 9.91 -18.98 -28.54
CA ILE C 185 10.88 -18.98 -27.47
C ILE C 185 12.21 -18.34 -27.89
N VAL C 186 12.77 -18.83 -28.97
CA VAL C 186 14.13 -18.44 -29.38
C VAL C 186 14.15 -17.42 -30.52
N GLY C 187 13.05 -17.31 -31.24
CA GLY C 187 12.98 -16.48 -32.43
C GLY C 187 12.96 -17.34 -33.67
N PRO C 188 13.36 -16.76 -34.82
CA PRO C 188 13.38 -17.54 -36.07
C PRO C 188 14.55 -18.52 -36.11
N LEU C 189 14.34 -19.66 -36.74
CA LEU C 189 15.25 -20.81 -36.62
C LEU C 189 16.23 -20.91 -37.84
N GLU C 190 16.30 -19.85 -38.64
CA GLU C 190 17.04 -19.81 -39.92
C GLU C 190 17.95 -18.55 -39.95
N SER C 191 18.88 -18.53 -40.91
CA SER C 191 19.81 -17.40 -41.13
C SER C 191 20.92 -17.40 -40.06
N SER C 196 13.93 -13.09 -48.73
CA SER C 196 12.72 -13.38 -47.97
C SER C 196 12.27 -12.21 -47.07
N LEU C 197 11.07 -12.33 -46.52
CA LEU C 197 10.46 -11.28 -45.70
C LEU C 197 9.94 -11.81 -44.40
N TRP C 198 9.08 -12.82 -44.46
CA TRP C 198 8.51 -13.49 -43.28
C TRP C 198 9.37 -14.67 -42.81
N PRO C 199 10.11 -14.48 -41.71
CA PRO C 199 11.08 -15.49 -41.30
C PRO C 199 10.48 -16.72 -40.63
N TYR C 200 9.24 -16.63 -40.16
CA TYR C 200 8.64 -17.70 -39.35
C TYR C 200 7.91 -18.70 -40.24
N LYS C 201 7.98 -19.98 -39.84
CA LYS C 201 7.31 -21.06 -40.56
C LYS C 201 6.21 -21.75 -39.78
N GLY C 202 6.06 -21.40 -38.51
CA GLY C 202 5.14 -22.12 -37.61
C GLY C 202 3.74 -21.58 -37.71
N ARG C 203 3.65 -20.31 -38.08
CA ARG C 203 2.38 -19.66 -38.39
C ARG C 203 2.58 -18.62 -39.52
N PRO C 204 1.56 -18.45 -40.38
CA PRO C 204 1.67 -17.47 -41.46
C PRO C 204 1.68 -16.02 -40.98
N GLU C 205 2.01 -15.10 -41.88
CA GLU C 205 2.14 -13.67 -41.54
C GLU C 205 0.86 -13.01 -41.01
N ASN C 206 -0.31 -13.54 -41.37
CA ASN C 206 -1.58 -12.97 -40.89
C ASN C 206 -1.85 -13.27 -39.39
N LYS C 207 -0.95 -14.06 -38.79
CA LYS C 207 -0.97 -14.29 -37.35
C LYS C 207 0.36 -13.89 -36.69
N SER C 208 1.01 -12.88 -37.27
CA SER C 208 2.29 -12.38 -36.78
C SER C 208 2.23 -11.88 -35.34
N PHE C 209 1.07 -11.36 -34.95
CA PHE C 209 0.85 -10.84 -33.59
C PHE C 209 1.05 -11.90 -32.50
N LEU C 210 0.76 -13.15 -32.82
CA LEU C 210 0.97 -14.25 -31.87
C LEU C 210 2.43 -14.38 -31.38
N TYR C 211 3.36 -13.97 -32.23
CA TYR C 211 4.79 -14.05 -31.91
C TYR C 211 5.30 -12.92 -31.01
N GLU C 212 4.42 -12.02 -30.60
CA GLU C 212 4.86 -10.92 -29.73
C GLU C 212 4.32 -11.04 -28.28
N ILE C 213 3.74 -12.20 -27.97
CA ILE C 213 3.15 -12.40 -26.66
C ILE C 213 4.17 -12.84 -25.60
N VAL C 214 4.89 -13.93 -25.87
CA VAL C 214 5.79 -14.53 -24.87
C VAL C 214 7.10 -13.80 -24.81
N SER C 215 7.70 -13.62 -25.98
CA SER C 215 8.96 -12.92 -26.09
C SER C 215 8.90 -11.88 -27.20
N ASN C 216 8.93 -10.62 -26.79
CA ASN C 216 8.91 -9.48 -27.71
C ASN C 216 10.23 -8.69 -27.69
N LYS C 217 11.07 -8.98 -28.67
CA LYS C 217 12.38 -8.32 -28.83
C LYS C 217 12.24 -6.82 -29.06
N ARG C 218 11.41 -6.49 -30.04
CA ARG C 218 11.30 -5.14 -30.56
C ARG C 218 11.07 -4.07 -29.48
N ASN C 219 10.00 -4.21 -28.70
CA ASN C 219 9.65 -3.17 -27.72
C ASN C 219 9.77 -3.59 -26.25
N GLY C 220 10.27 -4.81 -26.01
CA GLY C 220 10.40 -5.34 -24.65
C GLY C 220 9.12 -5.32 -23.81
N ILE C 221 7.98 -5.56 -24.45
CA ILE C 221 6.69 -5.71 -23.74
C ILE C 221 6.10 -7.07 -24.07
N ASP C 222 6.24 -7.98 -23.13
CA ASP C 222 5.71 -9.32 -23.25
C ASP C 222 5.22 -9.80 -21.89
N VAL C 223 4.49 -10.91 -21.90
CA VAL C 223 3.93 -11.45 -20.66
C VAL C 223 5.01 -12.00 -19.73
N ASP C 224 6.16 -12.34 -20.31
CA ASP C 224 7.30 -12.77 -19.52
C ASP C 224 7.65 -11.69 -18.50
N LYS C 225 7.96 -10.51 -18.99
CA LYS C 225 8.25 -9.36 -18.13
C LYS C 225 7.11 -9.01 -17.18
N TRP C 226 5.87 -9.16 -17.61
CA TRP C 226 4.77 -8.83 -16.70
C TRP C 226 4.83 -9.70 -15.48
N ASP C 227 5.08 -10.99 -15.67
CA ASP C 227 5.12 -11.89 -14.52
C ASP C 227 6.29 -11.57 -13.60
N TYR C 228 7.48 -11.51 -14.15
CA TYR C 228 8.61 -11.32 -13.25
C TYR C 228 8.67 -9.96 -12.58
N PHE C 229 8.15 -8.91 -13.23
CA PHE C 229 8.06 -7.61 -12.55
C PHE C 229 7.18 -7.72 -11.32
N ALA C 230 5.99 -8.28 -11.51
CA ALA C 230 5.05 -8.45 -10.40
C ALA C 230 5.58 -9.40 -9.31
N ARG C 231 6.20 -10.49 -9.75
CA ARG C 231 6.69 -11.51 -8.84
C ARG C 231 7.91 -11.02 -8.07
N ASP C 232 8.87 -10.48 -8.78
CA ASP C 232 10.09 -9.96 -8.15
C ASP C 232 9.73 -8.84 -7.19
N CYS C 233 8.80 -7.97 -7.57
CA CYS C 233 8.36 -6.89 -6.68
C CYS C 233 7.77 -7.43 -5.38
N HIS C 234 6.86 -8.38 -5.53
CA HIS C 234 6.21 -9.07 -4.40
C HIS C 234 7.23 -9.66 -3.43
N HIS C 235 8.28 -10.26 -3.96
CA HIS C 235 9.29 -10.92 -3.13
C HIS C 235 10.38 -9.98 -2.60
N LEU C 236 10.68 -8.91 -3.33
CA LEU C 236 11.74 -7.99 -2.94
C LEU C 236 11.27 -6.97 -1.93
N GLY C 237 9.98 -6.69 -1.95
CA GLY C 237 9.40 -5.63 -1.13
C GLY C 237 9.38 -4.29 -1.84
N ILE C 238 9.53 -4.33 -3.16
CA ILE C 238 9.49 -3.14 -4.00
C ILE C 238 8.10 -2.96 -4.53
N GLN C 239 7.66 -1.71 -4.63
CA GLN C 239 6.31 -1.43 -5.07
C GLN C 239 6.13 -1.53 -6.59
N ASN C 240 5.10 -2.25 -6.96
CA ASN C 240 4.73 -2.47 -8.33
C ASN C 240 3.57 -1.57 -8.69
N ASN C 241 3.81 -0.72 -9.68
CA ASN C 241 2.83 0.26 -10.15
C ASN C 241 1.98 -0.24 -11.34
N PHE C 242 2.54 -1.15 -12.15
CA PHE C 242 1.89 -1.66 -13.38
C PHE C 242 0.74 -2.57 -13.08
N ASP C 243 -0.34 -2.42 -13.84
CA ASP C 243 -1.53 -3.27 -13.70
C ASP C 243 -1.73 -4.08 -14.97
N TYR C 244 -1.18 -5.28 -14.99
CA TYR C 244 -1.17 -6.11 -16.21
C TYR C 244 -2.59 -6.48 -16.67
N LYS C 245 -3.50 -6.71 -15.73
CA LYS C 245 -4.85 -7.19 -16.05
C LYS C 245 -5.61 -6.14 -16.89
N ARG C 246 -5.50 -4.90 -16.43
CA ARG C 246 -6.05 -3.74 -17.11
C ARG C 246 -5.51 -3.64 -18.54
N PHE C 247 -4.21 -3.80 -18.68
CA PHE C 247 -3.58 -3.73 -19.99
C PHE C 247 -4.11 -4.81 -20.93
N ILE C 248 -4.20 -6.04 -20.43
CA ILE C 248 -4.76 -7.15 -21.20
C ILE C 248 -6.18 -6.83 -21.66
N LYS C 249 -6.99 -6.40 -20.71
CA LYS C 249 -8.38 -6.05 -20.96
C LYS C 249 -8.59 -5.01 -22.07
N PHE C 250 -7.68 -4.06 -22.20
CA PHE C 250 -7.78 -3.01 -23.23
C PHE C 250 -6.84 -3.20 -24.43
N ALA C 251 -6.30 -4.40 -24.59
CA ALA C 251 -5.34 -4.65 -25.66
C ALA C 251 -6.08 -5.10 -26.90
N ARG C 252 -5.52 -4.75 -28.05
CA ARG C 252 -6.13 -5.08 -29.34
C ARG C 252 -5.09 -5.25 -30.43
N VAL C 253 -5.41 -6.13 -31.37
CA VAL C 253 -4.58 -6.30 -32.56
C VAL C 253 -5.00 -5.24 -33.55
N CYS C 254 -4.03 -4.59 -34.16
CA CYS C 254 -4.32 -3.44 -35.00
C CYS C 254 -3.24 -3.22 -36.08
N GLU C 255 -3.64 -2.52 -37.12
CA GLU C 255 -2.82 -2.29 -38.32
C GLU C 255 -1.70 -1.30 -38.03
N VAL C 256 -0.47 -1.73 -38.30
CA VAL C 256 0.69 -0.85 -38.19
C VAL C 256 1.63 -1.14 -39.33
N ASP C 257 1.87 -0.15 -40.18
CA ASP C 257 2.79 -0.33 -41.31
C ASP C 257 2.37 -1.56 -42.15
N ASN C 258 1.06 -1.79 -42.23
CA ASN C 258 0.49 -2.96 -42.90
C ASN C 258 1.00 -4.30 -42.31
N GLU C 259 1.15 -4.34 -40.99
CA GLU C 259 1.50 -5.55 -40.23
C GLU C 259 0.62 -5.59 -39.00
N LEU C 260 0.34 -6.82 -38.56
CA LEU C 260 -0.47 -7.01 -37.38
C LEU C 260 0.37 -7.01 -36.12
N ARG C 261 -0.01 -6.14 -35.20
CA ARG C 261 0.67 -5.96 -33.94
C ARG C 261 -0.31 -5.82 -32.80
N ILE C 262 0.19 -5.99 -31.59
CA ILE C 262 -0.65 -5.82 -30.42
C ILE C 262 -0.53 -4.38 -29.99
N CYS C 263 -1.68 -3.76 -29.79
CA CYS C 263 -1.76 -2.31 -29.56
C CYS C 263 -2.52 -2.03 -28.28
N ALA C 264 -2.08 -0.98 -27.60
CA ALA C 264 -2.69 -0.54 -26.35
C ALA C 264 -3.65 0.61 -26.61
N ARG C 265 -4.74 0.67 -25.86
CA ARG C 265 -5.63 1.82 -25.89
C ARG C 265 -4.87 3.07 -25.45
N ASP C 266 -5.20 4.22 -26.03
CA ASP C 266 -4.47 5.48 -25.72
C ASP C 266 -4.57 5.92 -24.26
N LYS C 267 -5.70 5.64 -23.63
CA LYS C 267 -5.91 5.89 -22.21
C LYS C 267 -5.02 5.03 -21.28
N GLU C 268 -4.38 3.99 -21.81
CA GLU C 268 -3.47 3.11 -21.04
C GLU C 268 -2.02 3.61 -20.98
N VAL C 269 -1.75 4.76 -21.58
CA VAL C 269 -0.41 5.33 -21.61
C VAL C 269 0.22 5.53 -20.21
N GLY C 270 -0.59 5.89 -19.22
CA GLY C 270 -0.10 6.04 -17.85
C GLY C 270 0.33 4.72 -17.23
N ASN C 271 -0.46 3.69 -17.49
CA ASN C 271 -0.15 2.33 -17.05
C ASN C 271 1.21 1.88 -17.59
N LEU C 272 1.47 2.16 -18.86
CA LEU C 272 2.76 1.87 -19.45
C LEU C 272 3.91 2.60 -18.80
N TYR C 273 3.75 3.89 -18.50
CA TYR C 273 4.79 4.64 -17.81
C TYR C 273 5.10 4.01 -16.46
N ASP C 274 4.05 3.56 -15.80
CA ASP C 274 4.21 2.87 -14.53
C ASP C 274 5.01 1.56 -14.66
N MET C 275 4.75 0.82 -15.74
CA MET C 275 5.50 -0.37 -16.06
C MET C 275 6.98 -0.07 -16.24
N PHE C 276 7.29 0.94 -17.04
CA PHE C 276 8.69 1.28 -17.31
C PHE C 276 9.42 1.78 -16.07
N HIS C 277 8.69 2.42 -15.16
CA HIS C 277 9.30 2.89 -13.92
C HIS C 277 9.58 1.73 -12.99
N THR C 278 8.65 0.79 -12.95
CA THR C 278 8.83 -0.43 -12.18
C THR C 278 10.06 -1.20 -12.70
N ARG C 279 10.14 -1.37 -14.01
CA ARG C 279 11.32 -1.96 -14.63
C ARG C 279 12.61 -1.26 -14.20
N ASN C 280 12.63 0.06 -14.29
CA ASN C 280 13.85 0.78 -13.95
C ASN C 280 14.25 0.60 -12.50
N SER C 281 13.25 0.62 -11.62
CA SER C 281 13.49 0.43 -10.20
C SER C 281 14.07 -0.94 -9.89
N LEU C 282 13.51 -1.97 -10.50
CA LEU C 282 13.96 -3.32 -10.27
C LEU C 282 15.41 -3.49 -10.69
N HIS C 283 15.79 -2.85 -11.79
CA HIS C 283 17.16 -2.94 -12.32
C HIS C 283 18.13 -2.20 -11.44
N ARG C 284 17.78 -0.97 -11.08
CA ARG C 284 18.62 -0.16 -10.21
C ARG C 284 18.78 -0.78 -8.85
N ARG C 285 17.67 -1.20 -8.27
CA ARG C 285 17.64 -1.67 -6.90
C ARG C 285 18.06 -3.12 -6.73
N ALA C 286 17.71 -3.97 -7.66
CA ALA C 286 17.87 -5.40 -7.48
C ALA C 286 18.82 -6.02 -8.49
N TYR C 287 18.42 -6.05 -9.75
CA TYR C 287 19.21 -6.75 -10.76
C TYR C 287 20.67 -6.27 -10.86
N GLN C 288 20.90 -4.97 -10.68
CA GLN C 288 22.24 -4.37 -10.73
C GLN C 288 22.82 -4.03 -9.36
N HIS C 289 22.32 -4.66 -8.32
CA HIS C 289 22.79 -4.40 -6.96
C HIS C 289 24.28 -4.73 -6.85
N LYS C 290 25.00 -3.89 -6.13
CA LYS C 290 26.47 -3.98 -6.09
C LYS C 290 26.95 -5.28 -5.52
N VAL C 291 26.50 -5.61 -4.32
CA VAL C 291 26.94 -6.81 -3.63
C VAL C 291 26.36 -8.08 -4.27
N GLY C 292 25.13 -7.97 -4.75
CA GLY C 292 24.45 -9.10 -5.35
C GLY C 292 25.22 -9.59 -6.56
N ASN C 293 25.70 -8.65 -7.35
CA ASN C 293 26.52 -8.97 -8.51
C ASN C 293 27.90 -9.52 -8.12
N ILE C 294 28.46 -9.00 -7.04
CA ILE C 294 29.73 -9.52 -6.54
C ILE C 294 29.57 -10.99 -6.17
N ILE C 295 28.53 -11.28 -5.41
CA ILE C 295 28.24 -12.65 -5.01
C ILE C 295 28.05 -13.57 -6.21
N ASP C 296 27.41 -13.08 -7.26
CA ASP C 296 27.29 -13.87 -8.51
C ASP C 296 28.66 -14.23 -9.08
N THR C 297 29.61 -13.33 -9.00
CA THR C 297 30.94 -13.59 -9.55
C THR C 297 31.74 -14.50 -8.65
N MET C 298 31.44 -14.48 -7.36
CA MET C 298 32.07 -15.43 -6.43
C MET C 298 31.57 -16.86 -6.67
N ILE C 299 30.27 -16.99 -6.88
CA ILE C 299 29.70 -18.30 -7.16
C ILE C 299 30.29 -18.82 -8.44
N THR C 300 30.42 -17.93 -9.42
CA THR C 300 30.98 -18.29 -10.72
C THR C 300 32.43 -18.70 -10.57
N ASP C 301 33.14 -18.01 -9.69
CA ASP C 301 34.53 -18.34 -9.46
C ASP C 301 34.67 -19.74 -8.89
N ALA C 302 33.82 -20.06 -7.91
CA ALA C 302 33.81 -21.40 -7.33
C ALA C 302 33.50 -22.48 -8.38
N PHE C 303 32.52 -22.22 -9.25
CA PHE C 303 32.19 -23.16 -10.31
C PHE C 303 33.41 -23.40 -11.21
N LEU C 304 34.11 -22.34 -11.58
CA LEU C 304 35.28 -22.45 -12.47
C LEU C 304 36.36 -23.30 -11.84
N LYS C 305 36.57 -23.11 -10.54
CA LYS C 305 37.54 -23.93 -9.80
C LYS C 305 37.09 -25.37 -9.59
N ALA C 306 35.78 -25.61 -9.68
CA ALA C 306 35.21 -26.95 -9.48
C ALA C 306 35.00 -27.71 -10.78
N ASP C 307 35.02 -26.99 -11.90
CA ASP C 307 34.59 -27.54 -13.19
C ASP C 307 35.35 -28.78 -13.62
N ASP C 308 36.63 -28.83 -13.32
CA ASP C 308 37.45 -29.99 -13.73
C ASP C 308 37.12 -31.26 -12.97
N TYR C 309 36.53 -31.12 -11.78
CA TYR C 309 36.42 -32.24 -10.86
C TYR C 309 35.02 -32.72 -10.60
N ILE C 310 34.02 -32.03 -11.13
CA ILE C 310 32.64 -32.40 -10.88
C ILE C 310 32.18 -33.24 -12.05
N GLU C 311 31.51 -34.35 -11.75
CA GLU C 311 30.98 -35.23 -12.79
C GLU C 311 29.47 -35.28 -12.74
N ILE C 312 28.87 -35.01 -13.88
CA ILE C 312 27.44 -35.16 -14.04
C ILE C 312 27.19 -36.21 -15.11
N THR C 313 26.37 -37.20 -14.75
CA THR C 313 26.10 -38.29 -15.65
C THR C 313 25.00 -37.91 -16.63
N GLY C 314 25.31 -38.00 -17.91
CA GLY C 314 24.37 -37.72 -18.97
C GLY C 314 23.90 -38.99 -19.65
N ALA C 315 23.53 -38.85 -20.92
CA ALA C 315 22.99 -39.99 -21.67
C ALA C 315 24.04 -41.10 -21.89
N GLY C 316 23.59 -42.34 -21.71
CA GLY C 316 24.44 -43.51 -21.94
C GLY C 316 25.58 -43.64 -20.94
N GLY C 317 25.38 -43.08 -19.75
CA GLY C 317 26.40 -43.09 -18.70
C GLY C 317 27.57 -42.13 -18.90
N LYS C 318 27.57 -41.38 -19.99
CA LYS C 318 28.69 -40.49 -20.31
C LYS C 318 28.77 -39.40 -19.25
N LYS C 319 29.99 -38.99 -18.92
CA LYS C 319 30.21 -38.02 -17.85
C LYS C 319 30.46 -36.63 -18.42
N TYR C 320 29.82 -35.63 -17.81
CA TYR C 320 29.94 -34.25 -18.25
C TYR C 320 30.37 -33.36 -17.09
N ARG C 321 30.95 -32.23 -17.45
CA ARG C 321 31.33 -31.22 -16.46
C ARG C 321 30.25 -30.13 -16.40
N ILE C 322 30.35 -29.27 -15.40
CA ILE C 322 29.38 -28.19 -15.27
C ILE C 322 29.28 -27.41 -16.60
N SER C 323 30.44 -27.10 -17.17
CA SER C 323 30.54 -26.33 -18.41
C SER C 323 30.15 -27.10 -19.67
N THR C 324 30.15 -28.42 -19.62
CA THR C 324 29.81 -29.23 -20.81
C THR C 324 28.43 -29.88 -20.74
N ALA C 325 27.76 -29.77 -19.59
CA ALA C 325 26.43 -30.34 -19.45
C ALA C 325 25.42 -29.74 -20.42
N ILE C 326 25.70 -28.54 -20.89
CA ILE C 326 24.85 -27.88 -21.88
C ILE C 326 24.80 -28.60 -23.22
N ASP C 327 25.75 -29.52 -23.42
CA ASP C 327 25.84 -30.28 -24.67
C ASP C 327 25.03 -31.56 -24.61
N ASP C 328 24.41 -31.84 -23.46
CA ASP C 328 23.66 -33.08 -23.26
C ASP C 328 22.50 -32.87 -22.29
N MET C 329 21.27 -32.90 -22.81
CA MET C 329 20.09 -32.51 -22.02
C MET C 329 19.78 -33.47 -20.88
N GLU C 330 20.22 -34.70 -20.97
CA GLU C 330 20.01 -35.64 -19.86
C GLU C 330 20.82 -35.19 -18.64
N ALA C 331 22.05 -34.80 -18.90
CA ALA C 331 22.91 -34.27 -17.86
C ALA C 331 22.43 -32.91 -17.36
N TYR C 332 22.06 -32.05 -18.30
CA TYR C 332 21.62 -30.69 -17.98
C TYR C 332 20.40 -30.70 -17.05
N THR C 333 19.53 -31.68 -17.25
CA THR C 333 18.36 -31.89 -16.40
C THR C 333 18.73 -31.96 -14.92
N LYS C 334 19.89 -32.54 -14.63
CA LYS C 334 20.35 -32.71 -13.25
C LYS C 334 21.29 -31.59 -12.79
N LEU C 335 21.39 -30.52 -13.57
CA LEU C 335 22.27 -29.40 -13.23
C LEU C 335 21.45 -28.20 -12.75
N THR C 336 21.43 -28.01 -11.45
CA THR C 336 20.62 -27.00 -10.81
C THR C 336 21.43 -26.31 -9.74
N ASP C 337 20.78 -25.50 -8.91
CA ASP C 337 21.47 -24.79 -7.84
C ASP C 337 22.09 -25.77 -6.84
N ASN C 338 21.60 -27.00 -6.85
CA ASN C 338 22.20 -28.05 -6.06
C ASN C 338 23.72 -28.15 -6.20
N ILE C 339 24.22 -27.87 -7.39
CA ILE C 339 25.65 -27.90 -7.62
C ILE C 339 26.43 -27.01 -6.64
N PHE C 340 25.80 -25.95 -6.17
CA PHE C 340 26.37 -25.08 -5.13
C PHE C 340 26.63 -25.85 -3.86
N LEU C 341 25.62 -26.60 -3.43
CA LEU C 341 25.70 -27.37 -2.17
C LEU C 341 26.54 -28.65 -2.31
N GLU C 342 26.62 -29.20 -3.51
CA GLU C 342 27.46 -30.35 -3.75
C GLU C 342 28.90 -29.93 -3.54
N ILE C 343 29.27 -28.75 -4.04
CA ILE C 343 30.61 -28.18 -3.82
C ILE C 343 30.83 -27.81 -2.35
N LEU C 344 29.85 -27.13 -1.77
CA LEU C 344 29.96 -26.70 -0.39
C LEU C 344 30.12 -27.85 0.60
N TYR C 345 29.35 -28.92 0.40
CA TYR C 345 29.34 -30.08 1.32
C TYR C 345 30.38 -31.16 0.98
N SER C 346 31.17 -30.91 -0.07
CA SER C 346 32.11 -31.90 -0.56
C SER C 346 33.27 -32.07 0.39
N THR C 347 33.92 -33.22 0.27
CA THR C 347 35.13 -33.56 1.05
C THR C 347 36.34 -33.81 0.15
N ASP C 348 36.12 -34.07 -1.13
CA ASP C 348 37.22 -34.26 -2.09
C ASP C 348 38.26 -33.13 -1.94
N PRO C 349 39.53 -33.49 -1.74
CA PRO C 349 40.64 -32.50 -1.72
C PRO C 349 40.77 -31.66 -2.96
N LYS C 350 40.38 -32.22 -4.10
CA LYS C 350 40.43 -31.47 -5.36
C LYS C 350 39.44 -30.32 -5.47
N LEU C 351 38.40 -30.35 -4.64
CA LEU C 351 37.38 -29.30 -4.60
C LEU C 351 37.61 -28.32 -3.47
N LYS C 352 38.74 -28.44 -2.76
CA LYS C 352 39.03 -27.56 -1.63
C LYS C 352 39.00 -26.07 -2.01
N ASP C 353 39.55 -25.72 -3.18
CA ASP C 353 39.61 -24.31 -3.60
C ASP C 353 38.23 -23.73 -3.86
N ALA C 354 37.41 -24.49 -4.57
CA ALA C 354 36.05 -24.09 -4.90
C ALA C 354 35.22 -23.94 -3.65
N ARG C 355 35.35 -24.94 -2.79
CA ARG C 355 34.65 -25.02 -1.51
C ARG C 355 35.01 -23.85 -0.64
N GLU C 356 36.27 -23.44 -0.68
CA GLU C 356 36.75 -22.35 0.16
C GLU C 356 36.13 -20.99 -0.22
N ILE C 357 35.92 -20.78 -1.52
CA ILE C 357 35.24 -19.57 -1.99
C ILE C 357 33.78 -19.52 -1.53
N LEU C 358 33.08 -20.65 -1.60
CA LEU C 358 31.70 -20.66 -1.14
C LEU C 358 31.63 -20.42 0.35
N LYS C 359 32.63 -20.89 1.09
CA LYS C 359 32.70 -20.61 2.52
C LYS C 359 32.95 -19.11 2.80
N GLN C 360 33.70 -18.44 1.95
CA GLN C 360 33.84 -16.97 2.04
C GLN C 360 32.48 -16.27 2.01
N ILE C 361 31.61 -16.76 1.14
CA ILE C 361 30.25 -16.23 1.02
C ILE C 361 29.46 -16.41 2.32
N GLU C 362 29.55 -17.59 2.92
CA GLU C 362 28.85 -17.87 4.18
C GLU C 362 29.34 -16.96 5.28
N TYR C 363 30.66 -16.79 5.35
CA TYR C 363 31.32 -15.93 6.36
C TYR C 363 31.22 -14.44 6.03
N ARG C 364 30.78 -14.15 4.81
CA ARG C 364 30.55 -12.79 4.35
C ARG C 364 31.85 -12.03 4.22
N ASN C 365 32.86 -12.73 3.75
CA ASN C 365 34.14 -12.12 3.36
C ASN C 365 34.20 -12.08 1.86
N LEU C 366 33.57 -11.07 1.31
CA LEU C 366 33.34 -11.03 -0.13
C LEU C 366 34.47 -10.32 -0.82
N PHE C 367 34.51 -10.46 -2.14
CA PHE C 367 35.36 -9.63 -2.96
C PHE C 367 35.01 -8.17 -2.74
N LYS C 368 35.98 -7.29 -2.94
CA LYS C 368 35.75 -5.85 -2.74
C LYS C 368 35.56 -5.06 -4.03
N TYR C 369 34.62 -4.13 -3.97
CA TYR C 369 34.29 -3.26 -5.09
C TYR C 369 35.40 -2.24 -5.33
N VAL C 370 35.91 -2.22 -6.56
CA VAL C 370 36.96 -1.27 -6.91
C VAL C 370 36.35 -0.06 -7.60
N GLY C 371 35.57 -0.29 -8.63
CA GLY C 371 34.89 0.80 -9.28
C GLY C 371 34.14 0.43 -10.52
N GLU C 372 33.66 1.46 -11.22
CA GLU C 372 32.73 1.30 -12.32
C GLU C 372 33.09 2.20 -13.49
N THR C 373 32.76 1.76 -14.70
CA THR C 373 33.00 2.54 -15.91
C THR C 373 32.06 2.09 -17.02
N GLN C 374 32.05 2.85 -18.11
CA GLN C 374 31.22 2.53 -19.28
C GLN C 374 32.05 2.62 -20.55
N PRO C 375 31.69 1.83 -21.57
CA PRO C 375 32.35 1.94 -22.87
C PRO C 375 31.76 3.05 -23.76
N THR C 376 32.61 3.95 -24.25
CA THR C 376 32.19 5.12 -25.02
C THR C 376 31.89 4.87 -26.52
N GLY C 377 32.79 4.15 -27.20
CA GLY C 377 32.73 3.99 -28.66
C GLY C 377 31.42 3.46 -29.24
N GLN C 378 30.58 2.90 -28.36
CA GLN C 378 29.31 2.23 -28.71
C GLN C 378 29.55 0.74 -29.03
N ILE C 379 30.83 0.34 -29.15
CA ILE C 379 31.21 -1.08 -29.19
C ILE C 379 30.91 -1.62 -27.78
N LYS C 380 30.30 -2.80 -27.76
CA LYS C 380 30.08 -3.54 -26.52
C LYS C 380 31.27 -4.44 -26.37
N ILE C 381 31.78 -4.55 -25.14
CA ILE C 381 32.57 -5.71 -24.79
C ILE C 381 31.71 -6.94 -25.04
N LYS C 382 32.29 -7.91 -25.73
CA LYS C 382 31.57 -9.12 -26.12
C LYS C 382 31.93 -10.31 -25.23
N ARG C 383 31.06 -11.30 -25.21
CA ARG C 383 31.19 -12.45 -24.30
C ARG C 383 32.50 -13.22 -24.47
N GLU C 384 32.91 -13.43 -25.72
CA GLU C 384 34.17 -14.17 -25.99
C GLU C 384 35.41 -13.48 -25.43
N ASP C 385 35.28 -12.19 -25.11
CA ASP C 385 36.41 -11.41 -24.59
C ASP C 385 36.43 -11.33 -23.07
N TYR C 386 35.42 -11.88 -22.39
CA TYR C 386 35.30 -11.73 -20.92
C TYR C 386 36.49 -12.31 -20.18
N GLU C 387 37.00 -13.44 -20.68
CA GLU C 387 38.06 -14.15 -19.97
C GLU C 387 39.38 -13.38 -19.93
N SER C 388 39.61 -12.58 -20.96
CA SER C 388 40.86 -11.82 -21.13
C SER C 388 40.93 -10.56 -20.26
N LEU C 389 39.78 -10.06 -19.84
CA LEU C 389 39.68 -8.75 -19.21
C LEU C 389 40.50 -8.60 -17.93
N PRO C 390 40.50 -9.62 -17.06
CA PRO C 390 41.31 -9.51 -15.84
C PRO C 390 42.80 -9.36 -16.12
N LYS C 391 43.29 -9.98 -17.19
CA LYS C 391 44.70 -9.88 -17.56
C LYS C 391 45.00 -8.47 -18.03
N GLU C 392 44.14 -7.96 -18.92
CA GLU C 392 44.27 -6.58 -19.41
C GLU C 392 44.41 -5.57 -18.29
N VAL C 393 43.64 -5.77 -17.23
CA VAL C 393 43.62 -4.85 -16.09
C VAL C 393 44.95 -4.90 -15.35
N ALA C 394 45.46 -6.11 -15.11
CA ALA C 394 46.76 -6.30 -14.46
C ALA C 394 47.94 -5.87 -15.37
N SER C 395 47.74 -6.00 -16.68
CA SER C 395 48.70 -5.55 -17.72
C SER C 395 48.84 -4.02 -17.77
N ALA C 396 47.79 -3.30 -17.38
CA ALA C 396 47.83 -1.84 -17.35
C ALA C 396 48.94 -1.32 -16.42
N LYS C 397 49.48 -0.18 -16.82
CA LYS C 397 50.66 0.41 -16.17
C LYS C 397 50.32 1.73 -15.49
N PRO C 398 50.05 1.70 -14.17
CA PRO C 398 49.80 2.96 -13.49
C PRO C 398 51.11 3.74 -13.37
N LYS C 399 51.02 5.05 -13.60
CA LYS C 399 52.22 5.90 -13.74
C LYS C 399 52.90 6.11 -12.39
N VAL C 400 52.10 6.36 -11.35
CA VAL C 400 52.63 6.31 -9.97
C VAL C 400 52.94 4.88 -9.56
N LEU C 401 54.22 4.56 -9.32
CA LEU C 401 54.60 3.22 -8.87
C LEU C 401 54.02 2.90 -7.49
N LEU C 402 53.59 1.65 -7.32
CA LEU C 402 52.84 1.20 -6.13
C LEU C 402 53.64 0.16 -5.32
N ASP C 403 53.37 0.10 -4.03
CA ASP C 403 54.06 -0.83 -3.12
C ASP C 403 53.90 -2.27 -3.58
N VAL C 404 52.64 -2.70 -3.70
CA VAL C 404 52.33 -4.07 -4.05
C VAL C 404 51.94 -4.14 -5.51
N LYS C 405 52.32 -5.22 -6.17
CA LYS C 405 51.85 -5.52 -7.52
C LYS C 405 50.81 -6.65 -7.46
N LEU C 406 49.82 -6.55 -8.34
CA LEU C 406 48.71 -7.50 -8.37
C LEU C 406 48.72 -8.29 -9.68
N LYS C 407 48.13 -9.47 -9.64
CA LYS C 407 48.05 -10.35 -10.81
C LYS C 407 46.61 -10.52 -11.28
N ALA C 408 46.45 -11.08 -12.48
CA ALA C 408 45.14 -11.29 -13.12
C ALA C 408 44.10 -12.05 -12.27
N GLU C 409 44.56 -13.10 -11.59
CA GLU C 409 43.71 -13.88 -10.68
C GLU C 409 43.15 -13.05 -9.52
N ASP C 410 43.71 -11.87 -9.25
CA ASP C 410 43.24 -11.01 -8.14
C ASP C 410 42.10 -10.08 -8.56
N PHE C 411 41.82 -10.05 -9.84
CA PHE C 411 40.80 -9.18 -10.40
C PHE C 411 39.61 -9.96 -10.91
N ILE C 412 38.44 -9.38 -10.66
CA ILE C 412 37.22 -9.81 -11.28
C ILE C 412 36.72 -8.65 -12.12
N VAL C 413 36.36 -8.93 -13.35
CA VAL C 413 35.78 -7.93 -14.24
C VAL C 413 34.36 -8.37 -14.63
N ASP C 414 33.39 -7.58 -14.21
CA ASP C 414 31.98 -7.90 -14.32
C ASP C 414 31.30 -6.99 -15.33
N VAL C 415 30.82 -7.58 -16.40
CA VAL C 415 30.17 -6.83 -17.47
C VAL C 415 28.66 -6.96 -17.31
N ILE C 416 27.99 -5.84 -17.05
CA ILE C 416 26.55 -5.80 -16.82
C ILE C 416 25.82 -5.17 -18.01
N ASN C 417 24.93 -5.93 -18.65
CA ASN C 417 24.18 -5.46 -19.83
C ASN C 417 22.69 -5.25 -19.61
N MET C 418 22.11 -4.33 -20.38
CA MET C 418 20.67 -4.17 -20.51
C MET C 418 20.25 -4.36 -21.98
N ILE C 428 11.17 5.23 -22.91
CA ILE C 428 10.66 5.78 -24.16
C ILE C 428 9.54 4.89 -24.72
N ASP C 429 8.49 5.53 -25.26
CA ASP C 429 7.32 4.84 -25.82
C ASP C 429 7.44 4.37 -27.30
N HIS C 430 7.68 3.07 -27.47
CA HIS C 430 7.74 2.38 -28.77
C HIS C 430 6.52 1.47 -28.95
N VAL C 431 5.41 1.87 -28.33
CA VAL C 431 4.21 1.07 -28.29
C VAL C 431 3.22 1.62 -29.32
N SER C 432 2.51 0.71 -29.96
CA SER C 432 1.44 1.09 -30.88
C SER C 432 0.17 1.34 -30.07
N PHE C 433 -0.48 2.46 -30.36
CA PHE C 433 -1.72 2.81 -29.70
C PHE C 433 -2.89 2.86 -30.69
N TYR C 434 -4.10 2.78 -30.15
CA TYR C 434 -5.32 2.89 -30.95
C TYR C 434 -6.32 3.78 -30.23
N CYS C 435 -7.09 4.52 -31.01
CA CYS C 435 -8.14 5.38 -30.48
C CYS C 435 -9.48 4.64 -30.50
N LYS C 436 -10.34 4.98 -29.54
CA LYS C 436 -11.67 4.35 -29.40
C LYS C 436 -12.58 4.79 -30.53
N GLU C 460 23.43 -0.49 -23.79
CA GLU C 460 23.61 -0.18 -22.38
C GLU C 460 24.53 -1.21 -21.72
N GLN C 461 25.69 -0.74 -21.28
CA GLN C 461 26.68 -1.64 -20.69
C GLN C 461 27.45 -0.94 -19.56
N LEU C 462 27.48 -1.59 -18.40
CA LEU C 462 28.33 -1.16 -17.29
C LEU C 462 29.43 -2.18 -17.13
N ILE C 463 30.59 -1.70 -16.68
CA ILE C 463 31.72 -2.55 -16.38
C ILE C 463 32.16 -2.27 -14.96
N ARG C 464 32.15 -3.29 -14.12
CA ARG C 464 32.62 -3.16 -12.76
C ARG C 464 33.80 -4.06 -12.54
N VAL C 465 34.67 -3.63 -11.64
CA VAL C 465 35.84 -4.40 -11.28
C VAL C 465 35.88 -4.60 -9.77
N TYR C 466 36.19 -5.83 -9.37
CA TYR C 466 36.31 -6.20 -7.96
C TYR C 466 37.68 -6.82 -7.73
N CYS C 467 38.17 -6.71 -6.50
CA CYS C 467 39.45 -7.31 -6.13
C CYS C 467 39.26 -8.41 -5.08
N LYS C 468 39.97 -9.53 -5.27
CA LYS C 468 39.92 -10.66 -4.35
C LYS C 468 40.74 -10.47 -3.07
N LYS C 469 41.64 -9.47 -3.07
CA LYS C 469 42.41 -9.15 -1.87
C LYS C 469 41.83 -7.91 -1.21
N VAL C 470 41.58 -8.01 0.09
CA VAL C 470 40.77 -7.03 0.82
C VAL C 470 41.59 -6.01 1.63
N ASP C 471 42.91 -6.17 1.64
CA ASP C 471 43.78 -5.26 2.41
C ASP C 471 43.97 -3.92 1.72
N ARG C 472 43.98 -2.87 2.54
CA ARG C 472 44.03 -1.47 2.08
C ARG C 472 45.05 -1.17 0.98
N LYS C 473 46.25 -1.75 1.10
CA LYS C 473 47.32 -1.57 0.11
C LYS C 473 46.90 -2.12 -1.25
N SER C 474 46.43 -3.37 -1.25
CA SER C 474 46.00 -4.04 -2.48
C SER C 474 44.78 -3.35 -3.13
N LEU C 475 43.85 -2.91 -2.30
CA LEU C 475 42.68 -2.19 -2.79
C LEU C 475 43.05 -0.87 -3.44
N TYR C 476 43.95 -0.13 -2.78
CA TYR C 476 44.52 1.10 -3.33
C TYR C 476 45.14 0.81 -4.70
N ALA C 477 46.01 -0.21 -4.71
CA ALA C 477 46.71 -0.63 -5.92
C ALA C 477 45.72 -0.93 -7.03
N ALA C 478 44.80 -1.85 -6.72
CA ALA C 478 43.75 -2.30 -7.67
C ALA C 478 43.02 -1.13 -8.31
N ARG C 479 42.67 -0.15 -7.48
CA ARG C 479 42.04 1.08 -7.97
C ARG C 479 42.90 1.75 -9.07
N GLN C 480 44.20 1.81 -8.83
CA GLN C 480 45.12 2.44 -9.77
C GLN C 480 45.17 1.69 -11.10
N TYR C 481 45.34 0.37 -11.03
CA TYR C 481 45.30 -0.47 -12.24
C TYR C 481 44.01 -0.23 -13.00
N PHE C 482 42.91 -0.14 -12.25
CA PHE C 482 41.59 -0.01 -12.85
C PHE C 482 41.46 1.31 -13.60
N VAL C 483 41.82 2.39 -12.91
CA VAL C 483 41.75 3.75 -13.51
C VAL C 483 42.55 3.81 -14.81
N GLN C 484 43.75 3.25 -14.80
CA GLN C 484 44.63 3.21 -15.97
C GLN C 484 44.02 2.41 -17.11
N TRP C 485 43.53 1.22 -16.77
CA TRP C 485 42.86 0.35 -17.75
C TRP C 485 41.73 1.09 -18.46
N CYS C 486 40.94 1.86 -17.70
CA CYS C 486 39.85 2.65 -18.28
C CYS C 486 40.41 3.66 -19.29
N ALA C 487 41.48 4.33 -18.88
CA ALA C 487 42.21 5.26 -19.75
C ALA C 487 42.72 4.60 -21.04
N ASP C 488 43.41 3.46 -20.88
CA ASP C 488 43.95 2.70 -22.04
C ASP C 488 42.88 2.28 -23.06
N ARG C 489 41.63 2.20 -22.62
CA ARG C 489 40.55 1.67 -23.45
C ARG C 489 39.63 2.78 -23.94
N ASN C 490 39.95 4.02 -23.59
CA ASN C 490 39.06 5.17 -23.78
C ASN C 490 37.66 4.87 -23.23
N PHE C 491 37.64 4.40 -21.99
CA PHE C 491 36.40 4.27 -21.22
C PHE C 491 36.23 5.50 -20.33
N THR C 492 35.02 5.71 -19.84
CA THR C 492 34.74 6.86 -18.98
C THR C 492 35.63 6.80 -17.74
N LYS C 493 35.93 7.96 -17.16
CA LYS C 493 36.80 8.00 -15.97
C LYS C 493 36.01 7.66 -14.70
N PRO C 494 36.49 6.69 -13.90
CA PRO C 494 35.88 6.32 -12.61
C PRO C 494 35.67 7.48 -11.65
N GLN C 495 34.57 7.43 -10.89
CA GLN C 495 34.29 8.43 -9.86
C GLN C 495 33.97 7.77 -8.52
N ASP C 496 34.71 8.14 -7.46
CA ASP C 496 34.31 7.87 -6.07
C ASP C 496 34.00 9.17 -5.37
N THR D 27 25.78 2.77 10.76
CA THR D 27 26.23 2.01 11.96
C THR D 27 25.66 0.59 11.91
N MET D 28 24.34 0.45 12.06
CA MET D 28 23.70 -0.87 12.06
C MET D 28 23.35 -1.31 10.67
N LYS D 29 23.55 -2.59 10.38
CA LYS D 29 23.23 -3.14 9.07
C LYS D 29 21.73 -3.32 8.87
N VAL D 30 21.27 -3.00 7.68
CA VAL D 30 19.85 -3.03 7.37
C VAL D 30 19.54 -4.07 6.29
N ILE D 31 18.55 -4.91 6.55
CA ILE D 31 18.08 -5.92 5.60
C ILE D 31 16.65 -5.63 5.16
N ASN D 32 16.42 -5.58 3.85
CA ASN D 32 15.07 -5.39 3.29
C ASN D 32 14.27 -6.68 3.26
N ASP D 33 13.17 -6.70 3.98
CA ASP D 33 12.30 -7.86 4.05
C ASP D 33 10.92 -7.47 3.54
N PRO D 34 10.30 -8.33 2.73
CA PRO D 34 8.97 -7.98 2.20
C PRO D 34 7.85 -7.95 3.23
N ILE D 35 8.07 -8.53 4.38
CA ILE D 35 7.03 -8.55 5.42
C ILE D 35 7.21 -7.42 6.39
N HIS D 36 8.45 -7.13 6.77
CA HIS D 36 8.72 -6.17 7.83
C HIS D 36 9.35 -4.89 7.36
N GLY D 37 9.69 -4.81 6.08
CA GLY D 37 10.35 -3.63 5.55
C GLY D 37 11.83 -3.65 5.95
N HIS D 38 12.30 -2.56 6.53
CA HIS D 38 13.70 -2.48 6.93
C HIS D 38 13.90 -3.13 8.27
N ILE D 39 14.83 -4.08 8.32
CA ILE D 39 15.20 -4.75 9.56
C ILE D 39 16.60 -4.31 9.89
N GLU D 40 16.76 -3.63 11.01
CA GLU D 40 18.06 -3.17 11.46
C GLU D 40 18.69 -4.24 12.34
N LEU D 41 19.94 -4.57 12.03
CA LEU D 41 20.65 -5.60 12.75
C LEU D 41 21.87 -5.08 13.51
N HIS D 42 21.87 -5.36 14.81
CA HIS D 42 23.01 -5.14 15.67
C HIS D 42 24.21 -5.97 15.17
N PRO D 43 25.43 -5.42 15.21
CA PRO D 43 26.65 -6.10 14.73
C PRO D 43 26.86 -7.52 15.26
N LEU D 44 26.60 -7.71 16.53
CA LEU D 44 26.64 -9.03 17.14
C LEU D 44 25.71 -10.03 16.48
N LEU D 45 24.51 -9.57 16.09
CA LEU D 45 23.54 -10.42 15.38
C LEU D 45 24.07 -10.77 14.01
N VAL D 46 24.67 -9.78 13.37
CA VAL D 46 25.26 -9.96 12.05
C VAL D 46 26.30 -11.07 12.13
N ARG D 47 27.04 -11.10 13.22
CA ARG D 47 28.09 -12.07 13.36
C ARG D 47 27.58 -13.49 13.60
N ILE D 48 26.45 -13.60 14.27
CA ILE D 48 25.79 -14.89 14.44
C ILE D 48 25.19 -15.39 13.11
N ILE D 49 24.67 -14.44 12.34
CA ILE D 49 24.04 -14.73 11.07
C ILE D 49 25.04 -15.21 10.01
N ASP D 50 26.20 -14.57 9.97
CA ASP D 50 27.22 -14.89 8.97
C ASP D 50 28.07 -16.08 9.40
N THR D 51 27.40 -17.20 9.62
CA THR D 51 28.03 -18.46 9.97
C THR D 51 27.38 -19.58 9.17
N PRO D 52 28.13 -20.65 8.90
CA PRO D 52 27.55 -21.80 8.21
C PRO D 52 26.32 -22.38 8.93
N GLN D 53 26.33 -22.31 10.23
CA GLN D 53 25.27 -22.91 11.02
C GLN D 53 23.98 -22.14 10.87
N PHE D 54 24.09 -20.85 10.60
CA PHE D 54 22.89 -20.04 10.42
C PHE D 54 22.47 -19.99 8.95
N GLN D 55 23.45 -19.90 8.07
CA GLN D 55 23.20 -19.79 6.65
C GLN D 55 22.63 -21.09 6.11
N ARG D 56 22.87 -22.16 6.83
CA ARG D 56 22.27 -23.45 6.56
C ARG D 56 20.75 -23.33 6.39
N LEU D 57 20.14 -22.43 7.17
CA LEU D 57 18.69 -22.26 7.13
C LEU D 57 18.15 -21.76 5.77
N ARG D 58 19.03 -21.29 4.89
CA ARG D 58 18.65 -20.92 3.54
C ARG D 58 18.24 -22.11 2.68
N TYR D 59 18.60 -23.31 3.11
CA TYR D 59 18.41 -24.50 2.30
C TYR D 59 17.41 -25.45 2.94
N ILE D 60 16.50 -24.86 3.70
CA ILE D 60 15.46 -25.62 4.36
C ILE D 60 14.14 -24.91 4.18
N LYS D 61 13.23 -25.59 3.53
CA LYS D 61 11.93 -25.00 3.20
C LYS D 61 11.01 -24.88 4.40
N GLN D 62 10.45 -23.69 4.56
CA GLN D 62 9.60 -23.37 5.71
C GLN D 62 8.46 -24.38 5.83
N LEU D 63 7.76 -24.59 4.73
CA LEU D 63 6.58 -25.46 4.72
C LEU D 63 6.84 -26.86 4.19
N GLY D 64 8.12 -27.24 4.08
CA GLY D 64 8.48 -28.58 3.62
C GLY D 64 7.84 -28.92 2.29
N GLY D 65 7.09 -30.02 2.25
CA GLY D 65 6.41 -30.47 1.04
C GLY D 65 5.30 -29.57 0.52
N GLY D 66 4.96 -28.55 1.29
CA GLY D 66 3.96 -27.56 0.87
C GLY D 66 4.27 -26.86 -0.44
N TYR D 67 5.55 -26.70 -0.75
CA TYR D 67 5.96 -26.07 -2.02
C TYR D 67 5.45 -26.85 -3.22
N TYR D 68 5.31 -28.16 -3.05
CA TYR D 68 4.89 -29.04 -4.15
C TYR D 68 3.38 -28.91 -4.45
N VAL D 69 2.67 -28.26 -3.53
CA VAL D 69 1.28 -27.89 -3.70
C VAL D 69 1.06 -26.38 -3.90
N PHE D 70 1.85 -25.55 -3.22
CA PHE D 70 1.73 -24.09 -3.32
C PHE D 70 3.01 -23.47 -3.85
N PRO D 71 3.06 -23.18 -5.14
CA PRO D 71 4.27 -22.67 -5.79
C PRO D 71 4.79 -21.37 -5.23
N GLY D 72 3.93 -20.60 -4.59
CA GLY D 72 4.35 -19.38 -3.92
C GLY D 72 5.17 -19.63 -2.68
N ALA D 73 5.08 -20.83 -2.12
CA ALA D 73 5.72 -21.16 -0.83
C ALA D 73 7.13 -21.71 -1.00
N SER D 74 8.00 -20.90 -1.59
CA SER D 74 9.41 -21.23 -1.82
C SER D 74 10.27 -20.76 -0.67
N HIS D 75 9.65 -20.09 0.29
CA HIS D 75 10.39 -19.49 1.38
C HIS D 75 11.03 -20.49 2.31
N ASN D 76 12.16 -20.07 2.88
CA ASN D 76 12.99 -20.91 3.71
C ASN D 76 13.04 -20.41 5.13
N ARG D 77 13.59 -21.22 6.01
CA ARG D 77 13.70 -20.88 7.43
C ARG D 77 14.57 -19.66 7.73
N PHE D 78 15.54 -19.39 6.86
CA PHE D 78 16.48 -18.29 7.07
C PHE D 78 15.77 -16.95 7.24
N GLU D 79 14.99 -16.57 6.23
CA GLU D 79 14.29 -15.29 6.24
C GLU D 79 13.25 -15.23 7.35
N HIS D 80 12.65 -16.36 7.69
CA HIS D 80 11.73 -16.43 8.81
C HIS D 80 12.46 -16.10 10.10
N SER D 81 13.63 -16.69 10.27
CA SER D 81 14.41 -16.48 11.48
C SER D 81 14.83 -15.00 11.66
N LEU D 82 15.21 -14.34 10.58
CA LEU D 82 15.51 -12.89 10.66
C LEU D 82 14.29 -12.14 11.16
N GLY D 83 13.14 -12.53 10.65
CA GLY D 83 11.89 -11.87 10.98
C GLY D 83 11.54 -12.02 12.43
N VAL D 84 11.75 -13.22 12.96
CA VAL D 84 11.44 -13.50 14.36
C VAL D 84 12.38 -12.76 15.29
N GLY D 85 13.65 -12.72 14.91
CA GLY D 85 14.65 -11.96 15.66
C GLY D 85 14.26 -10.49 15.72
N TYR D 86 13.83 -9.97 14.58
CA TYR D 86 13.43 -8.58 14.46
C TYR D 86 12.22 -8.24 15.35
N LEU D 87 11.17 -9.06 15.24
CA LEU D 87 9.95 -8.85 16.02
C LEU D 87 10.20 -9.04 17.51
N ALA D 88 10.99 -10.04 17.88
CA ALA D 88 11.37 -10.20 19.28
C ALA D 88 11.94 -8.90 19.82
N GLY D 89 12.83 -8.29 19.07
CA GLY D 89 13.47 -7.06 19.49
C GLY D 89 12.49 -5.91 19.60
N CYS D 90 11.62 -5.77 18.61
CA CYS D 90 10.60 -4.72 18.60
C CYS D 90 9.73 -4.75 19.85
N LEU D 91 9.28 -5.94 20.22
CA LEU D 91 8.38 -6.11 21.35
C LEU D 91 9.07 -5.74 22.65
N VAL D 92 10.21 -6.35 22.91
CA VAL D 92 10.96 -6.12 24.15
C VAL D 92 11.39 -4.64 24.25
N HIS D 93 11.84 -4.07 23.16
CA HIS D 93 12.25 -2.67 23.15
C HIS D 93 11.07 -1.75 23.47
N ALA D 94 9.90 -2.08 22.94
CA ALA D 94 8.69 -1.28 23.14
C ALA D 94 8.24 -1.34 24.59
N LEU D 95 8.27 -2.54 25.16
CA LEU D 95 7.93 -2.73 26.57
C LEU D 95 8.85 -1.91 27.47
N GLY D 96 10.12 -1.86 27.11
CA GLY D 96 11.14 -1.15 27.90
C GLY D 96 10.97 0.35 27.91
N GLU D 97 10.58 0.91 26.78
CA GLU D 97 10.28 2.33 26.67
C GLU D 97 9.04 2.74 27.46
N LYS D 98 7.97 1.98 27.29
CA LYS D 98 6.69 2.26 27.95
C LYS D 98 6.74 2.03 29.46
N GLN D 99 7.60 1.12 29.90
CA GLN D 99 7.68 0.77 31.33
C GLN D 99 9.13 0.60 31.79
N PRO D 100 9.87 1.72 31.90
CA PRO D 100 11.28 1.65 32.33
C PRO D 100 11.45 1.08 33.74
N GLU D 101 10.37 1.06 34.52
CA GLU D 101 10.36 0.37 35.82
C GLU D 101 10.63 -1.13 35.75
N LEU D 102 10.58 -1.71 34.56
CA LEU D 102 10.89 -3.13 34.36
C LEU D 102 12.40 -3.38 34.30
N GLN D 103 13.16 -2.32 34.03
CA GLN D 103 14.63 -2.35 34.00
C GLN D 103 15.17 -3.30 32.96
N ILE D 104 14.59 -3.20 31.77
CA ILE D 104 15.02 -3.97 30.64
C ILE D 104 16.29 -3.30 30.11
N SER D 105 17.42 -3.96 30.28
CA SER D 105 18.69 -3.46 29.79
C SER D 105 18.80 -3.69 28.29
N GLU D 106 19.80 -3.06 27.69
CA GLU D 106 20.13 -3.30 26.30
C GLU D 106 20.61 -4.73 26.14
N ARG D 107 21.28 -5.21 27.17
CA ARG D 107 21.75 -6.58 27.23
C ARG D 107 20.56 -7.56 27.13
N ASP D 108 19.50 -7.27 27.87
CA ASP D 108 18.29 -8.08 27.80
C ASP D 108 17.71 -8.11 26.38
N VAL D 109 17.64 -6.95 25.75
CA VAL D 109 17.14 -6.84 24.37
C VAL D 109 17.89 -7.76 23.42
N LEU D 110 19.22 -7.67 23.45
CA LEU D 110 20.07 -8.46 22.57
C LEU D 110 19.91 -9.95 22.75
N CYS D 111 19.77 -10.38 23.99
CA CYS D 111 19.61 -11.80 24.29
C CYS D 111 18.30 -12.36 23.77
N VAL D 112 17.27 -11.52 23.79
CA VAL D 112 15.97 -11.91 23.27
C VAL D 112 16.01 -11.94 21.74
N GLN D 113 16.66 -10.95 21.14
CA GLN D 113 16.83 -10.93 19.68
C GLN D 113 17.56 -12.18 19.19
N ILE D 114 18.65 -12.52 19.87
CA ILE D 114 19.44 -13.68 19.51
C ILE D 114 18.61 -14.94 19.62
N ALA D 115 17.80 -15.03 20.66
CA ALA D 115 16.94 -16.21 20.84
C ALA D 115 15.92 -16.32 19.72
N GLY D 116 15.39 -15.19 19.28
CA GLY D 116 14.45 -15.17 18.18
C GLY D 116 15.10 -15.55 16.87
N LEU D 117 16.30 -15.00 16.66
CA LEU D 117 17.14 -15.37 15.51
C LEU D 117 17.44 -16.86 15.42
N CYS D 118 17.65 -17.51 16.57
CA CYS D 118 18.25 -18.86 16.60
C CYS D 118 17.29 -19.98 16.99
N HIS D 119 16.04 -19.64 17.24
CA HIS D 119 15.07 -20.61 17.75
C HIS D 119 14.80 -21.75 16.77
N ASP D 120 15.06 -21.53 15.49
CA ASP D 120 14.82 -22.56 14.46
C ASP D 120 16.08 -23.20 13.88
N LEU D 121 17.23 -22.97 14.52
CA LEU D 121 18.51 -23.54 14.07
C LEU D 121 18.48 -25.07 13.95
N GLY D 122 17.63 -25.70 14.76
CA GLY D 122 17.55 -27.16 14.85
C GLY D 122 16.67 -27.87 13.82
N HIS D 123 15.96 -27.11 13.01
CA HIS D 123 15.12 -27.73 11.98
C HIS D 123 15.95 -28.58 11.02
N GLY D 124 15.34 -29.63 10.51
CA GLY D 124 15.97 -30.53 9.57
C GLY D 124 15.34 -30.37 8.19
N PRO D 125 15.79 -31.19 7.23
CA PRO D 125 15.24 -31.16 5.90
C PRO D 125 13.72 -31.12 5.93
N PHE D 126 13.15 -30.19 5.19
CA PHE D 126 11.70 -30.06 5.06
C PHE D 126 10.98 -29.77 6.38
N SER D 127 11.72 -29.15 7.29
CA SER D 127 11.19 -28.64 8.53
C SER D 127 10.42 -29.71 9.30
N HIS D 128 9.13 -29.47 9.55
CA HIS D 128 8.36 -30.27 10.50
C HIS D 128 8.21 -31.74 10.09
N MET D 129 8.30 -32.00 8.79
CA MET D 129 8.39 -33.36 8.29
C MET D 129 9.52 -34.17 8.96
N PHE D 130 10.60 -33.51 9.33
CA PHE D 130 11.79 -34.20 9.82
C PHE D 130 11.65 -34.70 11.24
N ASP D 131 11.36 -33.79 12.17
CA ASP D 131 11.21 -34.17 13.58
C ASP D 131 9.82 -34.73 13.87
N GLY D 132 8.84 -34.26 13.12
CA GLY D 132 7.46 -34.69 13.30
C GLY D 132 7.15 -36.08 12.77
N ARG D 133 7.92 -36.55 11.79
CA ARG D 133 7.61 -37.85 11.17
C ARG D 133 8.82 -38.73 10.86
N PHE D 134 9.87 -38.17 10.26
CA PHE D 134 10.97 -39.00 9.81
C PHE D 134 11.76 -39.67 10.97
N ILE D 135 12.16 -38.88 11.95
CA ILE D 135 12.92 -39.41 13.07
C ILE D 135 12.09 -40.45 13.86
N PRO D 136 10.81 -40.14 14.16
CA PRO D 136 9.94 -41.16 14.76
C PRO D 136 9.90 -42.48 14.01
N LEU D 137 9.69 -42.44 12.70
CA LEU D 137 9.66 -43.67 11.93
C LEU D 137 11.01 -44.38 11.85
N ALA D 138 12.11 -43.62 11.93
CA ALA D 138 13.44 -44.16 11.70
C ALA D 138 14.10 -44.66 12.98
N ARG D 139 13.83 -43.94 14.08
CA ARG D 139 14.39 -44.26 15.39
C ARG D 139 13.35 -44.01 16.46
N PRO D 140 12.36 -44.92 16.59
CA PRO D 140 11.21 -44.74 17.50
C PRO D 140 11.61 -44.64 18.96
N GLU D 141 12.76 -45.23 19.27
CA GLU D 141 13.35 -45.16 20.61
C GLU D 141 13.73 -43.74 21.05
N VAL D 142 14.22 -42.94 20.10
CA VAL D 142 14.83 -41.63 20.41
C VAL D 142 13.78 -40.56 20.62
N LYS D 143 14.06 -39.64 21.55
CA LYS D 143 13.21 -38.46 21.76
C LYS D 143 13.92 -37.23 21.22
N TRP D 144 13.34 -36.60 20.20
CA TRP D 144 13.99 -35.51 19.44
C TRP D 144 13.00 -34.44 19.00
N THR D 145 13.37 -33.19 19.24
CA THR D 145 12.60 -32.07 18.76
C THR D 145 13.55 -31.09 18.14
N HIS D 146 13.04 -30.30 17.20
CA HIS D 146 13.89 -29.33 16.53
C HIS D 146 14.40 -28.28 17.52
N GLU D 147 13.60 -28.01 18.56
CA GLU D 147 14.02 -27.09 19.62
C GLU D 147 15.28 -27.59 20.32
N GLN D 148 15.30 -28.87 20.71
CA GLN D 148 16.52 -29.45 21.29
C GLN D 148 17.69 -29.27 20.32
N GLY D 149 17.39 -29.50 19.04
CA GLY D 149 18.36 -29.28 17.97
C GLY D 149 18.86 -27.86 17.92
N SER D 150 17.96 -26.90 18.11
CA SER D 150 18.31 -25.48 18.04
C SER D 150 19.31 -25.11 19.13
N VAL D 151 19.14 -25.72 20.30
CA VAL D 151 20.06 -25.53 21.42
C VAL D 151 21.44 -26.08 21.10
N MET D 152 21.48 -27.32 20.63
CA MET D 152 22.74 -27.95 20.28
C MET D 152 23.44 -27.18 19.17
N MET D 153 22.69 -26.82 18.15
CA MET D 153 23.26 -26.11 16.99
C MET D 153 23.73 -24.71 17.40
N PHE D 154 23.00 -24.08 18.32
CA PHE D 154 23.39 -22.75 18.82
C PHE D 154 24.73 -22.85 19.54
N GLU D 155 24.82 -23.82 20.45
CA GLU D 155 26.05 -24.11 21.17
C GLU D 155 27.18 -24.33 20.17
N HIS D 156 26.90 -25.12 19.15
CA HIS D 156 27.90 -25.42 18.13
C HIS D 156 28.32 -24.18 17.36
N LEU D 157 27.34 -23.32 17.05
CA LEU D 157 27.57 -22.07 16.34
C LEU D 157 28.48 -21.15 17.13
N ILE D 158 28.14 -20.97 18.39
CA ILE D 158 28.91 -20.13 19.32
C ILE D 158 30.37 -20.57 19.34
N ASN D 159 30.61 -21.83 19.66
CA ASN D 159 31.96 -22.36 19.78
C ASN D 159 32.72 -22.35 18.48
N SER D 160 32.07 -22.75 17.39
CA SER D 160 32.76 -22.86 16.09
C SER D 160 33.19 -21.52 15.51
N ASN D 161 32.59 -20.43 15.96
CA ASN D 161 32.86 -19.10 15.37
C ASN D 161 33.33 -18.02 16.35
N GLY D 162 33.72 -18.43 17.55
CA GLY D 162 34.34 -17.53 18.52
C GLY D 162 33.44 -16.35 18.84
N ILE D 163 32.18 -16.65 19.11
CA ILE D 163 31.15 -15.64 19.36
C ILE D 163 31.20 -15.13 20.81
N LYS D 164 31.68 -15.96 21.74
CA LYS D 164 31.76 -15.58 23.17
C LYS D 164 32.52 -14.26 23.45
N PRO D 165 33.75 -14.11 22.93
CA PRO D 165 34.46 -12.84 23.04
C PRO D 165 33.71 -11.65 22.45
N VAL D 166 33.01 -11.88 21.35
CA VAL D 166 32.26 -10.81 20.68
C VAL D 166 31.05 -10.44 21.55
N MET D 167 30.46 -11.44 22.18
CA MET D 167 29.35 -11.23 23.10
C MET D 167 29.81 -10.33 24.24
N GLU D 168 30.96 -10.67 24.81
CA GLU D 168 31.54 -9.91 25.91
C GLU D 168 31.80 -8.47 25.50
N GLN D 169 32.35 -8.29 24.30
CA GLN D 169 32.61 -6.97 23.73
C GLN D 169 31.40 -6.03 23.69
N TYR D 170 30.20 -6.59 23.60
CA TYR D 170 28.97 -5.81 23.53
C TYR D 170 28.13 -5.92 24.81
N GLY D 171 28.76 -6.33 25.90
CA GLY D 171 28.17 -6.19 27.22
C GLY D 171 27.51 -7.43 27.78
N LEU D 172 27.46 -8.48 26.98
CA LEU D 172 26.82 -9.72 27.42
C LEU D 172 27.76 -10.47 28.37
N ILE D 173 27.18 -11.31 29.21
CA ILE D 173 27.95 -12.17 30.10
C ILE D 173 27.69 -13.63 29.70
N PRO D 174 28.53 -14.16 28.80
CA PRO D 174 28.30 -15.42 28.13
C PRO D 174 27.70 -16.56 28.95
N GLU D 175 28.25 -16.86 30.13
CA GLU D 175 27.79 -18.07 30.83
C GLU D 175 26.28 -18.02 31.17
N GLU D 176 25.83 -16.93 31.78
CA GLU D 176 24.40 -16.78 32.13
C GLU D 176 23.50 -16.40 30.95
N ASP D 177 23.98 -15.49 30.10
CA ASP D 177 23.23 -15.06 28.92
C ASP D 177 23.00 -16.19 27.88
N ILE D 178 24.02 -17.00 27.63
CA ILE D 178 23.84 -18.17 26.77
C ILE D 178 22.81 -19.11 27.35
N TYR D 179 22.84 -19.28 28.67
CA TYR D 179 21.86 -20.10 29.36
C TYR D 179 20.43 -19.55 29.15
N PHE D 180 20.31 -18.23 29.26
CA PHE D 180 19.03 -17.53 29.09
C PHE D 180 18.47 -17.75 27.67
N ILE D 181 19.32 -17.51 26.69
CA ILE D 181 18.97 -17.73 25.28
C ILE D 181 18.46 -19.14 25.03
N LYS D 182 19.16 -20.13 25.56
CA LYS D 182 18.75 -21.52 25.36
C LYS D 182 17.41 -21.79 26.00
N GLU D 183 17.19 -21.19 27.16
CA GLU D 183 15.94 -21.37 27.89
C GLU D 183 14.75 -20.78 27.15
N GLN D 184 14.95 -19.61 26.55
CA GLN D 184 13.94 -19.00 25.68
C GLN D 184 13.50 -19.90 24.52
N ILE D 185 14.45 -20.66 24.00
CA ILE D 185 14.23 -21.51 22.83
C ILE D 185 13.52 -22.81 23.17
N VAL D 186 14.06 -23.54 24.13
CA VAL D 186 13.59 -24.90 24.42
C VAL D 186 12.71 -25.00 25.68
N GLY D 187 12.80 -23.98 26.55
CA GLY D 187 12.12 -23.99 27.83
C GLY D 187 13.11 -24.19 28.95
N PRO D 188 12.66 -24.70 30.10
CA PRO D 188 13.58 -24.97 31.21
C PRO D 188 14.37 -26.27 31.01
N LEU D 189 15.59 -26.32 31.56
CA LEU D 189 16.48 -27.46 31.36
C LEU D 189 16.50 -28.44 32.55
N GLU D 190 15.29 -28.89 32.91
CA GLU D 190 15.02 -29.79 34.06
C GLU D 190 16.14 -29.85 35.10
N LEU D 197 8.08 -23.95 42.03
CA LEU D 197 9.31 -23.15 41.99
C LEU D 197 9.62 -22.48 40.64
N TRP D 198 10.53 -21.51 40.66
CA TRP D 198 10.98 -20.79 39.46
C TRP D 198 11.99 -21.66 38.71
N PRO D 199 11.59 -22.25 37.56
CA PRO D 199 12.42 -23.23 36.91
C PRO D 199 13.60 -22.65 36.13
N TYR D 200 13.56 -21.35 35.83
CA TYR D 200 14.57 -20.74 34.97
C TYR D 200 15.75 -20.22 35.78
N LYS D 201 16.93 -20.37 35.22
CA LYS D 201 18.18 -19.95 35.83
C LYS D 201 18.86 -18.78 35.11
N GLY D 202 18.35 -18.40 33.93
CA GLY D 202 19.02 -17.39 33.08
C GLY D 202 18.65 -15.97 33.41
N ARG D 203 17.44 -15.82 33.95
CA ARG D 203 16.97 -14.55 34.47
C ARG D 203 16.08 -14.80 35.70
N PRO D 204 16.10 -13.88 36.68
CA PRO D 204 15.26 -14.05 37.87
C PRO D 204 13.76 -13.88 37.58
N GLU D 205 12.95 -14.25 38.56
CA GLU D 205 11.49 -14.24 38.41
C GLU D 205 10.88 -12.85 38.13
N ASN D 206 11.56 -11.78 38.54
CA ASN D 206 11.05 -10.42 38.27
C ASN D 206 11.18 -9.99 36.80
N LYS D 207 11.79 -10.87 35.99
CA LYS D 207 11.83 -10.69 34.53
C LYS D 207 11.23 -11.90 33.80
N SER D 208 10.25 -12.52 34.44
CA SER D 208 9.59 -13.71 33.89
C SER D 208 8.93 -13.44 32.53
N PHE D 209 8.47 -12.21 32.34
CA PHE D 209 7.81 -11.80 31.10
C PHE D 209 8.70 -11.92 29.85
N LEU D 210 10.01 -11.76 30.02
CA LEU D 210 10.97 -11.93 28.92
C LEU D 210 10.91 -13.33 28.28
N TYR D 211 10.51 -14.34 29.07
CA TYR D 211 10.40 -15.72 28.58
C TYR D 211 9.15 -16.00 27.79
N GLU D 212 8.31 -14.99 27.60
CA GLU D 212 7.07 -15.17 26.86
C GLU D 212 7.10 -14.60 25.45
N ILE D 213 8.25 -14.08 25.05
CA ILE D 213 8.35 -13.36 23.80
C ILE D 213 8.56 -14.27 22.59
N VAL D 214 9.61 -15.09 22.63
CA VAL D 214 10.00 -15.88 21.47
C VAL D 214 9.13 -17.12 21.36
N SER D 215 9.05 -17.84 22.47
CA SER D 215 8.26 -19.06 22.54
C SER D 215 7.39 -19.05 23.80
N ASN D 216 6.09 -18.95 23.56
CA ASN D 216 5.10 -18.95 24.63
C ASN D 216 4.21 -20.18 24.55
N LYS D 217 4.57 -21.17 25.37
CA LYS D 217 3.87 -22.44 25.39
C LYS D 217 2.44 -22.30 25.89
N ARG D 218 2.27 -21.60 27.01
CA ARG D 218 0.97 -21.53 27.70
C ARG D 218 -0.19 -21.04 26.84
N ASN D 219 -0.06 -19.88 26.20
CA ASN D 219 -1.19 -19.33 25.41
C ASN D 219 -0.96 -19.28 23.89
N GLY D 220 0.16 -19.82 23.44
CA GLY D 220 0.52 -19.81 22.01
C GLY D 220 0.50 -18.44 21.33
N ILE D 221 0.90 -17.40 22.06
CA ILE D 221 1.06 -16.06 21.50
C ILE D 221 2.50 -15.58 21.68
N ASP D 222 3.25 -15.66 20.59
CA ASP D 222 4.65 -15.24 20.59
C ASP D 222 4.99 -14.64 19.23
N VAL D 223 6.16 -14.01 19.16
CA VAL D 223 6.61 -13.37 17.92
C VAL D 223 6.96 -14.37 16.82
N ASP D 224 7.25 -15.59 17.22
CA ASP D 224 7.49 -16.65 16.26
C ASP D 224 6.27 -16.80 15.37
N LYS D 225 5.14 -17.09 15.98
CA LYS D 225 3.88 -17.23 15.24
C LYS D 225 3.51 -15.97 14.46
N TRP D 226 3.81 -14.79 14.99
CA TRP D 226 3.46 -13.57 14.27
C TRP D 226 4.16 -13.54 12.93
N ASP D 227 5.46 -13.89 12.91
CA ASP D 227 6.19 -13.85 11.65
C ASP D 227 5.67 -14.88 10.67
N TYR D 228 5.57 -16.13 11.09
CA TYR D 228 5.19 -17.13 10.10
C TYR D 228 3.74 -17.03 9.63
N PHE D 229 2.83 -16.54 10.47
CA PHE D 229 1.46 -16.27 9.98
C PHE D 229 1.51 -15.25 8.86
N ALA D 230 2.19 -14.13 9.10
CA ALA D 230 2.34 -13.09 8.09
C ALA D 230 3.07 -13.56 6.83
N ARG D 231 4.16 -14.29 7.04
CA ARG D 231 5.02 -14.70 5.95
C ARG D 231 4.34 -15.78 5.11
N ASP D 232 3.80 -16.80 5.79
CA ASP D 232 3.09 -17.88 5.09
C ASP D 232 1.88 -17.34 4.34
N CYS D 233 1.15 -16.40 4.95
CA CYS D 233 0.02 -15.76 4.28
C CYS D 233 0.45 -15.06 3.00
N HIS D 234 1.52 -14.28 3.10
CA HIS D 234 2.09 -13.54 1.99
C HIS D 234 2.47 -14.46 0.82
N HIS D 235 3.03 -15.62 1.14
CA HIS D 235 3.51 -16.57 0.11
C HIS D 235 2.41 -17.49 -0.42
N LEU D 236 1.41 -17.78 0.40
CA LEU D 236 0.34 -18.70 0.02
C LEU D 236 -0.79 -18.02 -0.75
N GLY D 237 -0.95 -16.72 -0.53
CA GLY D 237 -2.03 -15.96 -1.12
C GLY D 237 -3.26 -15.89 -0.21
N ILE D 238 -3.06 -16.21 1.05
CA ILE D 238 -4.12 -16.18 2.05
C ILE D 238 -4.07 -14.85 2.74
N GLN D 239 -5.22 -14.29 3.08
CA GLN D 239 -5.22 -12.99 3.75
C GLN D 239 -4.98 -13.11 5.26
N ASN D 240 -4.08 -12.26 5.74
CA ASN D 240 -3.75 -12.17 7.14
C ASN D 240 -4.49 -11.00 7.76
N ASN D 241 -5.31 -11.30 8.76
CA ASN D 241 -6.16 -10.30 9.43
C ASN D 241 -5.62 -9.83 10.77
N PHE D 242 -4.60 -10.50 11.29
CA PHE D 242 -3.89 -10.04 12.46
C PHE D 242 -2.90 -8.92 12.13
N ASP D 243 -2.88 -7.91 12.99
CA ASP D 243 -1.99 -6.76 12.82
C ASP D 243 -0.99 -6.72 13.97
N TYR D 244 0.16 -7.33 13.76
CA TYR D 244 1.13 -7.50 14.82
C TYR D 244 1.65 -6.17 15.36
N LYS D 245 1.82 -5.17 14.50
CA LYS D 245 2.44 -3.89 14.92
C LYS D 245 1.57 -3.22 15.97
N ARG D 246 0.28 -3.19 15.66
CA ARG D 246 -0.72 -2.63 16.54
C ARG D 246 -0.67 -3.33 17.90
N PHE D 247 -0.60 -4.65 17.88
CA PHE D 247 -0.54 -5.42 19.12
C PHE D 247 0.68 -5.07 19.95
N ILE D 248 1.84 -5.02 19.30
CA ILE D 248 3.07 -4.59 19.96
C ILE D 248 2.90 -3.23 20.61
N LYS D 249 2.45 -2.26 19.82
CA LYS D 249 2.29 -0.86 20.27
C LYS D 249 1.43 -0.76 21.54
N PHE D 250 0.43 -1.62 21.66
CA PHE D 250 -0.49 -1.59 22.81
C PHE D 250 -0.23 -2.66 23.86
N ALA D 251 0.93 -3.30 23.81
CA ALA D 251 1.24 -4.38 24.74
C ALA D 251 1.93 -3.80 25.98
N ARG D 252 1.66 -4.43 27.12
CA ARG D 252 2.21 -3.98 28.39
C ARG D 252 2.44 -5.13 29.33
N VAL D 253 3.46 -4.99 30.17
CA VAL D 253 3.68 -5.95 31.25
C VAL D 253 2.79 -5.55 32.42
N CYS D 254 2.12 -6.54 32.99
CA CYS D 254 1.12 -6.27 34.00
C CYS D 254 0.95 -7.44 34.99
N GLU D 255 0.45 -7.10 36.17
CA GLU D 255 0.36 -8.04 37.30
C GLU D 255 -0.77 -9.04 37.11
N VAL D 256 -0.45 -10.31 37.24
CA VAL D 256 -1.44 -11.39 37.16
C VAL D 256 -1.06 -12.48 38.15
N ASP D 257 -1.91 -12.78 39.13
CA ASP D 257 -1.64 -13.86 40.08
C ASP D 257 -0.26 -13.70 40.74
N ASN D 258 0.12 -12.46 41.02
CA ASN D 258 1.49 -12.13 41.52
C ASN D 258 2.58 -12.68 40.55
N GLU D 259 2.32 -12.55 39.26
CA GLU D 259 3.25 -12.95 38.18
C GLU D 259 3.30 -11.82 37.17
N LEU D 260 4.48 -11.58 36.60
CA LEU D 260 4.60 -10.64 35.49
C LEU D 260 4.37 -11.33 34.16
N ARG D 261 3.44 -10.77 33.41
CA ARG D 261 3.05 -11.31 32.13
C ARG D 261 2.87 -10.20 31.13
N ILE D 262 2.86 -10.56 29.86
CA ILE D 262 2.62 -9.60 28.81
C ILE D 262 1.12 -9.57 28.57
N CYS D 263 0.58 -8.35 28.58
CA CYS D 263 -0.86 -8.15 28.56
C CYS D 263 -1.23 -7.26 27.39
N ALA D 264 -2.38 -7.56 26.80
CA ALA D 264 -2.93 -6.80 25.70
C ALA D 264 -3.96 -5.79 26.20
N ARG D 265 -4.00 -4.63 25.58
CA ARG D 265 -5.05 -3.67 25.85
C ARG D 265 -6.40 -4.29 25.52
N ASP D 266 -7.42 -3.94 26.27
CA ASP D 266 -8.78 -4.49 26.06
C ASP D 266 -9.35 -4.21 24.67
N LYS D 267 -9.02 -3.04 24.12
CA LYS D 267 -9.46 -2.69 22.75
C LYS D 267 -8.82 -3.56 21.65
N GLU D 268 -7.80 -4.34 21.99
CA GLU D 268 -7.11 -5.26 21.06
C GLU D 268 -7.75 -6.63 20.92
N VAL D 269 -8.85 -6.85 21.63
CA VAL D 269 -9.57 -8.12 21.59
C VAL D 269 -9.93 -8.63 20.19
N GLY D 270 -10.38 -7.71 19.34
CA GLY D 270 -10.79 -8.07 17.99
C GLY D 270 -9.58 -8.53 17.18
N ASN D 271 -8.46 -7.84 17.38
CA ASN D 271 -7.20 -8.18 16.72
C ASN D 271 -6.78 -9.61 17.07
N LEU D 272 -6.90 -9.97 18.33
CA LEU D 272 -6.66 -11.35 18.78
C LEU D 272 -7.58 -12.40 18.15
N TYR D 273 -8.87 -12.12 18.06
CA TYR D 273 -9.76 -13.04 17.37
C TYR D 273 -9.31 -13.23 15.93
N ASP D 274 -8.90 -12.14 15.30
CA ASP D 274 -8.42 -12.20 13.91
C ASP D 274 -7.19 -13.09 13.81
N MET D 275 -6.30 -13.00 14.79
CA MET D 275 -5.11 -13.86 14.88
C MET D 275 -5.48 -15.33 14.91
N PHE D 276 -6.36 -15.69 15.83
CA PHE D 276 -6.78 -17.08 15.98
C PHE D 276 -7.52 -17.61 14.75
N HIS D 277 -8.24 -16.76 14.05
CA HIS D 277 -8.92 -17.21 12.85
C HIS D 277 -7.93 -17.37 11.68
N THR D 278 -6.94 -16.49 11.62
CA THR D 278 -5.85 -16.64 10.65
C THR D 278 -5.11 -17.96 10.88
N ARG D 279 -4.75 -18.23 12.12
CA ARG D 279 -4.14 -19.49 12.49
C ARG D 279 -4.97 -20.66 11.99
N ASN D 280 -6.27 -20.65 12.26
CA ASN D 280 -7.12 -21.76 11.85
C ASN D 280 -7.17 -21.93 10.33
N SER D 281 -7.22 -20.82 9.61
CA SER D 281 -7.23 -20.83 8.15
C SER D 281 -5.98 -21.43 7.55
N LEU D 282 -4.83 -21.01 8.08
CA LEU D 282 -3.54 -21.52 7.60
C LEU D 282 -3.44 -23.01 7.80
N HIS D 283 -3.95 -23.49 8.93
CA HIS D 283 -3.94 -24.93 9.23
C HIS D 283 -4.89 -25.71 8.33
N ARG D 284 -6.11 -25.24 8.20
CA ARG D 284 -7.09 -25.90 7.32
C ARG D 284 -6.65 -25.89 5.87
N ARG D 285 -6.23 -24.73 5.40
CA ARG D 285 -5.95 -24.53 3.98
C ARG D 285 -4.57 -25.02 3.54
N ALA D 286 -3.59 -24.89 4.43
CA ALA D 286 -2.21 -25.14 4.03
C ALA D 286 -1.55 -26.27 4.81
N TYR D 287 -1.31 -26.05 6.09
CA TYR D 287 -0.55 -27.01 6.87
C TYR D 287 -1.16 -28.42 6.85
N GLN D 288 -2.50 -28.51 6.84
CA GLN D 288 -3.22 -29.79 6.81
C GLN D 288 -3.76 -30.14 5.41
N HIS D 289 -3.19 -29.56 4.38
CA HIS D 289 -3.62 -29.85 3.01
C HIS D 289 -3.44 -31.33 2.69
N LYS D 290 -4.40 -31.89 1.97
CA LYS D 290 -4.44 -33.33 1.73
C LYS D 290 -3.25 -33.87 0.98
N VAL D 291 -3.01 -33.30 -0.20
CA VAL D 291 -1.92 -33.75 -1.07
C VAL D 291 -0.55 -33.33 -0.54
N GLY D 292 -0.49 -32.16 0.08
CA GLY D 292 0.74 -31.65 0.65
C GLY D 292 1.27 -32.60 1.69
N ASN D 293 0.38 -33.10 2.54
CA ASN D 293 0.75 -34.06 3.57
C ASN D 293 1.13 -35.43 2.97
N ILE D 294 0.45 -35.82 1.91
CA ILE D 294 0.81 -37.05 1.21
C ILE D 294 2.24 -36.95 0.71
N ILE D 295 2.55 -35.84 0.03
CA ILE D 295 3.89 -35.61 -0.50
C ILE D 295 4.96 -35.62 0.61
N ASP D 296 4.63 -35.05 1.77
CA ASP D 296 5.54 -35.15 2.92
C ASP D 296 5.83 -36.61 3.28
N THR D 297 4.83 -37.48 3.21
CA THR D 297 5.03 -38.88 3.59
C THR D 297 5.78 -39.64 2.51
N MET D 298 5.64 -39.22 1.26
CA MET D 298 6.42 -39.81 0.17
C MET D 298 7.90 -39.44 0.30
N ILE D 299 8.18 -38.18 0.62
CA ILE D 299 9.56 -37.74 0.84
C ILE D 299 10.16 -38.52 1.99
N THR D 300 9.38 -38.69 3.05
CA THR D 300 9.82 -39.41 4.23
C THR D 300 10.07 -40.88 3.89
N ASP D 301 9.23 -41.44 3.04
CA ASP D 301 9.39 -42.82 2.60
C ASP D 301 10.73 -42.97 1.88
N ALA D 302 11.02 -42.04 0.98
CA ALA D 302 12.29 -42.05 0.25
C ALA D 302 13.50 -41.95 1.18
N PHE D 303 13.43 -41.06 2.16
CA PHE D 303 14.51 -40.93 3.13
C PHE D 303 14.73 -42.25 3.86
N LEU D 304 13.65 -42.91 4.27
CA LEU D 304 13.75 -44.17 5.03
C LEU D 304 14.43 -45.26 4.20
N LYS D 305 14.09 -45.29 2.93
CA LYS D 305 14.72 -46.23 2.01
C LYS D 305 16.15 -45.86 1.66
N ALA D 306 16.52 -44.60 1.85
CA ALA D 306 17.89 -44.12 1.56
C ALA D 306 18.82 -44.12 2.79
N ASP D 307 18.22 -44.19 3.97
CA ASP D 307 18.94 -43.96 5.23
C ASP D 307 20.15 -44.86 5.44
N ASP D 308 20.05 -46.11 5.00
CA ASP D 308 21.15 -47.06 5.20
C ASP D 308 22.35 -46.76 4.31
N TYR D 309 22.14 -46.04 3.22
CA TYR D 309 23.16 -45.91 2.18
C TYR D 309 23.73 -44.53 2.00
N ILE D 310 23.22 -43.54 2.72
CA ILE D 310 23.69 -42.18 2.57
C ILE D 310 24.68 -41.93 3.69
N GLU D 311 25.82 -41.35 3.36
CA GLU D 311 26.83 -41.03 4.35
C GLU D 311 27.06 -39.53 4.43
N ILE D 312 26.99 -39.03 5.66
CA ILE D 312 27.30 -37.65 5.93
C ILE D 312 28.48 -37.61 6.90
N THR D 313 29.50 -36.85 6.53
CA THR D 313 30.70 -36.75 7.34
C THR D 313 30.53 -35.72 8.45
N GLY D 314 30.70 -36.18 9.67
CA GLY D 314 30.62 -35.32 10.83
C GLY D 314 31.97 -35.08 11.46
N ALA D 315 31.98 -34.82 12.77
CA ALA D 315 33.22 -34.49 13.48
C ALA D 315 34.21 -35.66 13.53
N GLY D 316 35.48 -35.34 13.30
CA GLY D 316 36.56 -36.33 13.37
C GLY D 316 36.51 -37.38 12.30
N GLY D 317 35.90 -37.04 11.17
CA GLY D 317 35.75 -37.96 10.03
C GLY D 317 34.75 -39.09 10.25
N LYS D 318 34.01 -39.07 11.37
CA LYS D 318 33.00 -40.08 11.61
C LYS D 318 31.82 -39.91 10.63
N LYS D 319 31.23 -41.04 10.21
CA LYS D 319 30.16 -41.03 9.21
C LYS D 319 28.83 -41.19 9.91
N TYR D 320 27.86 -40.43 9.42
CA TYR D 320 26.52 -40.47 9.95
C TYR D 320 25.50 -40.68 8.85
N ARG D 321 24.36 -41.20 9.26
CA ARG D 321 23.23 -41.39 8.38
C ARG D 321 22.26 -40.22 8.53
N ILE D 322 21.28 -40.14 7.63
CA ILE D 322 20.28 -39.09 7.72
C ILE D 322 19.66 -39.08 9.13
N SER D 323 19.32 -40.27 9.61
CA SER D 323 18.68 -40.45 10.92
C SER D 323 19.61 -40.26 12.13
N THR D 324 20.92 -40.36 11.93
CA THR D 324 21.87 -40.20 13.05
C THR D 324 22.64 -38.90 13.04
N ALA D 325 22.47 -38.11 11.99
CA ALA D 325 23.15 -36.82 11.92
C ALA D 325 22.74 -35.89 13.04
N ILE D 326 21.57 -36.13 13.63
CA ILE D 326 21.09 -35.33 14.76
C ILE D 326 21.94 -35.51 16.00
N ASP D 327 22.80 -36.53 16.00
CA ASP D 327 23.69 -36.81 17.12
C ASP D 327 25.03 -36.09 17.00
N ASP D 328 25.23 -35.38 15.90
CA ASP D 328 26.50 -34.71 15.63
C ASP D 328 26.31 -33.43 14.81
N MET D 329 26.50 -32.28 15.43
CA MET D 329 26.14 -30.98 14.82
C MET D 329 27.01 -30.62 13.61
N GLU D 330 28.21 -31.16 13.51
CA GLU D 330 29.04 -30.91 12.34
C GLU D 330 28.39 -31.55 11.11
N ALA D 331 27.90 -32.76 11.29
CA ALA D 331 27.19 -33.48 10.24
C ALA D 331 25.81 -32.84 9.94
N TYR D 332 25.09 -32.51 11.00
CA TYR D 332 23.76 -31.91 10.88
C TYR D 332 23.79 -30.60 10.09
N THR D 333 24.86 -29.84 10.26
CA THR D 333 25.09 -28.61 9.50
C THR D 333 24.95 -28.83 7.99
N LYS D 334 25.39 -30.01 7.52
CA LYS D 334 25.38 -30.33 6.09
C LYS D 334 24.14 -31.12 5.68
N LEU D 335 23.15 -31.18 6.57
CA LEU D 335 21.92 -31.92 6.30
C LEU D 335 20.75 -30.96 6.04
N THR D 336 20.42 -30.78 4.77
CA THR D 336 19.42 -29.82 4.35
C THR D 336 18.54 -30.45 3.27
N ASP D 337 17.69 -29.63 2.64
CA ASP D 337 16.80 -30.14 1.59
C ASP D 337 17.61 -30.71 0.42
N ASN D 338 18.87 -30.34 0.33
CA ASN D 338 19.78 -30.93 -0.64
C ASN D 338 19.72 -32.46 -0.67
N ILE D 339 19.52 -33.08 0.49
CA ILE D 339 19.47 -34.52 0.58
C ILE D 339 18.42 -35.10 -0.36
N PHE D 340 17.37 -34.34 -0.63
CA PHE D 340 16.33 -34.72 -1.62
C PHE D 340 16.93 -34.88 -3.00
N LEU D 341 17.73 -33.90 -3.42
CA LEU D 341 18.36 -33.92 -4.75
C LEU D 341 19.55 -34.86 -4.84
N GLU D 342 20.22 -35.10 -3.73
CA GLU D 342 21.31 -36.06 -3.70
C GLU D 342 20.74 -37.45 -4.03
N ILE D 343 19.60 -37.77 -3.43
CA ILE D 343 18.90 -39.02 -3.72
C ILE D 343 18.35 -39.05 -5.13
N LEU D 344 17.72 -37.96 -5.53
CA LEU D 344 17.12 -37.87 -6.85
C LEU D 344 18.14 -38.02 -7.98
N TYR D 345 19.30 -37.36 -7.83
CA TYR D 345 20.34 -37.35 -8.88
C TYR D 345 21.34 -38.50 -8.77
N SER D 346 21.13 -39.38 -7.78
CA SER D 346 22.07 -40.47 -7.53
C SER D 346 22.02 -41.53 -8.61
N THR D 347 23.12 -42.27 -8.70
CA THR D 347 23.27 -43.42 -9.63
C THR D 347 23.52 -44.74 -8.92
N ASP D 348 23.94 -44.69 -7.66
CA ASP D 348 24.10 -45.89 -6.84
C ASP D 348 22.87 -46.80 -6.96
N PRO D 349 23.08 -48.08 -7.34
CA PRO D 349 21.99 -49.07 -7.34
C PRO D 349 21.28 -49.26 -6.00
N LYS D 350 22.00 -49.05 -4.91
CA LYS D 350 21.45 -49.19 -3.57
C LYS D 350 20.40 -48.14 -3.24
N LEU D 351 20.42 -47.03 -3.96
CA LEU D 351 19.47 -45.93 -3.77
C LEU D 351 18.33 -45.96 -4.77
N LYS D 352 18.27 -47.00 -5.59
CA LYS D 352 17.25 -47.09 -6.64
C LYS D 352 15.83 -46.97 -6.07
N ASP D 353 15.57 -47.62 -4.95
CA ASP D 353 14.22 -47.61 -4.39
C ASP D 353 13.80 -46.22 -3.94
N ALA D 354 14.70 -45.55 -3.23
CA ALA D 354 14.46 -44.21 -2.70
C ALA D 354 14.26 -43.25 -3.84
N ARG D 355 15.15 -43.36 -4.81
CA ARG D 355 15.15 -42.53 -6.00
C ARG D 355 13.85 -42.68 -6.74
N GLU D 356 13.34 -43.91 -6.79
CA GLU D 356 12.12 -44.21 -7.56
C GLU D 356 10.89 -43.53 -6.97
N ILE D 357 10.83 -43.47 -5.65
CA ILE D 357 9.77 -42.74 -4.98
C ILE D 357 9.80 -41.23 -5.27
N LEU D 358 10.99 -40.63 -5.27
CA LEU D 358 11.08 -39.21 -5.58
C LEU D 358 10.69 -38.95 -7.02
N LYS D 359 11.01 -39.88 -7.91
CA LYS D 359 10.56 -39.76 -9.31
C LYS D 359 9.05 -39.86 -9.43
N GLN D 360 8.40 -40.67 -8.60
CA GLN D 360 6.95 -40.69 -8.56
C GLN D 360 6.38 -39.29 -8.31
N ILE D 361 7.03 -38.55 -7.41
CA ILE D 361 6.62 -37.19 -7.07
C ILE D 361 6.73 -36.28 -8.28
N GLU D 362 7.83 -36.36 -9.02
CA GLU D 362 8.03 -35.53 -10.21
C GLU D 362 6.97 -35.83 -11.26
N TYR D 363 6.70 -37.11 -11.47
CA TYR D 363 5.69 -37.55 -12.46
C TYR D 363 4.25 -37.37 -11.95
N ARG D 364 4.13 -37.09 -10.65
CA ARG D 364 2.84 -36.83 -10.02
C ARG D 364 1.98 -38.10 -9.95
N ASN D 365 2.64 -39.22 -9.69
CA ASN D 365 1.98 -40.48 -9.38
C ASN D 365 2.07 -40.72 -7.88
N LEU D 366 1.17 -40.08 -7.15
CA LEU D 366 1.30 -40.02 -5.70
C LEU D 366 0.56 -41.15 -5.05
N PHE D 367 0.84 -41.35 -3.77
CA PHE D 367 0.00 -42.21 -2.95
C PHE D 367 -1.44 -41.70 -2.98
N LYS D 368 -2.40 -42.61 -2.79
CA LYS D 368 -3.82 -42.26 -2.80
C LYS D 368 -4.43 -42.11 -1.43
N TYR D 369 -5.29 -41.10 -1.28
CA TYR D 369 -5.99 -40.83 -0.01
C TYR D 369 -7.08 -41.88 0.22
N VAL D 370 -7.03 -42.51 1.38
CA VAL D 370 -8.02 -43.53 1.73
C VAL D 370 -9.09 -42.89 2.60
N GLY D 371 -8.66 -42.25 3.68
CA GLY D 371 -9.60 -41.55 4.53
C GLY D 371 -9.01 -40.98 5.78
N GLU D 372 -9.91 -40.51 6.65
CA GLU D 372 -9.56 -39.75 7.83
C GLU D 372 -10.36 -40.18 9.06
N THR D 373 -9.75 -40.04 10.22
CA THR D 373 -10.41 -40.36 11.49
C THR D 373 -9.76 -39.58 12.63
N GLN D 374 -10.38 -39.62 13.82
CA GLN D 374 -9.86 -38.95 15.01
C GLN D 374 -9.89 -39.90 16.18
N PRO D 375 -8.95 -39.74 17.12
CA PRO D 375 -8.99 -40.49 18.35
C PRO D 375 -9.97 -39.86 19.34
N THR D 376 -11.11 -40.54 19.47
CA THR D 376 -12.09 -40.22 20.50
C THR D 376 -11.52 -40.61 21.85
N GLY D 377 -10.87 -41.79 21.92
CA GLY D 377 -10.16 -42.28 23.10
C GLY D 377 -9.07 -41.29 23.48
N GLN D 378 -9.02 -40.93 24.77
CA GLN D 378 -8.24 -39.77 25.23
C GLN D 378 -6.76 -39.85 24.91
N ILE D 379 -6.17 -41.02 25.11
CA ILE D 379 -4.79 -41.21 24.74
C ILE D 379 -4.75 -40.99 23.24
N LYS D 380 -3.95 -40.00 22.86
CA LYS D 380 -3.71 -39.70 21.48
C LYS D 380 -2.43 -40.45 21.13
N ILE D 381 -2.35 -40.78 19.85
CA ILE D 381 -1.27 -41.59 19.32
C ILE D 381 0.04 -40.87 19.51
N LYS D 382 1.01 -41.61 20.02
CA LYS D 382 2.32 -41.03 20.35
C LYS D 382 3.35 -41.37 19.31
N ARG D 383 4.42 -40.58 19.28
CA ARG D 383 5.45 -40.69 18.24
C ARG D 383 6.10 -42.06 18.19
N GLU D 384 6.42 -42.62 19.35
CA GLU D 384 7.05 -43.96 19.41
C GLU D 384 6.20 -45.09 18.80
N ASP D 385 4.91 -44.84 18.64
CA ASP D 385 3.98 -45.82 18.08
C ASP D 385 3.73 -45.66 16.57
N TYR D 386 4.31 -44.61 15.94
CA TYR D 386 4.02 -44.33 14.52
C TYR D 386 4.43 -45.45 13.58
N GLU D 387 5.56 -46.10 13.89
CA GLU D 387 6.10 -47.14 13.00
C GLU D 387 5.21 -48.39 12.91
N SER D 388 4.50 -48.68 14.00
CA SER D 388 3.64 -49.87 14.11
C SER D 388 2.30 -49.75 13.36
N LEU D 389 1.86 -48.52 13.14
CA LEU D 389 0.48 -48.26 12.69
C LEU D 389 0.12 -48.93 11.37
N PRO D 390 1.04 -48.91 10.38
CA PRO D 390 0.72 -49.57 9.12
C PRO D 390 0.45 -51.07 9.26
N LYS D 391 1.16 -51.71 10.18
CA LYS D 391 0.96 -53.15 10.38
C LYS D 391 -0.40 -53.40 11.03
N GLU D 392 -0.74 -52.61 12.06
CA GLU D 392 -2.07 -52.66 12.68
C GLU D 392 -3.23 -52.60 11.67
N VAL D 393 -3.08 -51.73 10.69
CA VAL D 393 -4.11 -51.51 9.68
C VAL D 393 -4.27 -52.75 8.80
N ALA D 394 -3.15 -53.32 8.38
CA ALA D 394 -3.17 -54.55 7.56
C ALA D 394 -3.60 -55.78 8.38
N SER D 395 -3.29 -55.74 9.68
CA SER D 395 -3.72 -56.77 10.66
C SER D 395 -5.24 -56.80 10.86
N ALA D 396 -5.90 -55.66 10.66
CA ALA D 396 -7.36 -55.56 10.79
C ALA D 396 -8.07 -56.51 9.82
N LYS D 397 -9.21 -57.03 10.28
CA LYS D 397 -9.95 -58.07 9.60
C LYS D 397 -11.32 -57.55 9.12
N PRO D 398 -11.42 -57.14 7.85
CA PRO D 398 -12.73 -56.72 7.35
C PRO D 398 -13.62 -57.96 7.18
N LYS D 399 -14.90 -57.83 7.53
CA LYS D 399 -15.80 -59.00 7.53
C LYS D 399 -16.19 -59.41 6.12
N VAL D 400 -16.54 -58.44 5.29
CA VAL D 400 -16.82 -58.70 3.87
C VAL D 400 -15.53 -59.12 3.13
N LEU D 401 -15.63 -60.18 2.33
CA LEU D 401 -14.50 -60.74 1.59
C LEU D 401 -14.00 -59.79 0.49
N LEU D 402 -12.71 -59.88 0.18
CA LEU D 402 -12.03 -58.99 -0.77
C LEU D 402 -11.38 -59.71 -1.95
N ASP D 403 -11.42 -59.10 -3.14
CA ASP D 403 -10.69 -59.62 -4.31
C ASP D 403 -9.20 -59.76 -3.96
N VAL D 404 -8.60 -58.65 -3.52
CA VAL D 404 -7.16 -58.56 -3.21
C VAL D 404 -6.88 -58.37 -1.71
N LYS D 405 -5.75 -58.91 -1.25
CA LYS D 405 -5.25 -58.64 0.10
C LYS D 405 -4.05 -57.68 0.05
N LEU D 406 -3.95 -56.84 1.07
CA LEU D 406 -2.91 -55.83 1.16
C LEU D 406 -2.03 -56.05 2.38
N LYS D 407 -0.80 -55.59 2.31
CA LYS D 407 0.13 -55.74 3.45
C LYS D 407 0.64 -54.38 3.93
N ALA D 408 1.37 -54.40 5.06
CA ALA D 408 1.78 -53.19 5.80
C ALA D 408 2.54 -52.15 4.97
N GLU D 409 3.45 -52.62 4.12
CA GLU D 409 4.19 -51.75 3.21
C GLU D 409 3.30 -51.00 2.20
N ASP D 410 2.04 -51.41 2.04
CA ASP D 410 1.12 -50.72 1.11
C ASP D 410 0.35 -49.58 1.76
N PHE D 411 0.49 -49.45 3.08
CA PHE D 411 -0.20 -48.43 3.85
C PHE D 411 0.73 -47.38 4.39
N ILE D 412 0.26 -46.14 4.34
CA ILE D 412 0.87 -45.03 5.03
C ILE D 412 -0.13 -44.54 6.05
N VAL D 413 0.33 -44.34 7.28
CA VAL D 413 -0.51 -43.79 8.33
C VAL D 413 0.09 -42.49 8.84
N ASP D 414 -0.67 -41.42 8.61
CA ASP D 414 -0.19 -40.06 8.81
C ASP D 414 -0.92 -39.44 9.99
N VAL D 415 -0.17 -39.12 11.03
CA VAL D 415 -0.71 -38.52 12.24
C VAL D 415 -0.45 -37.03 12.22
N ILE D 416 -1.52 -36.26 12.15
CA ILE D 416 -1.43 -34.80 12.05
C ILE D 416 -1.85 -34.15 13.36
N ASN D 417 -0.93 -33.40 13.97
CA ASN D 417 -1.19 -32.72 15.22
C ASN D 417 -1.20 -31.21 15.01
N MET D 418 -2.02 -30.50 15.76
CA MET D 418 -2.02 -29.04 15.62
C MET D 418 -0.91 -28.41 16.46
N ASP D 419 -0.90 -28.76 17.73
CA ASP D 419 0.09 -28.30 18.69
C ASP D 419 0.46 -29.54 19.51
N TYR D 420 1.73 -29.92 19.47
CA TYR D 420 2.25 -31.11 20.15
C TYR D 420 2.47 -30.75 21.62
N ILE D 428 -9.71 -17.91 23.40
CA ILE D 428 -8.76 -18.62 24.28
C ILE D 428 -8.54 -17.79 25.52
N ASP D 429 -8.58 -18.48 26.64
CA ASP D 429 -8.77 -17.87 27.94
C ASP D 429 -7.46 -17.83 28.72
N HIS D 430 -6.32 -17.91 28.03
CA HIS D 430 -4.99 -17.78 28.65
C HIS D 430 -4.35 -16.40 28.39
N VAL D 431 -5.19 -15.45 28.02
CA VAL D 431 -4.76 -14.14 27.54
C VAL D 431 -5.13 -13.08 28.56
N SER D 432 -4.13 -12.29 28.97
CA SER D 432 -4.33 -11.24 29.97
C SER D 432 -4.58 -9.89 29.33
N PHE D 433 -5.61 -9.19 29.80
CA PHE D 433 -5.92 -7.84 29.32
C PHE D 433 -5.76 -6.79 30.41
N TYR D 434 -5.63 -5.54 30.00
CA TYR D 434 -5.54 -4.40 30.92
C TYR D 434 -6.40 -3.23 30.42
N CYS D 435 -6.96 -2.45 31.36
CA CYS D 435 -7.68 -1.23 31.03
C CYS D 435 -6.73 -0.05 31.15
N LYS D 436 -6.91 0.97 30.32
CA LYS D 436 -5.94 2.10 30.24
C LYS D 436 -5.83 2.93 31.52
N THR D 437 -6.95 3.12 32.20
CA THR D 437 -6.99 3.92 33.42
C THR D 437 -6.27 3.25 34.61
N ALA D 438 -6.38 1.91 34.70
CA ALA D 438 -5.65 1.10 35.70
C ALA D 438 -4.72 0.08 35.03
N PRO D 439 -3.61 0.56 34.44
CA PRO D 439 -2.78 -0.23 33.53
C PRO D 439 -1.89 -1.28 34.20
N ASN D 440 -1.87 -1.31 35.53
CA ASN D 440 -0.91 -2.16 36.25
C ASN D 440 -1.40 -3.56 36.60
N ARG D 441 -2.71 -3.82 36.45
CA ARG D 441 -3.24 -5.17 36.74
C ARG D 441 -4.31 -5.61 35.74
N ALA D 442 -4.54 -6.91 35.72
CA ALA D 442 -5.33 -7.55 34.68
C ALA D 442 -6.81 -7.60 34.99
N ILE D 443 -7.60 -7.58 33.92
CA ILE D 443 -9.05 -7.69 33.96
C ILE D 443 -9.46 -9.15 34.23
N ARG D 444 -10.60 -9.32 34.90
CA ARG D 444 -11.11 -10.61 35.43
C ARG D 444 -11.69 -11.63 34.44
N ILE D 445 -12.35 -11.14 33.39
CA ILE D 445 -13.05 -11.98 32.40
C ILE D 445 -13.96 -13.06 33.05
N ALA D 459 -3.74 -28.29 19.62
CA ALA D 459 -5.19 -28.52 19.67
C ALA D 459 -5.57 -29.97 19.26
N GLU D 460 -5.84 -30.20 17.97
CA GLU D 460 -6.35 -31.50 17.45
C GLU D 460 -5.32 -32.62 17.19
N GLN D 461 -5.85 -33.83 17.01
CA GLN D 461 -5.13 -34.91 16.34
C GLN D 461 -6.02 -35.51 15.26
N LEU D 462 -5.53 -35.49 14.03
CA LEU D 462 -6.15 -36.18 12.92
C LEU D 462 -5.28 -37.34 12.50
N ILE D 463 -5.92 -38.39 12.00
CA ILE D 463 -5.21 -39.57 11.49
C ILE D 463 -5.69 -39.84 10.09
N ARG D 464 -4.77 -39.82 9.14
CA ARG D 464 -5.10 -40.11 7.76
C ARG D 464 -4.35 -41.33 7.31
N VAL D 465 -4.97 -42.05 6.37
CA VAL D 465 -4.35 -43.21 5.79
C VAL D 465 -4.31 -43.07 4.28
N TYR D 466 -3.17 -43.45 3.71
CA TYR D 466 -2.98 -43.44 2.26
C TYR D 466 -2.54 -44.83 1.82
N CYS D 467 -2.82 -45.15 0.57
CA CYS D 467 -2.39 -46.42 -0.02
C CYS D 467 -1.39 -46.21 -1.16
N LYS D 468 -0.35 -47.04 -1.19
CA LYS D 468 0.68 -46.96 -2.23
C LYS D 468 0.26 -47.59 -3.57
N LYS D 469 -0.80 -48.38 -3.56
CA LYS D 469 -1.34 -48.99 -4.79
C LYS D 469 -2.58 -48.22 -5.22
N VAL D 470 -2.59 -47.83 -6.49
CA VAL D 470 -3.57 -46.85 -6.98
C VAL D 470 -4.74 -47.43 -7.77
N ASP D 471 -4.74 -48.75 -7.96
CA ASP D 471 -5.83 -49.38 -8.72
C ASP D 471 -7.10 -49.54 -7.86
N ARG D 472 -8.23 -49.29 -8.52
CA ARG D 472 -9.56 -49.28 -7.91
C ARG D 472 -9.81 -50.42 -6.91
N LYS D 473 -9.32 -51.61 -7.23
CA LYS D 473 -9.52 -52.79 -6.40
C LYS D 473 -8.81 -52.64 -5.05
N SER D 474 -7.52 -52.31 -5.13
CA SER D 474 -6.69 -52.12 -3.93
C SER D 474 -7.19 -50.96 -3.08
N LEU D 475 -7.63 -49.90 -3.74
CA LEU D 475 -8.17 -48.73 -3.04
C LEU D 475 -9.45 -49.07 -2.27
N TYR D 476 -10.35 -49.80 -2.93
CA TYR D 476 -11.56 -50.35 -2.31
C TYR D 476 -11.17 -51.15 -1.07
N ALA D 477 -10.25 -52.09 -1.28
CA ALA D 477 -9.75 -52.97 -0.22
C ALA D 477 -9.23 -52.16 0.96
N ALA D 478 -8.26 -51.29 0.65
CA ALA D 478 -7.61 -50.41 1.65
C ALA D 478 -8.62 -49.68 2.51
N ARG D 479 -9.65 -49.14 1.85
CA ARG D 479 -10.75 -48.47 2.55
C ARG D 479 -11.37 -49.39 3.63
N GLN D 480 -11.60 -50.65 3.25
CA GLN D 480 -12.20 -51.63 4.18
C GLN D 480 -11.31 -51.90 5.38
N TYR D 481 -10.02 -52.18 5.12
CA TYR D 481 -9.05 -52.36 6.20
C TYR D 481 -9.08 -51.14 7.14
N PHE D 482 -9.13 -49.96 6.52
CA PHE D 482 -9.06 -48.71 7.29
C PHE D 482 -10.28 -48.55 8.21
N VAL D 483 -11.47 -48.72 7.63
CA VAL D 483 -12.73 -48.61 8.38
C VAL D 483 -12.73 -49.55 9.59
N GLN D 484 -12.28 -50.79 9.36
CA GLN D 484 -12.20 -51.81 10.40
C GLN D 484 -11.23 -51.40 11.50
N TRP D 485 -10.03 -50.99 11.08
CA TRP D 485 -9.00 -50.52 12.00
C TRP D 485 -9.53 -49.41 12.92
N CYS D 486 -10.31 -48.49 12.35
CA CYS D 486 -10.93 -47.40 13.14
C CYS D 486 -11.85 -47.98 14.21
N ALA D 487 -12.65 -48.95 13.78
CA ALA D 487 -13.53 -49.70 14.68
C ALA D 487 -12.74 -50.41 15.80
N ASP D 488 -11.71 -51.16 15.43
CA ASP D 488 -10.84 -51.89 16.40
C ASP D 488 -10.16 -50.98 17.42
N ARG D 489 -10.01 -49.70 17.10
CA ARG D 489 -9.27 -48.77 17.96
C ARG D 489 -10.21 -47.83 18.72
N ASN D 490 -11.52 -47.98 18.51
CA ASN D 490 -12.51 -47.04 19.07
C ASN D 490 -12.47 -45.61 18.47
N PHE D 491 -11.99 -45.50 17.23
CA PHE D 491 -11.84 -44.20 16.59
C PHE D 491 -13.14 -43.81 15.90
N THR D 492 -13.24 -42.53 15.58
CA THR D 492 -14.37 -41.98 14.86
C THR D 492 -14.61 -42.74 13.57
N LYS D 493 -15.85 -42.75 13.12
CA LYS D 493 -16.16 -43.36 11.85
C LYS D 493 -15.75 -42.47 10.68
N PRO D 494 -15.00 -43.05 9.73
CA PRO D 494 -14.71 -42.33 8.49
C PRO D 494 -15.94 -41.70 7.82
N GLN D 495 -15.78 -40.46 7.36
CA GLN D 495 -16.89 -39.52 7.07
C GLN D 495 -17.02 -39.04 5.60
N ASP D 496 -16.59 -39.90 4.67
CA ASP D 496 -16.73 -39.65 3.23
C ASP D 496 -16.08 -38.34 2.77
#